data_3GE9
# 
_entry.id   3GE9 
# 
_audit_conform.dict_name       mmcif_pdbx.dic 
_audit_conform.dict_version    5.388 
_audit_conform.dict_location   http://mmcif.pdb.org/dictionaries/ascii/mmcif_pdbx.dic 
# 
loop_
_database_2.database_id 
_database_2.database_code 
_database_2.pdbx_database_accession 
_database_2.pdbx_DOI 
PDB   3GE9         pdb_00003ge9 10.2210/pdb3ge9/pdb 
RCSB  RCSB051751   ?            ?                   
WWPDB D_1000051751 ?            ?                   
# 
loop_
_pdbx_audit_revision_history.ordinal 
_pdbx_audit_revision_history.data_content_type 
_pdbx_audit_revision_history.major_revision 
_pdbx_audit_revision_history.minor_revision 
_pdbx_audit_revision_history.revision_date 
1 'Structure model' 1 0 2010-03-02 
2 'Structure model' 1 1 2011-07-13 
3 'Structure model' 1 2 2024-03-20 
# 
_pdbx_audit_revision_details.ordinal             1 
_pdbx_audit_revision_details.revision_ordinal    1 
_pdbx_audit_revision_details.data_content_type   'Structure model' 
_pdbx_audit_revision_details.provider            repository 
_pdbx_audit_revision_details.type                'Initial release' 
_pdbx_audit_revision_details.description         ? 
_pdbx_audit_revision_details.details             ? 
# 
loop_
_pdbx_audit_revision_group.ordinal 
_pdbx_audit_revision_group.revision_ordinal 
_pdbx_audit_revision_group.data_content_type 
_pdbx_audit_revision_group.group 
1 2 'Structure model' 'Version format compliance' 
2 3 'Structure model' 'Data collection'           
3 3 'Structure model' 'Database references'       
# 
loop_
_pdbx_audit_revision_category.ordinal 
_pdbx_audit_revision_category.revision_ordinal 
_pdbx_audit_revision_category.data_content_type 
_pdbx_audit_revision_category.category 
1 3 'Structure model' chem_comp_atom     
2 3 'Structure model' chem_comp_bond     
3 3 'Structure model' database_2         
4 3 'Structure model' struct_ref_seq_dif 
# 
loop_
_pdbx_audit_revision_item.ordinal 
_pdbx_audit_revision_item.revision_ordinal 
_pdbx_audit_revision_item.data_content_type 
_pdbx_audit_revision_item.item 
1 3 'Structure model' '_database_2.pdbx_DOI'                
2 3 'Structure model' '_database_2.pdbx_database_accession' 
3 3 'Structure model' '_struct_ref_seq_dif.details'         
# 
_pdbx_database_status.status_code                     REL 
_pdbx_database_status.entry_id                        3GE9 
_pdbx_database_status.recvd_initial_deposition_date   2009-02-25 
_pdbx_database_status.deposit_site                    RCSB 
_pdbx_database_status.process_site                    PDBJ 
_pdbx_database_status.status_code_sf                  REL 
_pdbx_database_status.status_code_mr                  ? 
_pdbx_database_status.SG_entry                        ? 
_pdbx_database_status.pdb_format_compatible           Y 
_pdbx_database_status.status_code_cs                  ? 
_pdbx_database_status.status_code_nmr_data            ? 
_pdbx_database_status.methods_development_category    ? 
# 
loop_
_audit_author.name 
_audit_author.pdbx_ordinal 
'Wang, W.-C.'  1 
'Liu, J.-S.'   2 
'Chang, C.-M.' 3 
# 
_citation.id                        primary 
_citation.title                     
'A Structurally Atypical ThyX from Corynebacterium glutamicum NCHU 87078 Is Not Required for Thymidylate Biosynthesis' 
_citation.journal_abbrev            'To be Published' 
_citation.journal_volume            ? 
_citation.page_first                ? 
_citation.page_last                 ? 
_citation.year                      ? 
_citation.journal_id_ASTM           ? 
_citation.country                   ? 
_citation.journal_id_ISSN           ? 
_citation.journal_id_CSD            0353 
_citation.book_publisher            ? 
_citation.pdbx_database_id_PubMed   ? 
_citation.pdbx_database_id_DOI      ? 
# 
loop_
_citation_author.citation_id 
_citation_author.name 
_citation_author.ordinal 
_citation_author.identifier_ORCID 
primary 'Wang, W.-C.'  1 ? 
primary 'Liu, J.-S.'   2 ? 
primary 'Chang, C.-M.' 3 ? 
# 
loop_
_entity.id 
_entity.type 
_entity.src_method 
_entity.pdbx_description 
_entity.formula_weight 
_entity.pdbx_number_of_molecules 
_entity.pdbx_ec 
_entity.pdbx_mutation 
_entity.pdbx_fragment 
_entity.details 
1 polymer man 'Thymidylate synthase thyX' 28790.436 1  2.1.1.148 ? ? ? 
2 water   nat water                       18.015    28 ?         ? ? ? 
# 
_entity_name_com.entity_id   1 
_entity_name_com.name        'TS, TSase' 
# 
_entity_poly.entity_id                      1 
_entity_poly.type                           'polypeptide(L)' 
_entity_poly.nstd_linkage                   no 
_entity_poly.nstd_monomer                   no 
_entity_poly.pdbx_seq_one_letter_code       
;HHHHHMAEQVKLSVELIACSSFTPPADVEWSTDVEGAEALVEFAGRACYETFDKPNPRTASNAAYLRHIMEVGHTALLEH
ANATMYIRGISRSATHELVRHRHFSFSQLSQRFVHSGESEVVVPTLIDEDPQLRELFMHAMDESRFAFNELLNALEEKLG
DEPNALLRKKQARQAARAVLPNATESRIVVSGNFRTWRHFIGMRASEHADVEIREVAVECLRKLQVAAPTVFGDFEIETL
ADGSQMATSPYVMDF
;
_entity_poly.pdbx_seq_one_letter_code_can   
;HHHHHMAEQVKLSVELIACSSFTPPADVEWSTDVEGAEALVEFAGRACYETFDKPNPRTASNAAYLRHIMEVGHTALLEH
ANATMYIRGISRSATHELVRHRHFSFSQLSQRFVHSGESEVVVPTLIDEDPQLRELFMHAMDESRFAFNELLNALEEKLG
DEPNALLRKKQARQAARAVLPNATESRIVVSGNFRTWRHFIGMRASEHADVEIREVAVECLRKLQVAAPTVFGDFEIETL
ADGSQMATSPYVMDF
;
_entity_poly.pdbx_strand_id                 A 
_entity_poly.pdbx_target_identifier         ? 
# 
_pdbx_entity_nonpoly.entity_id   2 
_pdbx_entity_nonpoly.name        water 
_pdbx_entity_nonpoly.comp_id     HOH 
# 
loop_
_entity_poly_seq.entity_id 
_entity_poly_seq.num 
_entity_poly_seq.mon_id 
_entity_poly_seq.hetero 
1 1   HIS n 
1 2   HIS n 
1 3   HIS n 
1 4   HIS n 
1 5   HIS n 
1 6   MET n 
1 7   ALA n 
1 8   GLU n 
1 9   GLN n 
1 10  VAL n 
1 11  LYS n 
1 12  LEU n 
1 13  SER n 
1 14  VAL n 
1 15  GLU n 
1 16  LEU n 
1 17  ILE n 
1 18  ALA n 
1 19  CYS n 
1 20  SER n 
1 21  SER n 
1 22  PHE n 
1 23  THR n 
1 24  PRO n 
1 25  PRO n 
1 26  ALA n 
1 27  ASP n 
1 28  VAL n 
1 29  GLU n 
1 30  TRP n 
1 31  SER n 
1 32  THR n 
1 33  ASP n 
1 34  VAL n 
1 35  GLU n 
1 36  GLY n 
1 37  ALA n 
1 38  GLU n 
1 39  ALA n 
1 40  LEU n 
1 41  VAL n 
1 42  GLU n 
1 43  PHE n 
1 44  ALA n 
1 45  GLY n 
1 46  ARG n 
1 47  ALA n 
1 48  CYS n 
1 49  TYR n 
1 50  GLU n 
1 51  THR n 
1 52  PHE n 
1 53  ASP n 
1 54  LYS n 
1 55  PRO n 
1 56  ASN n 
1 57  PRO n 
1 58  ARG n 
1 59  THR n 
1 60  ALA n 
1 61  SER n 
1 62  ASN n 
1 63  ALA n 
1 64  ALA n 
1 65  TYR n 
1 66  LEU n 
1 67  ARG n 
1 68  HIS n 
1 69  ILE n 
1 70  MET n 
1 71  GLU n 
1 72  VAL n 
1 73  GLY n 
1 74  HIS n 
1 75  THR n 
1 76  ALA n 
1 77  LEU n 
1 78  LEU n 
1 79  GLU n 
1 80  HIS n 
1 81  ALA n 
1 82  ASN n 
1 83  ALA n 
1 84  THR n 
1 85  MET n 
1 86  TYR n 
1 87  ILE n 
1 88  ARG n 
1 89  GLY n 
1 90  ILE n 
1 91  SER n 
1 92  ARG n 
1 93  SER n 
1 94  ALA n 
1 95  THR n 
1 96  HIS n 
1 97  GLU n 
1 98  LEU n 
1 99  VAL n 
1 100 ARG n 
1 101 HIS n 
1 102 ARG n 
1 103 HIS n 
1 104 PHE n 
1 105 SER n 
1 106 PHE n 
1 107 SER n 
1 108 GLN n 
1 109 LEU n 
1 110 SER n 
1 111 GLN n 
1 112 ARG n 
1 113 PHE n 
1 114 VAL n 
1 115 HIS n 
1 116 SER n 
1 117 GLY n 
1 118 GLU n 
1 119 SER n 
1 120 GLU n 
1 121 VAL n 
1 122 VAL n 
1 123 VAL n 
1 124 PRO n 
1 125 THR n 
1 126 LEU n 
1 127 ILE n 
1 128 ASP n 
1 129 GLU n 
1 130 ASP n 
1 131 PRO n 
1 132 GLN n 
1 133 LEU n 
1 134 ARG n 
1 135 GLU n 
1 136 LEU n 
1 137 PHE n 
1 138 MET n 
1 139 HIS n 
1 140 ALA n 
1 141 MET n 
1 142 ASP n 
1 143 GLU n 
1 144 SER n 
1 145 ARG n 
1 146 PHE n 
1 147 ALA n 
1 148 PHE n 
1 149 ASN n 
1 150 GLU n 
1 151 LEU n 
1 152 LEU n 
1 153 ASN n 
1 154 ALA n 
1 155 LEU n 
1 156 GLU n 
1 157 GLU n 
1 158 LYS n 
1 159 LEU n 
1 160 GLY n 
1 161 ASP n 
1 162 GLU n 
1 163 PRO n 
1 164 ASN n 
1 165 ALA n 
1 166 LEU n 
1 167 LEU n 
1 168 ARG n 
1 169 LYS n 
1 170 LYS n 
1 171 GLN n 
1 172 ALA n 
1 173 ARG n 
1 174 GLN n 
1 175 ALA n 
1 176 ALA n 
1 177 ARG n 
1 178 ALA n 
1 179 VAL n 
1 180 LEU n 
1 181 PRO n 
1 182 ASN n 
1 183 ALA n 
1 184 THR n 
1 185 GLU n 
1 186 SER n 
1 187 ARG n 
1 188 ILE n 
1 189 VAL n 
1 190 VAL n 
1 191 SER n 
1 192 GLY n 
1 193 ASN n 
1 194 PHE n 
1 195 ARG n 
1 196 THR n 
1 197 TRP n 
1 198 ARG n 
1 199 HIS n 
1 200 PHE n 
1 201 ILE n 
1 202 GLY n 
1 203 MET n 
1 204 ARG n 
1 205 ALA n 
1 206 SER n 
1 207 GLU n 
1 208 HIS n 
1 209 ALA n 
1 210 ASP n 
1 211 VAL n 
1 212 GLU n 
1 213 ILE n 
1 214 ARG n 
1 215 GLU n 
1 216 VAL n 
1 217 ALA n 
1 218 VAL n 
1 219 GLU n 
1 220 CYS n 
1 221 LEU n 
1 222 ARG n 
1 223 LYS n 
1 224 LEU n 
1 225 GLN n 
1 226 VAL n 
1 227 ALA n 
1 228 ALA n 
1 229 PRO n 
1 230 THR n 
1 231 VAL n 
1 232 PHE n 
1 233 GLY n 
1 234 ASP n 
1 235 PHE n 
1 236 GLU n 
1 237 ILE n 
1 238 GLU n 
1 239 THR n 
1 240 LEU n 
1 241 ALA n 
1 242 ASP n 
1 243 GLY n 
1 244 SER n 
1 245 GLN n 
1 246 MET n 
1 247 ALA n 
1 248 THR n 
1 249 SER n 
1 250 PRO n 
1 251 TYR n 
1 252 VAL n 
1 253 MET n 
1 254 ASP n 
1 255 PHE n 
# 
_entity_src_gen.entity_id                          1 
_entity_src_gen.pdbx_src_id                        1 
_entity_src_gen.pdbx_alt_source_flag               sample 
_entity_src_gen.pdbx_seq_type                      ? 
_entity_src_gen.pdbx_beg_seq_num                   ? 
_entity_src_gen.pdbx_end_seq_num                   ? 
_entity_src_gen.gene_src_common_name               ? 
_entity_src_gen.gene_src_genus                     ? 
_entity_src_gen.pdbx_gene_src_gene                 ? 
_entity_src_gen.gene_src_species                   ? 
_entity_src_gen.gene_src_strain                    87078 
_entity_src_gen.gene_src_tissue                    ? 
_entity_src_gen.gene_src_tissue_fraction           ? 
_entity_src_gen.gene_src_details                   ? 
_entity_src_gen.pdbx_gene_src_fragment             ? 
_entity_src_gen.pdbx_gene_src_scientific_name      'Corynebacterium glutamicum' 
_entity_src_gen.pdbx_gene_src_ncbi_taxonomy_id     1718 
_entity_src_gen.pdbx_gene_src_variant              ? 
_entity_src_gen.pdbx_gene_src_cell_line            ? 
_entity_src_gen.pdbx_gene_src_atcc                 ? 
_entity_src_gen.pdbx_gene_src_organ                ? 
_entity_src_gen.pdbx_gene_src_organelle            ? 
_entity_src_gen.pdbx_gene_src_cell                 ? 
_entity_src_gen.pdbx_gene_src_cellular_location    ? 
_entity_src_gen.host_org_common_name               ? 
_entity_src_gen.pdbx_host_org_scientific_name      'Escherichia coli' 
_entity_src_gen.pdbx_host_org_ncbi_taxonomy_id     562 
_entity_src_gen.host_org_genus                     ? 
_entity_src_gen.pdbx_host_org_gene                 ? 
_entity_src_gen.pdbx_host_org_organ                ? 
_entity_src_gen.host_org_species                   ? 
_entity_src_gen.pdbx_host_org_tissue               ? 
_entity_src_gen.pdbx_host_org_tissue_fraction      ? 
_entity_src_gen.pdbx_host_org_strain               ? 
_entity_src_gen.pdbx_host_org_variant              ? 
_entity_src_gen.pdbx_host_org_cell_line            ? 
_entity_src_gen.pdbx_host_org_atcc                 ? 
_entity_src_gen.pdbx_host_org_culture_collection   ? 
_entity_src_gen.pdbx_host_org_cell                 ? 
_entity_src_gen.pdbx_host_org_organelle            ? 
_entity_src_gen.pdbx_host_org_cellular_location    ? 
_entity_src_gen.pdbx_host_org_vector_type          plasmid 
_entity_src_gen.pdbx_host_org_vector               ? 
_entity_src_gen.host_org_details                   ? 
_entity_src_gen.expression_system_id               ? 
_entity_src_gen.plasmid_name                       PQE30 
_entity_src_gen.plasmid_details                    ? 
_entity_src_gen.pdbx_description                   ? 
# 
loop_
_chem_comp.id 
_chem_comp.type 
_chem_comp.mon_nstd_flag 
_chem_comp.name 
_chem_comp.pdbx_synonyms 
_chem_comp.formula 
_chem_comp.formula_weight 
ALA 'L-peptide linking' y ALANINE         ? 'C3 H7 N O2'     89.093  
ARG 'L-peptide linking' y ARGININE        ? 'C6 H15 N4 O2 1' 175.209 
ASN 'L-peptide linking' y ASPARAGINE      ? 'C4 H8 N2 O3'    132.118 
ASP 'L-peptide linking' y 'ASPARTIC ACID' ? 'C4 H7 N O4'     133.103 
CYS 'L-peptide linking' y CYSTEINE        ? 'C3 H7 N O2 S'   121.158 
GLN 'L-peptide linking' y GLUTAMINE       ? 'C5 H10 N2 O3'   146.144 
GLU 'L-peptide linking' y 'GLUTAMIC ACID' ? 'C5 H9 N O4'     147.129 
GLY 'peptide linking'   y GLYCINE         ? 'C2 H5 N O2'     75.067  
HIS 'L-peptide linking' y HISTIDINE       ? 'C6 H10 N3 O2 1' 156.162 
HOH non-polymer         . WATER           ? 'H2 O'           18.015  
ILE 'L-peptide linking' y ISOLEUCINE      ? 'C6 H13 N O2'    131.173 
LEU 'L-peptide linking' y LEUCINE         ? 'C6 H13 N O2'    131.173 
LYS 'L-peptide linking' y LYSINE          ? 'C6 H15 N2 O2 1' 147.195 
MET 'L-peptide linking' y METHIONINE      ? 'C5 H11 N O2 S'  149.211 
PHE 'L-peptide linking' y PHENYLALANINE   ? 'C9 H11 N O2'    165.189 
PRO 'L-peptide linking' y PROLINE         ? 'C5 H9 N O2'     115.130 
SER 'L-peptide linking' y SERINE          ? 'C3 H7 N O3'     105.093 
THR 'L-peptide linking' y THREONINE       ? 'C4 H9 N O3'     119.119 
TRP 'L-peptide linking' y TRYPTOPHAN      ? 'C11 H12 N2 O2'  204.225 
TYR 'L-peptide linking' y TYROSINE        ? 'C9 H11 N O3'    181.189 
VAL 'L-peptide linking' y VALINE          ? 'C5 H11 N O2'    117.146 
# 
loop_
_pdbx_poly_seq_scheme.asym_id 
_pdbx_poly_seq_scheme.entity_id 
_pdbx_poly_seq_scheme.seq_id 
_pdbx_poly_seq_scheme.mon_id 
_pdbx_poly_seq_scheme.ndb_seq_num 
_pdbx_poly_seq_scheme.pdb_seq_num 
_pdbx_poly_seq_scheme.auth_seq_num 
_pdbx_poly_seq_scheme.pdb_mon_id 
_pdbx_poly_seq_scheme.auth_mon_id 
_pdbx_poly_seq_scheme.pdb_strand_id 
_pdbx_poly_seq_scheme.pdb_ins_code 
_pdbx_poly_seq_scheme.hetero 
A 1 1   HIS 1   -4  ?   ?   ?   A . n 
A 1 2   HIS 2   -3  ?   ?   ?   A . n 
A 1 3   HIS 3   -2  ?   ?   ?   A . n 
A 1 4   HIS 4   -1  ?   ?   ?   A . n 
A 1 5   HIS 5   0   ?   ?   ?   A . n 
A 1 6   MET 6   1   ?   ?   ?   A . n 
A 1 7   ALA 7   2   ?   ?   ?   A . n 
A 1 8   GLU 8   3   3   GLU GLU A . n 
A 1 9   GLN 9   4   4   GLN GLN A . n 
A 1 10  VAL 10  5   5   VAL VAL A . n 
A 1 11  LYS 11  6   6   LYS LYS A . n 
A 1 12  LEU 12  7   7   LEU LEU A . n 
A 1 13  SER 13  8   8   SER SER A . n 
A 1 14  VAL 14  9   9   VAL VAL A . n 
A 1 15  GLU 15  10  10  GLU GLU A . n 
A 1 16  LEU 16  11  11  LEU LEU A . n 
A 1 17  ILE 17  12  12  ILE ILE A . n 
A 1 18  ALA 18  13  13  ALA ALA A . n 
A 1 19  CYS 19  14  14  CYS CYS A . n 
A 1 20  SER 20  15  15  SER SER A . n 
A 1 21  SER 21  16  16  SER SER A . n 
A 1 22  PHE 22  17  17  PHE PHE A . n 
A 1 23  THR 23  18  18  THR THR A . n 
A 1 24  PRO 24  19  19  PRO PRO A . n 
A 1 25  PRO 25  20  20  PRO PRO A . n 
A 1 26  ALA 26  21  21  ALA ALA A . n 
A 1 27  ASP 27  22  22  ASP ASP A . n 
A 1 28  VAL 28  23  23  VAL VAL A . n 
A 1 29  GLU 29  24  24  GLU GLU A . n 
A 1 30  TRP 30  25  25  TRP TRP A . n 
A 1 31  SER 31  26  26  SER SER A . n 
A 1 32  THR 32  27  27  THR THR A . n 
A 1 33  ASP 33  28  28  ASP ASP A . n 
A 1 34  VAL 34  29  29  VAL VAL A . n 
A 1 35  GLU 35  30  30  GLU GLU A . n 
A 1 36  GLY 36  31  31  GLY GLY A . n 
A 1 37  ALA 37  32  32  ALA ALA A . n 
A 1 38  GLU 38  33  33  GLU GLU A . n 
A 1 39  ALA 39  34  34  ALA ALA A . n 
A 1 40  LEU 40  35  35  LEU LEU A . n 
A 1 41  VAL 41  36  36  VAL VAL A . n 
A 1 42  GLU 42  37  37  GLU GLU A . n 
A 1 43  PHE 43  38  38  PHE PHE A . n 
A 1 44  ALA 44  39  39  ALA ALA A . n 
A 1 45  GLY 45  40  40  GLY GLY A . n 
A 1 46  ARG 46  41  41  ARG ARG A . n 
A 1 47  ALA 47  42  42  ALA ALA A . n 
A 1 48  CYS 48  43  43  CYS CYS A . n 
A 1 49  TYR 49  44  44  TYR TYR A . n 
A 1 50  GLU 50  45  ?   ?   ?   A . n 
A 1 51  THR 51  46  ?   ?   ?   A . n 
A 1 52  PHE 52  47  ?   ?   ?   A . n 
A 1 53  ASP 53  48  ?   ?   ?   A . n 
A 1 54  LYS 54  49  ?   ?   ?   A . n 
A 1 55  PRO 55  50  ?   ?   ?   A . n 
A 1 56  ASN 56  51  ?   ?   ?   A . n 
A 1 57  PRO 57  52  ?   ?   ?   A . n 
A 1 58  ARG 58  53  ?   ?   ?   A . n 
A 1 59  THR 59  54  ?   ?   ?   A . n 
A 1 60  ALA 60  55  55  ALA ALA A . n 
A 1 61  SER 61  56  56  SER SER A . n 
A 1 62  ASN 62  57  57  ASN ASN A . n 
A 1 63  ALA 63  58  58  ALA ALA A . n 
A 1 64  ALA 64  59  59  ALA ALA A . n 
A 1 65  TYR 65  60  60  TYR TYR A . n 
A 1 66  LEU 66  61  61  LEU LEU A . n 
A 1 67  ARG 67  62  62  ARG ARG A . n 
A 1 68  HIS 68  63  63  HIS HIS A . n 
A 1 69  ILE 69  64  64  ILE ILE A . n 
A 1 70  MET 70  65  65  MET MET A . n 
A 1 71  GLU 71  66  66  GLU GLU A . n 
A 1 72  VAL 72  67  67  VAL VAL A . n 
A 1 73  GLY 73  68  68  GLY GLY A . n 
A 1 74  HIS 74  69  69  HIS HIS A . n 
A 1 75  THR 75  70  70  THR THR A . n 
A 1 76  ALA 76  71  71  ALA ALA A . n 
A 1 77  LEU 77  72  72  LEU LEU A . n 
A 1 78  LEU 78  73  73  LEU LEU A . n 
A 1 79  GLU 79  74  74  GLU GLU A . n 
A 1 80  HIS 80  75  75  HIS HIS A . n 
A 1 81  ALA 81  76  76  ALA ALA A . n 
A 1 82  ASN 82  77  77  ASN ASN A . n 
A 1 83  ALA 83  78  78  ALA ALA A . n 
A 1 84  THR 84  79  79  THR THR A . n 
A 1 85  MET 85  80  80  MET MET A . n 
A 1 86  TYR 86  81  81  TYR TYR A . n 
A 1 87  ILE 87  82  82  ILE ILE A . n 
A 1 88  ARG 88  83  83  ARG ARG A . n 
A 1 89  GLY 89  84  84  GLY GLY A . n 
A 1 90  ILE 90  85  85  ILE ILE A . n 
A 1 91  SER 91  86  86  SER SER A . n 
A 1 92  ARG 92  87  87  ARG ARG A . n 
A 1 93  SER 93  88  88  SER SER A . n 
A 1 94  ALA 94  89  89  ALA ALA A . n 
A 1 95  THR 95  90  90  THR THR A . n 
A 1 96  HIS 96  91  91  HIS HIS A . n 
A 1 97  GLU 97  92  92  GLU GLU A . n 
A 1 98  LEU 98  93  93  LEU LEU A . n 
A 1 99  VAL 99  94  94  VAL VAL A . n 
A 1 100 ARG 100 95  95  ARG ARG A . n 
A 1 101 HIS 101 96  96  HIS HIS A . n 
A 1 102 ARG 102 97  97  ARG ARG A . n 
A 1 103 HIS 103 98  98  HIS HIS A . n 
A 1 104 PHE 104 99  99  PHE PHE A . n 
A 1 105 SER 105 100 100 SER SER A . n 
A 1 106 PHE 106 101 101 PHE PHE A . n 
A 1 107 SER 107 102 102 SER SER A . n 
A 1 108 GLN 108 103 103 GLN GLN A . n 
A 1 109 LEU 109 104 104 LEU LEU A . n 
A 1 110 SER 110 105 105 SER SER A . n 
A 1 111 GLN 111 106 ?   ?   ?   A . n 
A 1 112 ARG 112 107 ?   ?   ?   A . n 
A 1 113 PHE 113 108 ?   ?   ?   A . n 
A 1 114 VAL 114 109 ?   ?   ?   A . n 
A 1 115 HIS 115 110 ?   ?   ?   A . n 
A 1 116 SER 116 111 ?   ?   ?   A . n 
A 1 117 GLY 117 112 ?   ?   ?   A . n 
A 1 118 GLU 118 113 ?   ?   ?   A . n 
A 1 119 SER 119 114 114 SER SER A . n 
A 1 120 GLU 120 115 115 GLU GLU A . n 
A 1 121 VAL 121 116 116 VAL VAL A . n 
A 1 122 VAL 122 117 117 VAL VAL A . n 
A 1 123 VAL 123 118 118 VAL VAL A . n 
A 1 124 PRO 124 119 119 PRO PRO A . n 
A 1 125 THR 125 120 120 THR THR A . n 
A 1 126 LEU 126 121 121 LEU LEU A . n 
A 1 127 ILE 127 122 122 ILE ILE A . n 
A 1 128 ASP 128 123 123 ASP ASP A . n 
A 1 129 GLU 129 124 124 GLU GLU A . n 
A 1 130 ASP 130 125 125 ASP ASP A . n 
A 1 131 PRO 131 126 126 PRO PRO A . n 
A 1 132 GLN 132 127 127 GLN GLN A . n 
A 1 133 LEU 133 128 128 LEU LEU A . n 
A 1 134 ARG 134 129 129 ARG ARG A . n 
A 1 135 GLU 135 130 130 GLU GLU A . n 
A 1 136 LEU 136 131 131 LEU LEU A . n 
A 1 137 PHE 137 132 132 PHE PHE A . n 
A 1 138 MET 138 133 133 MET MET A . n 
A 1 139 HIS 139 134 134 HIS HIS A . n 
A 1 140 ALA 140 135 135 ALA ALA A . n 
A 1 141 MET 141 136 136 MET MET A . n 
A 1 142 ASP 142 137 137 ASP ASP A . n 
A 1 143 GLU 143 138 138 GLU GLU A . n 
A 1 144 SER 144 139 139 SER SER A . n 
A 1 145 ARG 145 140 140 ARG ARG A . n 
A 1 146 PHE 146 141 141 PHE PHE A . n 
A 1 147 ALA 147 142 142 ALA ALA A . n 
A 1 148 PHE 148 143 143 PHE PHE A . n 
A 1 149 ASN 149 144 144 ASN ASN A . n 
A 1 150 GLU 150 145 145 GLU GLU A . n 
A 1 151 LEU 151 146 146 LEU LEU A . n 
A 1 152 LEU 152 147 147 LEU LEU A . n 
A 1 153 ASN 153 148 148 ASN ASN A . n 
A 1 154 ALA 154 149 149 ALA ALA A . n 
A 1 155 LEU 155 150 150 LEU LEU A . n 
A 1 156 GLU 156 151 151 GLU GLU A . n 
A 1 157 GLU 157 152 152 GLU GLU A . n 
A 1 158 LYS 158 153 153 LYS LYS A . n 
A 1 159 LEU 159 154 ?   ?   ?   A . n 
A 1 160 GLY 160 155 ?   ?   ?   A . n 
A 1 161 ASP 161 156 ?   ?   ?   A . n 
A 1 162 GLU 162 157 ?   ?   ?   A . n 
A 1 163 PRO 163 158 ?   ?   ?   A . n 
A 1 164 ASN 164 159 ?   ?   ?   A . n 
A 1 165 ALA 165 160 ?   ?   ?   A . n 
A 1 166 LEU 166 161 ?   ?   ?   A . n 
A 1 167 LEU 167 162 ?   ?   ?   A . n 
A 1 168 ARG 168 163 163 ARG ARG A . n 
A 1 169 LYS 169 164 164 LYS LYS A . n 
A 1 170 LYS 170 165 165 LYS LYS A . n 
A 1 171 GLN 171 166 166 GLN GLN A . n 
A 1 172 ALA 172 167 167 ALA ALA A . n 
A 1 173 ARG 173 168 168 ARG ARG A . n 
A 1 174 GLN 174 169 169 GLN GLN A . n 
A 1 175 ALA 175 170 170 ALA ALA A . n 
A 1 176 ALA 176 171 171 ALA ALA A . n 
A 1 177 ARG 177 172 172 ARG ARG A . n 
A 1 178 ALA 178 173 173 ALA ALA A . n 
A 1 179 VAL 179 174 174 VAL VAL A . n 
A 1 180 LEU 180 175 175 LEU LEU A . n 
A 1 181 PRO 181 176 176 PRO PRO A . n 
A 1 182 ASN 182 177 177 ASN ASN A . n 
A 1 183 ALA 183 178 178 ALA ALA A . n 
A 1 184 THR 184 179 179 THR THR A . n 
A 1 185 GLU 185 180 180 GLU GLU A . n 
A 1 186 SER 186 181 181 SER SER A . n 
A 1 187 ARG 187 182 182 ARG ARG A . n 
A 1 188 ILE 188 183 183 ILE ILE A . n 
A 1 189 VAL 189 184 184 VAL VAL A . n 
A 1 190 VAL 190 185 185 VAL VAL A . n 
A 1 191 SER 191 186 186 SER SER A . n 
A 1 192 GLY 192 187 187 GLY GLY A . n 
A 1 193 ASN 193 188 188 ASN ASN A . n 
A 1 194 PHE 194 189 189 PHE PHE A . n 
A 1 195 ARG 195 190 190 ARG ARG A . n 
A 1 196 THR 196 191 191 THR THR A . n 
A 1 197 TRP 197 192 192 TRP TRP A . n 
A 1 198 ARG 198 193 193 ARG ARG A . n 
A 1 199 HIS 199 194 194 HIS HIS A . n 
A 1 200 PHE 200 195 195 PHE PHE A . n 
A 1 201 ILE 201 196 196 ILE ILE A . n 
A 1 202 GLY 202 197 197 GLY GLY A . n 
A 1 203 MET 203 198 198 MET MET A . n 
A 1 204 ARG 204 199 199 ARG ARG A . n 
A 1 205 ALA 205 200 200 ALA ALA A . n 
A 1 206 SER 206 201 201 SER SER A . n 
A 1 207 GLU 207 202 202 GLU GLU A . n 
A 1 208 HIS 208 203 203 HIS HIS A . n 
A 1 209 ALA 209 204 204 ALA ALA A . n 
A 1 210 ASP 210 205 205 ASP ASP A . n 
A 1 211 VAL 211 206 206 VAL VAL A . n 
A 1 212 GLU 212 207 207 GLU GLU A . n 
A 1 213 ILE 213 208 208 ILE ILE A . n 
A 1 214 ARG 214 209 209 ARG ARG A . n 
A 1 215 GLU 215 210 210 GLU GLU A . n 
A 1 216 VAL 216 211 211 VAL VAL A . n 
A 1 217 ALA 217 212 212 ALA ALA A . n 
A 1 218 VAL 218 213 213 VAL VAL A . n 
A 1 219 GLU 219 214 214 GLU GLU A . n 
A 1 220 CYS 220 215 215 CYS CYS A . n 
A 1 221 LEU 221 216 216 LEU LEU A . n 
A 1 222 ARG 222 217 217 ARG ARG A . n 
A 1 223 LYS 223 218 218 LYS LYS A . n 
A 1 224 LEU 224 219 219 LEU LEU A . n 
A 1 225 GLN 225 220 220 GLN GLN A . n 
A 1 226 VAL 226 221 221 VAL VAL A . n 
A 1 227 ALA 227 222 222 ALA ALA A . n 
A 1 228 ALA 228 223 223 ALA ALA A . n 
A 1 229 PRO 229 224 224 PRO PRO A . n 
A 1 230 THR 230 225 225 THR THR A . n 
A 1 231 VAL 231 226 226 VAL VAL A . n 
A 1 232 PHE 232 227 227 PHE PHE A . n 
A 1 233 GLY 233 228 228 GLY GLY A . n 
A 1 234 ASP 234 229 229 ASP ASP A . n 
A 1 235 PHE 235 230 230 PHE PHE A . n 
A 1 236 GLU 236 231 231 GLU GLU A . n 
A 1 237 ILE 237 232 232 ILE ILE A . n 
A 1 238 GLU 238 233 233 GLU GLU A . n 
A 1 239 THR 239 234 234 THR THR A . n 
A 1 240 LEU 240 235 235 LEU LEU A . n 
A 1 241 ALA 241 236 236 ALA ALA A . n 
A 1 242 ASP 242 237 237 ASP ASP A . n 
A 1 243 GLY 243 238 238 GLY GLY A . n 
A 1 244 SER 244 239 239 SER SER A . n 
A 1 245 GLN 245 240 240 GLN GLN A . n 
A 1 246 MET 246 241 241 MET MET A . n 
A 1 247 ALA 247 242 242 ALA ALA A . n 
A 1 248 THR 248 243 243 THR THR A . n 
A 1 249 SER 249 244 244 SER SER A . n 
A 1 250 PRO 250 245 245 PRO PRO A . n 
A 1 251 TYR 251 246 ?   ?   ?   A . n 
A 1 252 VAL 252 247 ?   ?   ?   A . n 
A 1 253 MET 253 248 ?   ?   ?   A . n 
A 1 254 ASP 254 249 ?   ?   ?   A . n 
A 1 255 PHE 255 250 ?   ?   ?   A . n 
# 
loop_
_pdbx_nonpoly_scheme.asym_id 
_pdbx_nonpoly_scheme.entity_id 
_pdbx_nonpoly_scheme.mon_id 
_pdbx_nonpoly_scheme.ndb_seq_num 
_pdbx_nonpoly_scheme.pdb_seq_num 
_pdbx_nonpoly_scheme.auth_seq_num 
_pdbx_nonpoly_scheme.pdb_mon_id 
_pdbx_nonpoly_scheme.auth_mon_id 
_pdbx_nonpoly_scheme.pdb_strand_id 
_pdbx_nonpoly_scheme.pdb_ins_code 
B 2 HOH 1  252 252 HOH HOH A . 
B 2 HOH 2  253 253 HOH HOH A . 
B 2 HOH 3  254 254 HOH HOH A . 
B 2 HOH 4  255 255 HOH HOH A . 
B 2 HOH 5  256 256 HOH HOH A . 
B 2 HOH 6  257 257 HOH HOH A . 
B 2 HOH 7  258 258 HOH HOH A . 
B 2 HOH 8  259 1   HOH HOH A . 
B 2 HOH 9  260 260 HOH HOH A . 
B 2 HOH 10 261 261 HOH HOH A . 
B 2 HOH 11 262 262 HOH HOH A . 
B 2 HOH 12 263 7   HOH HOH A . 
B 2 HOH 13 264 9   HOH HOH A . 
B 2 HOH 14 265 10  HOH HOH A . 
B 2 HOH 15 266 14  HOH HOH A . 
B 2 HOH 16 267 267 HOH HOH A . 
B 2 HOH 17 268 268 HOH HOH A . 
B 2 HOH 18 269 17  HOH HOH A . 
B 2 HOH 19 270 270 HOH HOH A . 
B 2 HOH 20 271 271 HOH HOH A . 
B 2 HOH 21 272 272 HOH HOH A . 
B 2 HOH 22 273 273 HOH HOH A . 
B 2 HOH 23 274 18  HOH HOH A . 
B 2 HOH 24 275 275 HOH HOH A . 
B 2 HOH 25 276 276 HOH HOH A . 
B 2 HOH 26 277 20  HOH HOH A . 
B 2 HOH 27 278 23  HOH HOH A . 
B 2 HOH 28 279 31  HOH HOH A . 
# 
loop_
_software.name 
_software.classification 
_software.version 
_software.citation_id 
_software.pdbx_ordinal 
HKL-2000 'data collection' .        ? 1 
AMoRE    phasing           .        ? 2 
REFMAC   refinement        5.2.0019 ? 3 
HKL-2000 'data reduction'  .        ? 4 
HKL-2000 'data scaling'    .        ? 5 
# 
_cell.entry_id           3GE9 
_cell.length_a           96.322 
_cell.length_b           96.322 
_cell.length_c           64.152 
_cell.angle_alpha        90.00 
_cell.angle_beta         90.00 
_cell.angle_gamma        90.00 
_cell.Z_PDB              8 
_cell.pdbx_unique_axis   ? 
_cell.length_a_esd       ? 
_cell.length_b_esd       ? 
_cell.length_c_esd       ? 
_cell.angle_alpha_esd    ? 
_cell.angle_beta_esd     ? 
_cell.angle_gamma_esd    ? 
# 
_symmetry.entry_id                         3GE9 
_symmetry.space_group_name_H-M             'P 42 2 2' 
_symmetry.pdbx_full_space_group_name_H-M   ? 
_symmetry.cell_setting                     ? 
_symmetry.Int_Tables_number                93 
_symmetry.space_group_name_Hall            ? 
# 
_exptl.entry_id          3GE9 
_exptl.method            'X-RAY DIFFRACTION' 
_exptl.crystals_number   5 
# 
_exptl_crystal.id                    1 
_exptl_crystal.density_meas          ? 
_exptl_crystal.density_Matthews      2.58 
_exptl_crystal.density_percent_sol   52.40 
_exptl_crystal.description           ? 
_exptl_crystal.F_000                 ? 
_exptl_crystal.preparation           ? 
# 
_exptl_crystal_grow.crystal_id      1 
_exptl_crystal_grow.method          'VAPOR DIFFUSION, HANGING DROP' 
_exptl_crystal_grow.temp            293 
_exptl_crystal_grow.temp_details    ? 
_exptl_crystal_grow.pH              7.0 
_exptl_crystal_grow.pdbx_details    'pH 7.0, VAPOR DIFFUSION, HANGING DROP, temperature 293K' 
_exptl_crystal_grow.pdbx_pH_range   . 
# 
_diffrn.id                     1 
_diffrn.ambient_temp           77 
_diffrn.ambient_temp_details   ? 
_diffrn.crystal_id             1 
# 
_diffrn_detector.diffrn_id              1 
_diffrn_detector.detector               CCD 
_diffrn_detector.type                   'ADSC QUANTUM 4' 
_diffrn_detector.pdbx_collection_date   ? 
_diffrn_detector.details                ? 
# 
_diffrn_radiation.diffrn_id                        1 
_diffrn_radiation.wavelength_id                    1 
_diffrn_radiation.pdbx_monochromatic_or_laue_m_l   M 
_diffrn_radiation.monochromator                    ? 
_diffrn_radiation.pdbx_diffrn_protocol             'SINGLE WAVELENGTH' 
_diffrn_radiation.pdbx_scattering_type             x-ray 
# 
_diffrn_radiation_wavelength.id           1 
_diffrn_radiation_wavelength.wavelength   1.0 
_diffrn_radiation_wavelength.wt           1.0 
# 
_diffrn_source.diffrn_id                   1 
_diffrn_source.source                      SYNCHROTRON 
_diffrn_source.type                        'NSRRC BEAMLINE BL13B1' 
_diffrn_source.pdbx_synchrotron_site       NSRRC 
_diffrn_source.pdbx_synchrotron_beamline   BL13B1 
_diffrn_source.pdbx_wavelength             ? 
_diffrn_source.pdbx_wavelength_list        1.0 
# 
_reflns.entry_id                     3GE9 
_reflns.observed_criterion_sigma_I   ? 
_reflns.observed_criterion_sigma_F   ? 
_reflns.d_resolution_low             27.5 
_reflns.d_resolution_high            2.6 
_reflns.number_obs                   9629 
_reflns.number_all                   9724 
_reflns.percent_possible_obs         99 
_reflns.pdbx_Rmerge_I_obs            0.070 
_reflns.pdbx_Rsym_value              ? 
_reflns.pdbx_netI_over_sigmaI        ? 
_reflns.B_iso_Wilson_estimate        ? 
_reflns.pdbx_redundancy              9.1 
_reflns.R_free_details               ? 
_reflns.limit_h_max                  ? 
_reflns.limit_h_min                  ? 
_reflns.limit_k_max                  ? 
_reflns.limit_k_min                  ? 
_reflns.limit_l_max                  ? 
_reflns.limit_l_min                  ? 
_reflns.observed_criterion_F_max     ? 
_reflns.observed_criterion_F_min     ? 
_reflns.pdbx_chi_squared             ? 
_reflns.pdbx_scaling_rejects         ? 
_reflns.pdbx_diffrn_id               1 
_reflns.pdbx_ordinal                 1 
# 
_reflns_shell.d_res_high             2.6 
_reflns_shell.d_res_low              ? 
_reflns_shell.percent_possible_all   99.2 
_reflns_shell.Rmerge_I_obs           0.3878 
_reflns_shell.pdbx_Rsym_value        ? 
_reflns_shell.meanI_over_sigI_obs    28.7 
_reflns_shell.pdbx_redundancy        13.3 
_reflns_shell.percent_possible_obs   ? 
_reflns_shell.number_unique_all      9159 
_reflns_shell.number_measured_all    ? 
_reflns_shell.number_measured_obs    ? 
_reflns_shell.number_unique_obs      ? 
_reflns_shell.pdbx_chi_squared       ? 
_reflns_shell.pdbx_diffrn_id         ? 
_reflns_shell.pdbx_ordinal           1 
# 
_refine.entry_id                                 3GE9 
_refine.ls_number_reflns_obs                     9159 
_refine.ls_number_reflns_all                     ? 
_refine.pdbx_ls_sigma_I                          ? 
_refine.pdbx_ls_sigma_F                          ? 
_refine.pdbx_data_cutoff_high_absF               ? 
_refine.pdbx_data_cutoff_low_absF                ? 
_refine.pdbx_data_cutoff_high_rms_absF           ? 
_refine.ls_d_res_low                             27.5 
_refine.ls_d_res_high                            2.61 
_refine.ls_percent_reflns_obs                    99.19 
_refine.ls_R_factor_obs                          0.23439 
_refine.ls_R_factor_all                          ? 
_refine.ls_R_factor_R_work                       0.23191 
_refine.ls_R_factor_R_free                       0.28411 
_refine.ls_R_factor_R_free_error                 ? 
_refine.ls_R_factor_R_free_error_details         ? 
_refine.ls_percent_reflns_R_free                 4.9 
_refine.ls_number_reflns_R_free                  470 
_refine.ls_number_parameters                     ? 
_refine.ls_number_restraints                     ? 
_refine.occupancy_min                            ? 
_refine.occupancy_max                            ? 
_refine.correlation_coeff_Fo_to_Fc               0.930 
_refine.correlation_coeff_Fo_to_Fc_free          0.882 
_refine.B_iso_mean                               59.848 
_refine.aniso_B[1][1]                            -0.82 
_refine.aniso_B[2][2]                            -0.82 
_refine.aniso_B[3][3]                            1.63 
_refine.aniso_B[1][2]                            0.00 
_refine.aniso_B[1][3]                            0.00 
_refine.aniso_B[2][3]                            0.00 
_refine.solvent_model_details                    MASK 
_refine.solvent_model_param_ksol                 ? 
_refine.solvent_model_param_bsol                 ? 
_refine.pdbx_solvent_vdw_probe_radii             1.20 
_refine.pdbx_solvent_ion_probe_radii             0.80 
_refine.pdbx_solvent_shrinkage_radii             0.80 
_refine.pdbx_ls_cross_valid_method               THROUGHOUT 
_refine.details                                  'HYDROGENS HAVE BEEN ADDED IN THE RIDING POSITIONS' 
_refine.pdbx_starting_model                      ? 
_refine.pdbx_method_to_determine_struct          'MOLECULAR REPLACEMENT' 
_refine.pdbx_isotropic_thermal_model             ? 
_refine.pdbx_stereochemistry_target_values       'MAXIMUM LIKELIHOOD' 
_refine.pdbx_stereochem_target_val_spec_case     ? 
_refine.pdbx_R_Free_selection_details            RANDOM 
_refine.pdbx_overall_ESU_R                       0.536 
_refine.pdbx_overall_ESU_R_Free                  0.327 
_refine.overall_SU_ML                            0.240 
_refine.overall_SU_B                             11.478 
_refine.ls_redundancy_reflns_obs                 ? 
_refine.B_iso_min                                ? 
_refine.B_iso_max                                ? 
_refine.overall_SU_R_Cruickshank_DPI             ? 
_refine.overall_SU_R_free                        ? 
_refine.ls_wR_factor_R_free                      ? 
_refine.ls_wR_factor_R_work                      ? 
_refine.overall_FOM_free_R_set                   ? 
_refine.overall_FOM_work_R_set                   ? 
_refine.pdbx_refine_id                           'X-RAY DIFFRACTION' 
_refine.pdbx_overall_phase_error                 ? 
_refine.pdbx_diffrn_id                           1 
_refine.pdbx_TLS_residual_ADP_flag               ? 
_refine.pdbx_overall_SU_R_free_Cruickshank_DPI   ? 
_refine.pdbx_overall_SU_R_Blow_DPI               ? 
_refine.pdbx_overall_SU_R_free_Blow_DPI          ? 
# 
_refine_hist.pdbx_refine_id                   'X-RAY DIFFRACTION' 
_refine_hist.cycle_id                         LAST 
_refine_hist.pdbx_number_atoms_protein        1697 
_refine_hist.pdbx_number_atoms_nucleic_acid   0 
_refine_hist.pdbx_number_atoms_ligand         0 
_refine_hist.number_atoms_solvent             28 
_refine_hist.number_atoms_total               1725 
_refine_hist.d_res_high                       2.61 
_refine_hist.d_res_low                        27.5 
# 
loop_
_refine_ls_restr.type 
_refine_ls_restr.dev_ideal 
_refine_ls_restr.dev_ideal_target 
_refine_ls_restr.weight 
_refine_ls_restr.number 
_refine_ls_restr.pdbx_refine_id 
_refine_ls_restr.pdbx_restraint_function 
r_bond_refined_d             0.018  0.021  ? 1720 'X-RAY DIFFRACTION' ? 
r_bond_other_d               ?      ?      ? ?    'X-RAY DIFFRACTION' ? 
r_angle_refined_deg          1.689  1.938  ? 2324 'X-RAY DIFFRACTION' ? 
r_angle_other_deg            ?      ?      ? ?    'X-RAY DIFFRACTION' ? 
r_dihedral_angle_1_deg       6.555  5.000  ? 212  'X-RAY DIFFRACTION' ? 
r_dihedral_angle_2_deg       35.014 23.294 ? 85   'X-RAY DIFFRACTION' ? 
r_dihedral_angle_3_deg       15.672 15.000 ? 288  'X-RAY DIFFRACTION' ? 
r_dihedral_angle_4_deg       15.889 15.000 ? 16   'X-RAY DIFFRACTION' ? 
r_chiral_restr               0.120  0.200  ? 263  'X-RAY DIFFRACTION' ? 
r_gen_planes_refined         0.006  0.020  ? 1307 'X-RAY DIFFRACTION' ? 
r_gen_planes_other           ?      ?      ? ?    'X-RAY DIFFRACTION' ? 
r_nbd_refined                0.207  0.200  ? 673  'X-RAY DIFFRACTION' ? 
r_nbd_other                  ?      ?      ? ?    'X-RAY DIFFRACTION' ? 
r_nbtor_refined              0.304  0.200  ? 1159 'X-RAY DIFFRACTION' ? 
r_nbtor_other                ?      ?      ? ?    'X-RAY DIFFRACTION' ? 
r_xyhbond_nbd_refined        0.182  0.200  ? 55   'X-RAY DIFFRACTION' ? 
r_xyhbond_nbd_other          ?      ?      ? ?    'X-RAY DIFFRACTION' ? 
r_metal_ion_refined          ?      ?      ? ?    'X-RAY DIFFRACTION' ? 
r_metal_ion_other            ?      ?      ? ?    'X-RAY DIFFRACTION' ? 
r_symmetry_vdw_refined       0.173  0.200  ? 53   'X-RAY DIFFRACTION' ? 
r_symmetry_vdw_other         ?      ?      ? ?    'X-RAY DIFFRACTION' ? 
r_symmetry_hbond_refined     0.102  0.200  ? 6    'X-RAY DIFFRACTION' ? 
r_symmetry_hbond_other       ?      ?      ? ?    'X-RAY DIFFRACTION' ? 
r_symmetry_metal_ion_refined ?      ?      ? ?    'X-RAY DIFFRACTION' ? 
r_symmetry_metal_ion_other   ?      ?      ? ?    'X-RAY DIFFRACTION' ? 
r_mcbond_it                  1.310  1.500  ? 1106 'X-RAY DIFFRACTION' ? 
r_mcbond_other               ?      ?      ? ?    'X-RAY DIFFRACTION' ? 
r_mcangle_it                 2.030  2.000  ? 1720 'X-RAY DIFFRACTION' ? 
r_scbond_it                  2.819  3.000  ? 685  'X-RAY DIFFRACTION' ? 
r_scangle_it                 4.628  4.500  ? 604  'X-RAY DIFFRACTION' ? 
r_rigid_bond_restr           ?      ?      ? ?    'X-RAY DIFFRACTION' ? 
r_sphericity_free            ?      ?      ? ?    'X-RAY DIFFRACTION' ? 
r_sphericity_bonded          ?      ?      ? ?    'X-RAY DIFFRACTION' ? 
# 
_refine_ls_shell.pdbx_total_number_of_bins_used   20 
_refine_ls_shell.d_res_high                       2.605 
_refine_ls_shell.d_res_low                        2.673 
_refine_ls_shell.number_reflns_R_work             637 
_refine_ls_shell.R_factor_R_work                  0.285 
_refine_ls_shell.percent_reflns_obs               93.84 
_refine_ls_shell.R_factor_R_free                  0.474 
_refine_ls_shell.R_factor_R_free_error            ? 
_refine_ls_shell.percent_reflns_R_free            ? 
_refine_ls_shell.number_reflns_R_free             33 
_refine_ls_shell.number_reflns_all                ? 
_refine_ls_shell.R_factor_all                     ? 
_refine_ls_shell.number_reflns_obs                ? 
_refine_ls_shell.redundancy_reflns_obs            ? 
_refine_ls_shell.pdbx_refine_id                   'X-RAY DIFFRACTION' 
# 
_struct.entry_id                  3GE9 
_struct.title                     
'A Structurally Atypical ThyX from Corynebacterium glutamicum NCHU 87078 Is Not Required for Thymidylate Biosynthesis' 
_struct.pdbx_model_details        ? 
_struct.pdbx_CASP_flag            ? 
_struct.pdbx_model_type_details   ? 
# 
_struct_keywords.entry_id        3GE9 
_struct_keywords.pdbx_keywords   TRANSFERASE 
_struct_keywords.text            
'Apo form, THYX, THYMIDYLATE SYNTHASE, METHYLTRANSFERASE, NUCLEOTIDE BIOSYNTHESIS, TRANSFERASE, FAD, Flavoprotein' 
# 
loop_
_struct_asym.id 
_struct_asym.pdbx_blank_PDB_chainid_flag 
_struct_asym.pdbx_modified 
_struct_asym.entity_id 
_struct_asym.details 
A N N 1 ? 
B N N 2 ? 
# 
_struct_ref.id                         1 
_struct_ref.db_name                    UNP 
_struct_ref.db_code                    THYX_CORGL 
_struct_ref.pdbx_db_accession          P40111 
_struct_ref.entity_id                  1 
_struct_ref.pdbx_seq_one_letter_code   
;MAEQVKLSVELIACSSFTPPADVEWSTDVEGAEALVEFAGRACYETFDKPNPRTASNAAYLRHIMEVGHTALLEHANATM
YIRGISRSATHELVRHRHFSFSQLSQRFVHSGESEVVVPTLIDEDPQLRELFMHAMDESRFAFNELLNALEEKLGDEPNA
LLRKKQARQAARAVLPNATESRIVVSGNFRTWRHFIGMRASEHADVEIREVAVECLRKLQVAAPTVFGDFEIETLADGSQ
MATSPYVMDF
;
_struct_ref.pdbx_align_begin           1 
_struct_ref.pdbx_db_isoform            ? 
# 
_struct_ref_seq.align_id                      1 
_struct_ref_seq.ref_id                        1 
_struct_ref_seq.pdbx_PDB_id_code              3GE9 
_struct_ref_seq.pdbx_strand_id                A 
_struct_ref_seq.seq_align_beg                 6 
_struct_ref_seq.pdbx_seq_align_beg_ins_code   ? 
_struct_ref_seq.seq_align_end                 255 
_struct_ref_seq.pdbx_seq_align_end_ins_code   ? 
_struct_ref_seq.pdbx_db_accession             P40111 
_struct_ref_seq.db_align_beg                  1 
_struct_ref_seq.pdbx_db_align_beg_ins_code    ? 
_struct_ref_seq.db_align_end                  250 
_struct_ref_seq.pdbx_db_align_end_ins_code    ? 
_struct_ref_seq.pdbx_auth_seq_align_beg       1 
_struct_ref_seq.pdbx_auth_seq_align_end       250 
# 
loop_
_struct_ref_seq_dif.align_id 
_struct_ref_seq_dif.pdbx_pdb_id_code 
_struct_ref_seq_dif.mon_id 
_struct_ref_seq_dif.pdbx_pdb_strand_id 
_struct_ref_seq_dif.seq_num 
_struct_ref_seq_dif.pdbx_pdb_ins_code 
_struct_ref_seq_dif.pdbx_seq_db_name 
_struct_ref_seq_dif.pdbx_seq_db_accession_code 
_struct_ref_seq_dif.db_mon_id 
_struct_ref_seq_dif.pdbx_seq_db_seq_num 
_struct_ref_seq_dif.details 
_struct_ref_seq_dif.pdbx_auth_seq_num 
_struct_ref_seq_dif.pdbx_ordinal 
1 3GE9 HIS A 1 ? UNP P40111 ? ? 'expression tag' -4 1 
1 3GE9 HIS A 2 ? UNP P40111 ? ? 'expression tag' -3 2 
1 3GE9 HIS A 3 ? UNP P40111 ? ? 'expression tag' -2 3 
1 3GE9 HIS A 4 ? UNP P40111 ? ? 'expression tag' -1 4 
1 3GE9 HIS A 5 ? UNP P40111 ? ? 'expression tag' 0  5 
# 
loop_
_pdbx_struct_assembly.id 
_pdbx_struct_assembly.details 
_pdbx_struct_assembly.method_details 
_pdbx_struct_assembly.oligomeric_details 
_pdbx_struct_assembly.oligomeric_count 
1 author_defined_assembly   ?    monomeric  1 
2 software_defined_assembly PISA tetrameric 4 
# 
loop_
_pdbx_struct_assembly_prop.biol_id 
_pdbx_struct_assembly_prop.type 
_pdbx_struct_assembly_prop.value 
_pdbx_struct_assembly_prop.details 
2 'ABSA (A^2)' 13530 ? 
2 MORE         -51   ? 
2 'SSA (A^2)'  38330 ? 
# 
loop_
_pdbx_struct_assembly_gen.assembly_id 
_pdbx_struct_assembly_gen.oper_expression 
_pdbx_struct_assembly_gen.asym_id_list 
1 1       A,B 
2 1,2,3,4 A,B 
# 
loop_
_pdbx_struct_oper_list.id 
_pdbx_struct_oper_list.type 
_pdbx_struct_oper_list.name 
_pdbx_struct_oper_list.symmetry_operation 
_pdbx_struct_oper_list.matrix[1][1] 
_pdbx_struct_oper_list.matrix[1][2] 
_pdbx_struct_oper_list.matrix[1][3] 
_pdbx_struct_oper_list.vector[1] 
_pdbx_struct_oper_list.matrix[2][1] 
_pdbx_struct_oper_list.matrix[2][2] 
_pdbx_struct_oper_list.matrix[2][3] 
_pdbx_struct_oper_list.vector[2] 
_pdbx_struct_oper_list.matrix[3][1] 
_pdbx_struct_oper_list.matrix[3][2] 
_pdbx_struct_oper_list.matrix[3][3] 
_pdbx_struct_oper_list.vector[3] 
1 'identity operation'         1_555 x,y,z     1.0000000000  0.0000000000  0.0000000000  0.0000000000   0.0000000000  1.0000000000  0.0000000000  0.0000000000   0.0000000000  0.0000000000  1.0000000000  0.0000000000  
2 'crystal symmetry operation' 2_545 -x,-y-1,z -0.9213598927 -0.3689854807 0.1222524567  -27.8948868852 -0.3689854807 0.7313084839  -0.5736180057 -8.5272460528  0.1222524567  -0.5736180057 -0.8099485912 -7.7934882543 
3 'crystal symmetry operation' 5_555 -x,y,-z   0.8971313337  0.2955379389  -0.3283484380 3.2073538189   0.2955379389  -0.9539606606 -0.0511506077 -26.2805631249 -0.3283484380 -0.0511506077 -0.9431706731 -5.1230090867 
4 'crystal symmetry operation' 6_545 x,-y-1,-z -0.9757714410 0.0734475418  0.2060959812  -21.7791682850 0.0734475418  -0.7773478233 0.6247686133  -25.9912615633 0.2060959812  0.6247686133  0.7531192643  11.8229968294 
# 
_struct_biol.id        1 
_struct_biol.details   ? 
# 
loop_
_struct_conf.conf_type_id 
_struct_conf.id 
_struct_conf.pdbx_PDB_helix_id 
_struct_conf.beg_label_comp_id 
_struct_conf.beg_label_asym_id 
_struct_conf.beg_label_seq_id 
_struct_conf.pdbx_beg_PDB_ins_code 
_struct_conf.end_label_comp_id 
_struct_conf.end_label_asym_id 
_struct_conf.end_label_seq_id 
_struct_conf.pdbx_end_PDB_ins_code 
_struct_conf.beg_auth_comp_id 
_struct_conf.beg_auth_asym_id 
_struct_conf.beg_auth_seq_id 
_struct_conf.end_auth_comp_id 
_struct_conf.end_auth_asym_id 
_struct_conf.end_auth_seq_id 
_struct_conf.pdbx_PDB_helix_class 
_struct_conf.details 
_struct_conf.pdbx_PDB_helix_length 
HELX_P HELX_P1  1  GLY A 36  ? ALA A 47  ? GLY A 31  ALA A 42  1 ? 12 
HELX_P HELX_P2  2  SER A 61  ? GLY A 73  ? SER A 56  GLY A 68  1 ? 13 
HELX_P HELX_P3  3  HIS A 74  ? HIS A 80  ? HIS A 69  HIS A 75  5 ? 7  
HELX_P HELX_P4  4  ARG A 92  ? ARG A 100 ? ARG A 87  ARG A 95  1 ? 9  
HELX_P HELX_P5  5  PRO A 124 ? GLU A 129 ? PRO A 119 GLU A 124 1 ? 6  
HELX_P HELX_P6  6  ASP A 130 ? LYS A 158 ? ASP A 125 LYS A 153 1 ? 29 
HELX_P HELX_P7  7  ARG A 168 ? ARG A 177 ? ARG A 163 ARG A 172 1 ? 10 
HELX_P HELX_P8  8  ALA A 178 ? LEU A 180 ? ALA A 173 LEU A 175 5 ? 3  
HELX_P HELX_P9  9  PHE A 194 ? ALA A 205 ? PHE A 189 ALA A 200 1 ? 12 
HELX_P HELX_P10 10 ASP A 210 ? ALA A 228 ? ASP A 205 ALA A 223 1 ? 19 
# 
_struct_conf_type.id          HELX_P 
_struct_conf_type.criteria    ? 
_struct_conf_type.reference   ? 
# 
loop_
_struct_mon_prot_cis.pdbx_id 
_struct_mon_prot_cis.label_comp_id 
_struct_mon_prot_cis.label_seq_id 
_struct_mon_prot_cis.label_asym_id 
_struct_mon_prot_cis.label_alt_id 
_struct_mon_prot_cis.pdbx_PDB_ins_code 
_struct_mon_prot_cis.auth_comp_id 
_struct_mon_prot_cis.auth_seq_id 
_struct_mon_prot_cis.auth_asym_id 
_struct_mon_prot_cis.pdbx_label_comp_id_2 
_struct_mon_prot_cis.pdbx_label_seq_id_2 
_struct_mon_prot_cis.pdbx_label_asym_id_2 
_struct_mon_prot_cis.pdbx_PDB_ins_code_2 
_struct_mon_prot_cis.pdbx_auth_comp_id_2 
_struct_mon_prot_cis.pdbx_auth_seq_id_2 
_struct_mon_prot_cis.pdbx_auth_asym_id_2 
_struct_mon_prot_cis.pdbx_PDB_model_num 
_struct_mon_prot_cis.pdbx_omega_angle 
1 HIS 208 A . ? HIS 203 A ALA 209 A ? ALA 204 A 1 14.91 
2 ALA 209 A . ? ALA 204 A ASP 210 A ? ASP 205 A 1 3.26  
# 
loop_
_struct_sheet.id 
_struct_sheet.type 
_struct_sheet.number_strands 
_struct_sheet.details 
A ? 4 ? 
B ? 2 ? 
# 
loop_
_struct_sheet_order.sheet_id 
_struct_sheet_order.range_id_1 
_struct_sheet_order.range_id_2 
_struct_sheet_order.offset 
_struct_sheet_order.sense 
A 1 2 ? anti-parallel 
A 2 3 ? anti-parallel 
A 3 4 ? anti-parallel 
B 1 2 ? anti-parallel 
# 
loop_
_struct_sheet_range.sheet_id 
_struct_sheet_range.id 
_struct_sheet_range.beg_label_comp_id 
_struct_sheet_range.beg_label_asym_id 
_struct_sheet_range.beg_label_seq_id 
_struct_sheet_range.pdbx_beg_PDB_ins_code 
_struct_sheet_range.end_label_comp_id 
_struct_sheet_range.end_label_asym_id 
_struct_sheet_range.end_label_seq_id 
_struct_sheet_range.pdbx_end_PDB_ins_code 
_struct_sheet_range.beg_auth_comp_id 
_struct_sheet_range.beg_auth_asym_id 
_struct_sheet_range.beg_auth_seq_id 
_struct_sheet_range.end_auth_comp_id 
_struct_sheet_range.end_auth_asym_id 
_struct_sheet_range.end_auth_seq_id 
A 1 SER A 13  ? CYS A 19  ? SER A 8   CYS A 14  
A 2 ASN A 82  ? SER A 91  ? ASN A 77  SER A 86  
A 3 GLU A 185 ? ASN A 193 ? GLU A 180 ASN A 188 
A 4 SER A 105 ? GLN A 108 ? SER A 100 GLN A 103 
B 1 GLU A 236 ? THR A 239 ? GLU A 231 THR A 234 
B 2 GLN A 245 ? THR A 248 ? GLN A 240 THR A 243 
# 
loop_
_pdbx_struct_sheet_hbond.sheet_id 
_pdbx_struct_sheet_hbond.range_id_1 
_pdbx_struct_sheet_hbond.range_id_2 
_pdbx_struct_sheet_hbond.range_1_label_atom_id 
_pdbx_struct_sheet_hbond.range_1_label_comp_id 
_pdbx_struct_sheet_hbond.range_1_label_asym_id 
_pdbx_struct_sheet_hbond.range_1_label_seq_id 
_pdbx_struct_sheet_hbond.range_1_PDB_ins_code 
_pdbx_struct_sheet_hbond.range_1_auth_atom_id 
_pdbx_struct_sheet_hbond.range_1_auth_comp_id 
_pdbx_struct_sheet_hbond.range_1_auth_asym_id 
_pdbx_struct_sheet_hbond.range_1_auth_seq_id 
_pdbx_struct_sheet_hbond.range_2_label_atom_id 
_pdbx_struct_sheet_hbond.range_2_label_comp_id 
_pdbx_struct_sheet_hbond.range_2_label_asym_id 
_pdbx_struct_sheet_hbond.range_2_label_seq_id 
_pdbx_struct_sheet_hbond.range_2_PDB_ins_code 
_pdbx_struct_sheet_hbond.range_2_auth_atom_id 
_pdbx_struct_sheet_hbond.range_2_auth_comp_id 
_pdbx_struct_sheet_hbond.range_2_auth_asym_id 
_pdbx_struct_sheet_hbond.range_2_auth_seq_id 
A 1 2 N GLU A 15  ? N GLU A 10  O TYR A 86  ? O TYR A 81  
A 2 3 N ILE A 87  ? N ILE A 82  O ILE A 188 ? O ILE A 183 
A 3 4 O VAL A 189 ? O VAL A 184 N SER A 107 ? N SER A 102 
B 1 2 N GLU A 238 ? N GLU A 233 O MET A 246 ? O MET A 241 
# 
_pdbx_validate_torsion.id              1 
_pdbx_validate_torsion.PDB_model_num   1 
_pdbx_validate_torsion.auth_comp_id    ALA 
_pdbx_validate_torsion.auth_asym_id    A 
_pdbx_validate_torsion.auth_seq_id     204 
_pdbx_validate_torsion.PDB_ins_code    ? 
_pdbx_validate_torsion.label_alt_id    ? 
_pdbx_validate_torsion.phi             63.86 
_pdbx_validate_torsion.psi             69.67 
# 
loop_
_pdbx_unobs_or_zero_occ_residues.id 
_pdbx_unobs_or_zero_occ_residues.PDB_model_num 
_pdbx_unobs_or_zero_occ_residues.polymer_flag 
_pdbx_unobs_or_zero_occ_residues.occupancy_flag 
_pdbx_unobs_or_zero_occ_residues.auth_asym_id 
_pdbx_unobs_or_zero_occ_residues.auth_comp_id 
_pdbx_unobs_or_zero_occ_residues.auth_seq_id 
_pdbx_unobs_or_zero_occ_residues.PDB_ins_code 
_pdbx_unobs_or_zero_occ_residues.label_asym_id 
_pdbx_unobs_or_zero_occ_residues.label_comp_id 
_pdbx_unobs_or_zero_occ_residues.label_seq_id 
1  1 Y 1 A HIS -4  ? A HIS 1   
2  1 Y 1 A HIS -3  ? A HIS 2   
3  1 Y 1 A HIS -2  ? A HIS 3   
4  1 Y 1 A HIS -1  ? A HIS 4   
5  1 Y 1 A HIS 0   ? A HIS 5   
6  1 Y 1 A MET 1   ? A MET 6   
7  1 Y 1 A ALA 2   ? A ALA 7   
8  1 Y 1 A GLU 45  ? A GLU 50  
9  1 Y 1 A THR 46  ? A THR 51  
10 1 Y 1 A PHE 47  ? A PHE 52  
11 1 Y 1 A ASP 48  ? A ASP 53  
12 1 Y 1 A LYS 49  ? A LYS 54  
13 1 Y 1 A PRO 50  ? A PRO 55  
14 1 Y 1 A ASN 51  ? A ASN 56  
15 1 Y 1 A PRO 52  ? A PRO 57  
16 1 Y 1 A ARG 53  ? A ARG 58  
17 1 Y 1 A THR 54  ? A THR 59  
18 1 Y 1 A GLN 106 ? A GLN 111 
19 1 Y 1 A ARG 107 ? A ARG 112 
20 1 Y 1 A PHE 108 ? A PHE 113 
21 1 Y 1 A VAL 109 ? A VAL 114 
22 1 Y 1 A HIS 110 ? A HIS 115 
23 1 Y 1 A SER 111 ? A SER 116 
24 1 Y 1 A GLY 112 ? A GLY 117 
25 1 Y 1 A GLU 113 ? A GLU 118 
26 1 Y 1 A LEU 154 ? A LEU 159 
27 1 Y 1 A GLY 155 ? A GLY 160 
28 1 Y 1 A ASP 156 ? A ASP 161 
29 1 Y 1 A GLU 157 ? A GLU 162 
30 1 Y 1 A PRO 158 ? A PRO 163 
31 1 Y 1 A ASN 159 ? A ASN 164 
32 1 Y 1 A ALA 160 ? A ALA 165 
33 1 Y 1 A LEU 161 ? A LEU 166 
34 1 Y 1 A LEU 162 ? A LEU 167 
35 1 Y 1 A TYR 246 ? A TYR 251 
36 1 Y 1 A VAL 247 ? A VAL 252 
37 1 Y 1 A MET 248 ? A MET 253 
38 1 Y 1 A ASP 249 ? A ASP 254 
39 1 Y 1 A PHE 250 ? A PHE 255 
# 
loop_
_chem_comp_atom.comp_id 
_chem_comp_atom.atom_id 
_chem_comp_atom.type_symbol 
_chem_comp_atom.pdbx_aromatic_flag 
_chem_comp_atom.pdbx_stereo_config 
_chem_comp_atom.pdbx_ordinal 
ALA N    N N N 1   
ALA CA   C N S 2   
ALA C    C N N 3   
ALA O    O N N 4   
ALA CB   C N N 5   
ALA OXT  O N N 6   
ALA H    H N N 7   
ALA H2   H N N 8   
ALA HA   H N N 9   
ALA HB1  H N N 10  
ALA HB2  H N N 11  
ALA HB3  H N N 12  
ALA HXT  H N N 13  
ARG N    N N N 14  
ARG CA   C N S 15  
ARG C    C N N 16  
ARG O    O N N 17  
ARG CB   C N N 18  
ARG CG   C N N 19  
ARG CD   C N N 20  
ARG NE   N N N 21  
ARG CZ   C N N 22  
ARG NH1  N N N 23  
ARG NH2  N N N 24  
ARG OXT  O N N 25  
ARG H    H N N 26  
ARG H2   H N N 27  
ARG HA   H N N 28  
ARG HB2  H N N 29  
ARG HB3  H N N 30  
ARG HG2  H N N 31  
ARG HG3  H N N 32  
ARG HD2  H N N 33  
ARG HD3  H N N 34  
ARG HE   H N N 35  
ARG HH11 H N N 36  
ARG HH12 H N N 37  
ARG HH21 H N N 38  
ARG HH22 H N N 39  
ARG HXT  H N N 40  
ASN N    N N N 41  
ASN CA   C N S 42  
ASN C    C N N 43  
ASN O    O N N 44  
ASN CB   C N N 45  
ASN CG   C N N 46  
ASN OD1  O N N 47  
ASN ND2  N N N 48  
ASN OXT  O N N 49  
ASN H    H N N 50  
ASN H2   H N N 51  
ASN HA   H N N 52  
ASN HB2  H N N 53  
ASN HB3  H N N 54  
ASN HD21 H N N 55  
ASN HD22 H N N 56  
ASN HXT  H N N 57  
ASP N    N N N 58  
ASP CA   C N S 59  
ASP C    C N N 60  
ASP O    O N N 61  
ASP CB   C N N 62  
ASP CG   C N N 63  
ASP OD1  O N N 64  
ASP OD2  O N N 65  
ASP OXT  O N N 66  
ASP H    H N N 67  
ASP H2   H N N 68  
ASP HA   H N N 69  
ASP HB2  H N N 70  
ASP HB3  H N N 71  
ASP HD2  H N N 72  
ASP HXT  H N N 73  
CYS N    N N N 74  
CYS CA   C N R 75  
CYS C    C N N 76  
CYS O    O N N 77  
CYS CB   C N N 78  
CYS SG   S N N 79  
CYS OXT  O N N 80  
CYS H    H N N 81  
CYS H2   H N N 82  
CYS HA   H N N 83  
CYS HB2  H N N 84  
CYS HB3  H N N 85  
CYS HG   H N N 86  
CYS HXT  H N N 87  
GLN N    N N N 88  
GLN CA   C N S 89  
GLN C    C N N 90  
GLN O    O N N 91  
GLN CB   C N N 92  
GLN CG   C N N 93  
GLN CD   C N N 94  
GLN OE1  O N N 95  
GLN NE2  N N N 96  
GLN OXT  O N N 97  
GLN H    H N N 98  
GLN H2   H N N 99  
GLN HA   H N N 100 
GLN HB2  H N N 101 
GLN HB3  H N N 102 
GLN HG2  H N N 103 
GLN HG3  H N N 104 
GLN HE21 H N N 105 
GLN HE22 H N N 106 
GLN HXT  H N N 107 
GLU N    N N N 108 
GLU CA   C N S 109 
GLU C    C N N 110 
GLU O    O N N 111 
GLU CB   C N N 112 
GLU CG   C N N 113 
GLU CD   C N N 114 
GLU OE1  O N N 115 
GLU OE2  O N N 116 
GLU OXT  O N N 117 
GLU H    H N N 118 
GLU H2   H N N 119 
GLU HA   H N N 120 
GLU HB2  H N N 121 
GLU HB3  H N N 122 
GLU HG2  H N N 123 
GLU HG3  H N N 124 
GLU HE2  H N N 125 
GLU HXT  H N N 126 
GLY N    N N N 127 
GLY CA   C N N 128 
GLY C    C N N 129 
GLY O    O N N 130 
GLY OXT  O N N 131 
GLY H    H N N 132 
GLY H2   H N N 133 
GLY HA2  H N N 134 
GLY HA3  H N N 135 
GLY HXT  H N N 136 
HIS N    N N N 137 
HIS CA   C N S 138 
HIS C    C N N 139 
HIS O    O N N 140 
HIS CB   C N N 141 
HIS CG   C Y N 142 
HIS ND1  N Y N 143 
HIS CD2  C Y N 144 
HIS CE1  C Y N 145 
HIS NE2  N Y N 146 
HIS OXT  O N N 147 
HIS H    H N N 148 
HIS H2   H N N 149 
HIS HA   H N N 150 
HIS HB2  H N N 151 
HIS HB3  H N N 152 
HIS HD1  H N N 153 
HIS HD2  H N N 154 
HIS HE1  H N N 155 
HIS HE2  H N N 156 
HIS HXT  H N N 157 
HOH O    O N N 158 
HOH H1   H N N 159 
HOH H2   H N N 160 
ILE N    N N N 161 
ILE CA   C N S 162 
ILE C    C N N 163 
ILE O    O N N 164 
ILE CB   C N S 165 
ILE CG1  C N N 166 
ILE CG2  C N N 167 
ILE CD1  C N N 168 
ILE OXT  O N N 169 
ILE H    H N N 170 
ILE H2   H N N 171 
ILE HA   H N N 172 
ILE HB   H N N 173 
ILE HG12 H N N 174 
ILE HG13 H N N 175 
ILE HG21 H N N 176 
ILE HG22 H N N 177 
ILE HG23 H N N 178 
ILE HD11 H N N 179 
ILE HD12 H N N 180 
ILE HD13 H N N 181 
ILE HXT  H N N 182 
LEU N    N N N 183 
LEU CA   C N S 184 
LEU C    C N N 185 
LEU O    O N N 186 
LEU CB   C N N 187 
LEU CG   C N N 188 
LEU CD1  C N N 189 
LEU CD2  C N N 190 
LEU OXT  O N N 191 
LEU H    H N N 192 
LEU H2   H N N 193 
LEU HA   H N N 194 
LEU HB2  H N N 195 
LEU HB3  H N N 196 
LEU HG   H N N 197 
LEU HD11 H N N 198 
LEU HD12 H N N 199 
LEU HD13 H N N 200 
LEU HD21 H N N 201 
LEU HD22 H N N 202 
LEU HD23 H N N 203 
LEU HXT  H N N 204 
LYS N    N N N 205 
LYS CA   C N S 206 
LYS C    C N N 207 
LYS O    O N N 208 
LYS CB   C N N 209 
LYS CG   C N N 210 
LYS CD   C N N 211 
LYS CE   C N N 212 
LYS NZ   N N N 213 
LYS OXT  O N N 214 
LYS H    H N N 215 
LYS H2   H N N 216 
LYS HA   H N N 217 
LYS HB2  H N N 218 
LYS HB3  H N N 219 
LYS HG2  H N N 220 
LYS HG3  H N N 221 
LYS HD2  H N N 222 
LYS HD3  H N N 223 
LYS HE2  H N N 224 
LYS HE3  H N N 225 
LYS HZ1  H N N 226 
LYS HZ2  H N N 227 
LYS HZ3  H N N 228 
LYS HXT  H N N 229 
MET N    N N N 230 
MET CA   C N S 231 
MET C    C N N 232 
MET O    O N N 233 
MET CB   C N N 234 
MET CG   C N N 235 
MET SD   S N N 236 
MET CE   C N N 237 
MET OXT  O N N 238 
MET H    H N N 239 
MET H2   H N N 240 
MET HA   H N N 241 
MET HB2  H N N 242 
MET HB3  H N N 243 
MET HG2  H N N 244 
MET HG3  H N N 245 
MET HE1  H N N 246 
MET HE2  H N N 247 
MET HE3  H N N 248 
MET HXT  H N N 249 
PHE N    N N N 250 
PHE CA   C N S 251 
PHE C    C N N 252 
PHE O    O N N 253 
PHE CB   C N N 254 
PHE CG   C Y N 255 
PHE CD1  C Y N 256 
PHE CD2  C Y N 257 
PHE CE1  C Y N 258 
PHE CE2  C Y N 259 
PHE CZ   C Y N 260 
PHE OXT  O N N 261 
PHE H    H N N 262 
PHE H2   H N N 263 
PHE HA   H N N 264 
PHE HB2  H N N 265 
PHE HB3  H N N 266 
PHE HD1  H N N 267 
PHE HD2  H N N 268 
PHE HE1  H N N 269 
PHE HE2  H N N 270 
PHE HZ   H N N 271 
PHE HXT  H N N 272 
PRO N    N N N 273 
PRO CA   C N S 274 
PRO C    C N N 275 
PRO O    O N N 276 
PRO CB   C N N 277 
PRO CG   C N N 278 
PRO CD   C N N 279 
PRO OXT  O N N 280 
PRO H    H N N 281 
PRO HA   H N N 282 
PRO HB2  H N N 283 
PRO HB3  H N N 284 
PRO HG2  H N N 285 
PRO HG3  H N N 286 
PRO HD2  H N N 287 
PRO HD3  H N N 288 
PRO HXT  H N N 289 
SER N    N N N 290 
SER CA   C N S 291 
SER C    C N N 292 
SER O    O N N 293 
SER CB   C N N 294 
SER OG   O N N 295 
SER OXT  O N N 296 
SER H    H N N 297 
SER H2   H N N 298 
SER HA   H N N 299 
SER HB2  H N N 300 
SER HB3  H N N 301 
SER HG   H N N 302 
SER HXT  H N N 303 
THR N    N N N 304 
THR CA   C N S 305 
THR C    C N N 306 
THR O    O N N 307 
THR CB   C N R 308 
THR OG1  O N N 309 
THR CG2  C N N 310 
THR OXT  O N N 311 
THR H    H N N 312 
THR H2   H N N 313 
THR HA   H N N 314 
THR HB   H N N 315 
THR HG1  H N N 316 
THR HG21 H N N 317 
THR HG22 H N N 318 
THR HG23 H N N 319 
THR HXT  H N N 320 
TRP N    N N N 321 
TRP CA   C N S 322 
TRP C    C N N 323 
TRP O    O N N 324 
TRP CB   C N N 325 
TRP CG   C Y N 326 
TRP CD1  C Y N 327 
TRP CD2  C Y N 328 
TRP NE1  N Y N 329 
TRP CE2  C Y N 330 
TRP CE3  C Y N 331 
TRP CZ2  C Y N 332 
TRP CZ3  C Y N 333 
TRP CH2  C Y N 334 
TRP OXT  O N N 335 
TRP H    H N N 336 
TRP H2   H N N 337 
TRP HA   H N N 338 
TRP HB2  H N N 339 
TRP HB3  H N N 340 
TRP HD1  H N N 341 
TRP HE1  H N N 342 
TRP HE3  H N N 343 
TRP HZ2  H N N 344 
TRP HZ3  H N N 345 
TRP HH2  H N N 346 
TRP HXT  H N N 347 
TYR N    N N N 348 
TYR CA   C N S 349 
TYR C    C N N 350 
TYR O    O N N 351 
TYR CB   C N N 352 
TYR CG   C Y N 353 
TYR CD1  C Y N 354 
TYR CD2  C Y N 355 
TYR CE1  C Y N 356 
TYR CE2  C Y N 357 
TYR CZ   C Y N 358 
TYR OH   O N N 359 
TYR OXT  O N N 360 
TYR H    H N N 361 
TYR H2   H N N 362 
TYR HA   H N N 363 
TYR HB2  H N N 364 
TYR HB3  H N N 365 
TYR HD1  H N N 366 
TYR HD2  H N N 367 
TYR HE1  H N N 368 
TYR HE2  H N N 369 
TYR HH   H N N 370 
TYR HXT  H N N 371 
VAL N    N N N 372 
VAL CA   C N S 373 
VAL C    C N N 374 
VAL O    O N N 375 
VAL CB   C N N 376 
VAL CG1  C N N 377 
VAL CG2  C N N 378 
VAL OXT  O N N 379 
VAL H    H N N 380 
VAL H2   H N N 381 
VAL HA   H N N 382 
VAL HB   H N N 383 
VAL HG11 H N N 384 
VAL HG12 H N N 385 
VAL HG13 H N N 386 
VAL HG21 H N N 387 
VAL HG22 H N N 388 
VAL HG23 H N N 389 
VAL HXT  H N N 390 
# 
loop_
_chem_comp_bond.comp_id 
_chem_comp_bond.atom_id_1 
_chem_comp_bond.atom_id_2 
_chem_comp_bond.value_order 
_chem_comp_bond.pdbx_aromatic_flag 
_chem_comp_bond.pdbx_stereo_config 
_chem_comp_bond.pdbx_ordinal 
ALA N   CA   sing N N 1   
ALA N   H    sing N N 2   
ALA N   H2   sing N N 3   
ALA CA  C    sing N N 4   
ALA CA  CB   sing N N 5   
ALA CA  HA   sing N N 6   
ALA C   O    doub N N 7   
ALA C   OXT  sing N N 8   
ALA CB  HB1  sing N N 9   
ALA CB  HB2  sing N N 10  
ALA CB  HB3  sing N N 11  
ALA OXT HXT  sing N N 12  
ARG N   CA   sing N N 13  
ARG N   H    sing N N 14  
ARG N   H2   sing N N 15  
ARG CA  C    sing N N 16  
ARG CA  CB   sing N N 17  
ARG CA  HA   sing N N 18  
ARG C   O    doub N N 19  
ARG C   OXT  sing N N 20  
ARG CB  CG   sing N N 21  
ARG CB  HB2  sing N N 22  
ARG CB  HB3  sing N N 23  
ARG CG  CD   sing N N 24  
ARG CG  HG2  sing N N 25  
ARG CG  HG3  sing N N 26  
ARG CD  NE   sing N N 27  
ARG CD  HD2  sing N N 28  
ARG CD  HD3  sing N N 29  
ARG NE  CZ   sing N N 30  
ARG NE  HE   sing N N 31  
ARG CZ  NH1  sing N N 32  
ARG CZ  NH2  doub N N 33  
ARG NH1 HH11 sing N N 34  
ARG NH1 HH12 sing N N 35  
ARG NH2 HH21 sing N N 36  
ARG NH2 HH22 sing N N 37  
ARG OXT HXT  sing N N 38  
ASN N   CA   sing N N 39  
ASN N   H    sing N N 40  
ASN N   H2   sing N N 41  
ASN CA  C    sing N N 42  
ASN CA  CB   sing N N 43  
ASN CA  HA   sing N N 44  
ASN C   O    doub N N 45  
ASN C   OXT  sing N N 46  
ASN CB  CG   sing N N 47  
ASN CB  HB2  sing N N 48  
ASN CB  HB3  sing N N 49  
ASN CG  OD1  doub N N 50  
ASN CG  ND2  sing N N 51  
ASN ND2 HD21 sing N N 52  
ASN ND2 HD22 sing N N 53  
ASN OXT HXT  sing N N 54  
ASP N   CA   sing N N 55  
ASP N   H    sing N N 56  
ASP N   H2   sing N N 57  
ASP CA  C    sing N N 58  
ASP CA  CB   sing N N 59  
ASP CA  HA   sing N N 60  
ASP C   O    doub N N 61  
ASP C   OXT  sing N N 62  
ASP CB  CG   sing N N 63  
ASP CB  HB2  sing N N 64  
ASP CB  HB3  sing N N 65  
ASP CG  OD1  doub N N 66  
ASP CG  OD2  sing N N 67  
ASP OD2 HD2  sing N N 68  
ASP OXT HXT  sing N N 69  
CYS N   CA   sing N N 70  
CYS N   H    sing N N 71  
CYS N   H2   sing N N 72  
CYS CA  C    sing N N 73  
CYS CA  CB   sing N N 74  
CYS CA  HA   sing N N 75  
CYS C   O    doub N N 76  
CYS C   OXT  sing N N 77  
CYS CB  SG   sing N N 78  
CYS CB  HB2  sing N N 79  
CYS CB  HB3  sing N N 80  
CYS SG  HG   sing N N 81  
CYS OXT HXT  sing N N 82  
GLN N   CA   sing N N 83  
GLN N   H    sing N N 84  
GLN N   H2   sing N N 85  
GLN CA  C    sing N N 86  
GLN CA  CB   sing N N 87  
GLN CA  HA   sing N N 88  
GLN C   O    doub N N 89  
GLN C   OXT  sing N N 90  
GLN CB  CG   sing N N 91  
GLN CB  HB2  sing N N 92  
GLN CB  HB3  sing N N 93  
GLN CG  CD   sing N N 94  
GLN CG  HG2  sing N N 95  
GLN CG  HG3  sing N N 96  
GLN CD  OE1  doub N N 97  
GLN CD  NE2  sing N N 98  
GLN NE2 HE21 sing N N 99  
GLN NE2 HE22 sing N N 100 
GLN OXT HXT  sing N N 101 
GLU N   CA   sing N N 102 
GLU N   H    sing N N 103 
GLU N   H2   sing N N 104 
GLU CA  C    sing N N 105 
GLU CA  CB   sing N N 106 
GLU CA  HA   sing N N 107 
GLU C   O    doub N N 108 
GLU C   OXT  sing N N 109 
GLU CB  CG   sing N N 110 
GLU CB  HB2  sing N N 111 
GLU CB  HB3  sing N N 112 
GLU CG  CD   sing N N 113 
GLU CG  HG2  sing N N 114 
GLU CG  HG3  sing N N 115 
GLU CD  OE1  doub N N 116 
GLU CD  OE2  sing N N 117 
GLU OE2 HE2  sing N N 118 
GLU OXT HXT  sing N N 119 
GLY N   CA   sing N N 120 
GLY N   H    sing N N 121 
GLY N   H2   sing N N 122 
GLY CA  C    sing N N 123 
GLY CA  HA2  sing N N 124 
GLY CA  HA3  sing N N 125 
GLY C   O    doub N N 126 
GLY C   OXT  sing N N 127 
GLY OXT HXT  sing N N 128 
HIS N   CA   sing N N 129 
HIS N   H    sing N N 130 
HIS N   H2   sing N N 131 
HIS CA  C    sing N N 132 
HIS CA  CB   sing N N 133 
HIS CA  HA   sing N N 134 
HIS C   O    doub N N 135 
HIS C   OXT  sing N N 136 
HIS CB  CG   sing N N 137 
HIS CB  HB2  sing N N 138 
HIS CB  HB3  sing N N 139 
HIS CG  ND1  sing Y N 140 
HIS CG  CD2  doub Y N 141 
HIS ND1 CE1  doub Y N 142 
HIS ND1 HD1  sing N N 143 
HIS CD2 NE2  sing Y N 144 
HIS CD2 HD2  sing N N 145 
HIS CE1 NE2  sing Y N 146 
HIS CE1 HE1  sing N N 147 
HIS NE2 HE2  sing N N 148 
HIS OXT HXT  sing N N 149 
HOH O   H1   sing N N 150 
HOH O   H2   sing N N 151 
ILE N   CA   sing N N 152 
ILE N   H    sing N N 153 
ILE N   H2   sing N N 154 
ILE CA  C    sing N N 155 
ILE CA  CB   sing N N 156 
ILE CA  HA   sing N N 157 
ILE C   O    doub N N 158 
ILE C   OXT  sing N N 159 
ILE CB  CG1  sing N N 160 
ILE CB  CG2  sing N N 161 
ILE CB  HB   sing N N 162 
ILE CG1 CD1  sing N N 163 
ILE CG1 HG12 sing N N 164 
ILE CG1 HG13 sing N N 165 
ILE CG2 HG21 sing N N 166 
ILE CG2 HG22 sing N N 167 
ILE CG2 HG23 sing N N 168 
ILE CD1 HD11 sing N N 169 
ILE CD1 HD12 sing N N 170 
ILE CD1 HD13 sing N N 171 
ILE OXT HXT  sing N N 172 
LEU N   CA   sing N N 173 
LEU N   H    sing N N 174 
LEU N   H2   sing N N 175 
LEU CA  C    sing N N 176 
LEU CA  CB   sing N N 177 
LEU CA  HA   sing N N 178 
LEU C   O    doub N N 179 
LEU C   OXT  sing N N 180 
LEU CB  CG   sing N N 181 
LEU CB  HB2  sing N N 182 
LEU CB  HB3  sing N N 183 
LEU CG  CD1  sing N N 184 
LEU CG  CD2  sing N N 185 
LEU CG  HG   sing N N 186 
LEU CD1 HD11 sing N N 187 
LEU CD1 HD12 sing N N 188 
LEU CD1 HD13 sing N N 189 
LEU CD2 HD21 sing N N 190 
LEU CD2 HD22 sing N N 191 
LEU CD2 HD23 sing N N 192 
LEU OXT HXT  sing N N 193 
LYS N   CA   sing N N 194 
LYS N   H    sing N N 195 
LYS N   H2   sing N N 196 
LYS CA  C    sing N N 197 
LYS CA  CB   sing N N 198 
LYS CA  HA   sing N N 199 
LYS C   O    doub N N 200 
LYS C   OXT  sing N N 201 
LYS CB  CG   sing N N 202 
LYS CB  HB2  sing N N 203 
LYS CB  HB3  sing N N 204 
LYS CG  CD   sing N N 205 
LYS CG  HG2  sing N N 206 
LYS CG  HG3  sing N N 207 
LYS CD  CE   sing N N 208 
LYS CD  HD2  sing N N 209 
LYS CD  HD3  sing N N 210 
LYS CE  NZ   sing N N 211 
LYS CE  HE2  sing N N 212 
LYS CE  HE3  sing N N 213 
LYS NZ  HZ1  sing N N 214 
LYS NZ  HZ2  sing N N 215 
LYS NZ  HZ3  sing N N 216 
LYS OXT HXT  sing N N 217 
MET N   CA   sing N N 218 
MET N   H    sing N N 219 
MET N   H2   sing N N 220 
MET CA  C    sing N N 221 
MET CA  CB   sing N N 222 
MET CA  HA   sing N N 223 
MET C   O    doub N N 224 
MET C   OXT  sing N N 225 
MET CB  CG   sing N N 226 
MET CB  HB2  sing N N 227 
MET CB  HB3  sing N N 228 
MET CG  SD   sing N N 229 
MET CG  HG2  sing N N 230 
MET CG  HG3  sing N N 231 
MET SD  CE   sing N N 232 
MET CE  HE1  sing N N 233 
MET CE  HE2  sing N N 234 
MET CE  HE3  sing N N 235 
MET OXT HXT  sing N N 236 
PHE N   CA   sing N N 237 
PHE N   H    sing N N 238 
PHE N   H2   sing N N 239 
PHE CA  C    sing N N 240 
PHE CA  CB   sing N N 241 
PHE CA  HA   sing N N 242 
PHE C   O    doub N N 243 
PHE C   OXT  sing N N 244 
PHE CB  CG   sing N N 245 
PHE CB  HB2  sing N N 246 
PHE CB  HB3  sing N N 247 
PHE CG  CD1  doub Y N 248 
PHE CG  CD2  sing Y N 249 
PHE CD1 CE1  sing Y N 250 
PHE CD1 HD1  sing N N 251 
PHE CD2 CE2  doub Y N 252 
PHE CD2 HD2  sing N N 253 
PHE CE1 CZ   doub Y N 254 
PHE CE1 HE1  sing N N 255 
PHE CE2 CZ   sing Y N 256 
PHE CE2 HE2  sing N N 257 
PHE CZ  HZ   sing N N 258 
PHE OXT HXT  sing N N 259 
PRO N   CA   sing N N 260 
PRO N   CD   sing N N 261 
PRO N   H    sing N N 262 
PRO CA  C    sing N N 263 
PRO CA  CB   sing N N 264 
PRO CA  HA   sing N N 265 
PRO C   O    doub N N 266 
PRO C   OXT  sing N N 267 
PRO CB  CG   sing N N 268 
PRO CB  HB2  sing N N 269 
PRO CB  HB3  sing N N 270 
PRO CG  CD   sing N N 271 
PRO CG  HG2  sing N N 272 
PRO CG  HG3  sing N N 273 
PRO CD  HD2  sing N N 274 
PRO CD  HD3  sing N N 275 
PRO OXT HXT  sing N N 276 
SER N   CA   sing N N 277 
SER N   H    sing N N 278 
SER N   H2   sing N N 279 
SER CA  C    sing N N 280 
SER CA  CB   sing N N 281 
SER CA  HA   sing N N 282 
SER C   O    doub N N 283 
SER C   OXT  sing N N 284 
SER CB  OG   sing N N 285 
SER CB  HB2  sing N N 286 
SER CB  HB3  sing N N 287 
SER OG  HG   sing N N 288 
SER OXT HXT  sing N N 289 
THR N   CA   sing N N 290 
THR N   H    sing N N 291 
THR N   H2   sing N N 292 
THR CA  C    sing N N 293 
THR CA  CB   sing N N 294 
THR CA  HA   sing N N 295 
THR C   O    doub N N 296 
THR C   OXT  sing N N 297 
THR CB  OG1  sing N N 298 
THR CB  CG2  sing N N 299 
THR CB  HB   sing N N 300 
THR OG1 HG1  sing N N 301 
THR CG2 HG21 sing N N 302 
THR CG2 HG22 sing N N 303 
THR CG2 HG23 sing N N 304 
THR OXT HXT  sing N N 305 
TRP N   CA   sing N N 306 
TRP N   H    sing N N 307 
TRP N   H2   sing N N 308 
TRP CA  C    sing N N 309 
TRP CA  CB   sing N N 310 
TRP CA  HA   sing N N 311 
TRP C   O    doub N N 312 
TRP C   OXT  sing N N 313 
TRP CB  CG   sing N N 314 
TRP CB  HB2  sing N N 315 
TRP CB  HB3  sing N N 316 
TRP CG  CD1  doub Y N 317 
TRP CG  CD2  sing Y N 318 
TRP CD1 NE1  sing Y N 319 
TRP CD1 HD1  sing N N 320 
TRP CD2 CE2  doub Y N 321 
TRP CD2 CE3  sing Y N 322 
TRP NE1 CE2  sing Y N 323 
TRP NE1 HE1  sing N N 324 
TRP CE2 CZ2  sing Y N 325 
TRP CE3 CZ3  doub Y N 326 
TRP CE3 HE3  sing N N 327 
TRP CZ2 CH2  doub Y N 328 
TRP CZ2 HZ2  sing N N 329 
TRP CZ3 CH2  sing Y N 330 
TRP CZ3 HZ3  sing N N 331 
TRP CH2 HH2  sing N N 332 
TRP OXT HXT  sing N N 333 
TYR N   CA   sing N N 334 
TYR N   H    sing N N 335 
TYR N   H2   sing N N 336 
TYR CA  C    sing N N 337 
TYR CA  CB   sing N N 338 
TYR CA  HA   sing N N 339 
TYR C   O    doub N N 340 
TYR C   OXT  sing N N 341 
TYR CB  CG   sing N N 342 
TYR CB  HB2  sing N N 343 
TYR CB  HB3  sing N N 344 
TYR CG  CD1  doub Y N 345 
TYR CG  CD2  sing Y N 346 
TYR CD1 CE1  sing Y N 347 
TYR CD1 HD1  sing N N 348 
TYR CD2 CE2  doub Y N 349 
TYR CD2 HD2  sing N N 350 
TYR CE1 CZ   doub Y N 351 
TYR CE1 HE1  sing N N 352 
TYR CE2 CZ   sing Y N 353 
TYR CE2 HE2  sing N N 354 
TYR CZ  OH   sing N N 355 
TYR OH  HH   sing N N 356 
TYR OXT HXT  sing N N 357 
VAL N   CA   sing N N 358 
VAL N   H    sing N N 359 
VAL N   H2   sing N N 360 
VAL CA  C    sing N N 361 
VAL CA  CB   sing N N 362 
VAL CA  HA   sing N N 363 
VAL C   O    doub N N 364 
VAL C   OXT  sing N N 365 
VAL CB  CG1  sing N N 366 
VAL CB  CG2  sing N N 367 
VAL CB  HB   sing N N 368 
VAL CG1 HG11 sing N N 369 
VAL CG1 HG12 sing N N 370 
VAL CG1 HG13 sing N N 371 
VAL CG2 HG21 sing N N 372 
VAL CG2 HG22 sing N N 373 
VAL CG2 HG23 sing N N 374 
VAL OXT HXT  sing N N 375 
# 
_atom_sites.entry_id                    3GE9 
_atom_sites.fract_transf_matrix[1][1]   -0.00114269 
_atom_sites.fract_transf_matrix[1][2]   -0.00346401 
_atom_sites.fract_transf_matrix[1][3]   -0.00972012 
_atom_sites.fract_transf_matrix[2][1]   0.01011148 
_atom_sites.fract_transf_matrix[2][2]   0.00157518 
_atom_sites.fract_transf_matrix[2][3]   -0.00175006 
_atom_sites.fract_transf_matrix[3][1]   0.00309099 
_atom_sites.fract_transf_matrix[3][2]   -0.01450316 
_atom_sites.fract_transf_matrix[3][3]   0.00480519 
_atom_sites.fract_transf_vector[1]      -0.068584 
_atom_sites.fract_transf_vector[2]      -0.359082 
_atom_sites.fract_transf_vector[3]      -0.183224 
# 
loop_
_atom_type.symbol 
C 
N 
O 
S 
# 
loop_
_atom_site.group_PDB 
_atom_site.id 
_atom_site.type_symbol 
_atom_site.label_atom_id 
_atom_site.label_alt_id 
_atom_site.label_comp_id 
_atom_site.label_asym_id 
_atom_site.label_entity_id 
_atom_site.label_seq_id 
_atom_site.pdbx_PDB_ins_code 
_atom_site.Cartn_x 
_atom_site.Cartn_y 
_atom_site.Cartn_z 
_atom_site.occupancy 
_atom_site.B_iso_or_equiv 
_atom_site.pdbx_formal_charge 
_atom_site.auth_seq_id 
_atom_site.auth_comp_id 
_atom_site.auth_asym_id 
_atom_site.auth_atom_id 
_atom_site.pdbx_PDB_model_num 
ATOM   1    N N   . GLU A 1 8   ? 19.772  3.213   -10.444 1.00 51.71 ? 3   GLU A N   1 
ATOM   2    C CA  . GLU A 1 8   ? 19.253  4.506   -9.912  1.00 54.32 ? 3   GLU A CA  1 
ATOM   3    C C   . GLU A 1 8   ? 18.333  4.273   -8.716  1.00 51.67 ? 3   GLU A C   1 
ATOM   4    O O   . GLU A 1 8   ? 17.484  3.378   -8.739  1.00 53.18 ? 3   GLU A O   1 
ATOM   5    C CB  . GLU A 1 8   ? 18.515  5.279   -11.010 1.00 53.66 ? 3   GLU A CB  1 
ATOM   6    C CG  . GLU A 1 8   ? 18.309  6.761   -10.708 1.00 58.16 ? 3   GLU A CG  1 
ATOM   7    C CD  . GLU A 1 8   ? 17.336  7.434   -11.663 1.00 60.58 ? 3   GLU A CD  1 
ATOM   8    O OE1 . GLU A 1 8   ? 16.272  6.847   -11.955 1.00 62.59 ? 3   GLU A OE1 1 
ATOM   9    O OE2 . GLU A 1 8   ? 17.631  8.561   -12.114 1.00 68.05 ? 3   GLU A OE2 1 
ATOM   10   N N   . GLN A 1 9   ? 18.511  5.085   -7.679  1.00 49.24 ? 4   GLN A N   1 
ATOM   11   C CA  . GLN A 1 9   ? 17.717  4.979   -6.459  1.00 48.35 ? 4   GLN A CA  1 
ATOM   12   C C   . GLN A 1 9   ? 16.372  5.686   -6.607  1.00 48.40 ? 4   GLN A C   1 
ATOM   13   O O   . GLN A 1 9   ? 16.299  6.808   -7.116  1.00 49.04 ? 4   GLN A O   1 
ATOM   14   C CB  . GLN A 1 9   ? 18.487  5.553   -5.268  1.00 48.14 ? 4   GLN A CB  1 
ATOM   15   C CG  . GLN A 1 9   ? 17.821  5.319   -3.916  1.00 50.70 ? 4   GLN A CG  1 
ATOM   16   C CD  . GLN A 1 9   ? 18.541  6.001   -2.766  1.00 51.69 ? 4   GLN A CD  1 
ATOM   17   O OE1 . GLN A 1 9   ? 19.674  6.466   -2.908  1.00 51.65 ? 4   GLN A OE1 1 
ATOM   18   N NE2 . GLN A 1 9   ? 17.883  6.062   -1.614  1.00 48.63 ? 4   GLN A NE2 1 
ATOM   19   N N   . VAL A 1 10  ? 15.315  5.015   -6.161  1.00 47.22 ? 5   VAL A N   1 
ATOM   20   C CA  . VAL A 1 10  ? 13.973  5.593   -6.133  1.00 45.31 ? 5   VAL A CA  1 
ATOM   21   C C   . VAL A 1 10  ? 13.370  5.522   -4.732  1.00 45.44 ? 5   VAL A C   1 
ATOM   22   O O   . VAL A 1 10  ? 13.698  4.628   -3.946  1.00 43.73 ? 5   VAL A O   1 
ATOM   23   C CB  . VAL A 1 10  ? 13.016  4.920   -7.158  1.00 45.37 ? 5   VAL A CB  1 
ATOM   24   C CG1 . VAL A 1 10  ? 13.344  5.370   -8.578  1.00 43.40 ? 5   VAL A CG1 1 
ATOM   25   C CG2 . VAL A 1 10  ? 13.058  3.394   -7.043  1.00 42.34 ? 5   VAL A CG2 1 
ATOM   26   N N   . LYS A 1 11  ? 12.495  6.477   -4.426  1.00 46.19 ? 6   LYS A N   1 
ATOM   27   C CA  . LYS A 1 11  ? 11.792  6.508   -3.148  1.00 46.32 ? 6   LYS A CA  1 
ATOM   28   C C   . LYS A 1 11  ? 10.328  6.114   -3.311  1.00 45.48 ? 6   LYS A C   1 
ATOM   29   O O   . LYS A 1 11  ? 9.778   6.168   -4.414  1.00 44.44 ? 6   LYS A O   1 
ATOM   30   C CB  . LYS A 1 11  ? 11.905  7.892   -2.499  1.00 47.24 ? 6   LYS A CB  1 
ATOM   31   C CG  . LYS A 1 11  ? 13.236  8.162   -1.801  1.00 51.80 ? 6   LYS A CG  1 
ATOM   32   C CD  . LYS A 1 11  ? 13.365  7.376   -0.499  1.00 56.60 ? 6   LYS A CD  1 
ATOM   33   C CE  . LYS A 1 11  ? 14.702  7.630   0.185   1.00 57.31 ? 6   LYS A CE  1 
ATOM   34   N NZ  . LYS A 1 11  ? 14.745  8.951   0.872   1.00 63.64 ? 6   LYS A NZ  1 
ATOM   35   N N   . LEU A 1 12  ? 9.713   5.712   -2.200  1.00 44.35 ? 7   LEU A N   1 
ATOM   36   C CA  . LEU A 1 12  ? 8.305   5.329   -2.168  1.00 43.64 ? 7   LEU A CA  1 
ATOM   37   C C   . LEU A 1 12  ? 7.397   6.484   -2.586  1.00 44.01 ? 7   LEU A C   1 
ATOM   38   O O   . LEU A 1 12  ? 7.522   7.601   -2.080  1.00 45.25 ? 7   LEU A O   1 
ATOM   39   C CB  . LEU A 1 12  ? 7.924   4.841   -0.764  1.00 42.84 ? 7   LEU A CB  1 
ATOM   40   C CG  . LEU A 1 12  ? 6.472   4.446   -0.471  1.00 42.91 ? 7   LEU A CG  1 
ATOM   41   C CD1 . LEU A 1 12  ? 6.130   3.099   -1.090  1.00 37.91 ? 7   LEU A CD1 1 
ATOM   42   C CD2 . LEU A 1 12  ? 6.223   4.421   1.027   1.00 44.41 ? 7   LEU A CD2 1 
ATOM   43   N N   . SER A 1 13  ? 6.495   6.204   -3.524  1.00 43.54 ? 8   SER A N   1 
ATOM   44   C CA  . SER A 1 13  ? 5.427   7.136   -3.871  1.00 44.44 ? 8   SER A CA  1 
ATOM   45   C C   . SER A 1 13  ? 4.105   6.389   -4.020  1.00 45.41 ? 8   SER A C   1 
ATOM   46   O O   . SER A 1 13  ? 3.962   5.522   -4.887  1.00 45.63 ? 8   SER A O   1 
ATOM   47   C CB  . SER A 1 13  ? 5.766   7.926   -5.142  1.00 44.58 ? 8   SER A CB  1 
ATOM   48   O OG  . SER A 1 13  ? 5.855   7.078   -6.274  1.00 47.84 ? 8   SER A OG  1 
ATOM   49   N N   . VAL A 1 14  ? 3.153   6.727   -3.155  1.00 45.27 ? 9   VAL A N   1 
ATOM   50   C CA  . VAL A 1 14  ? 1.833   6.101   -3.153  1.00 45.66 ? 9   VAL A CA  1 
ATOM   51   C C   . VAL A 1 14  ? 0.785   7.119   -3.598  1.00 48.51 ? 9   VAL A C   1 
ATOM   52   O O   . VAL A 1 14  ? 0.698   8.216   -3.041  1.00 49.76 ? 9   VAL A O   1 
ATOM   53   C CB  . VAL A 1 14  ? 1.465   5.533   -1.753  1.00 44.78 ? 9   VAL A CB  1 
ATOM   54   C CG1 . VAL A 1 14  ? 0.126   4.802   -1.794  1.00 43.85 ? 9   VAL A CG1 1 
ATOM   55   C CG2 . VAL A 1 14  ? 2.558   4.598   -1.244  1.00 41.15 ? 9   VAL A CG2 1 
ATOM   56   N N   . GLU A 1 15  ? 0.001   6.751   -4.608  1.00 49.28 ? 10  GLU A N   1 
ATOM   57   C CA  . GLU A 1 15  ? -1.041  7.627   -5.141  1.00 50.82 ? 10  GLU A CA  1 
ATOM   58   C C   . GLU A 1 15  ? -2.411  6.957   -5.104  1.00 50.95 ? 10  GLU A C   1 
ATOM   59   O O   . GLU A 1 15  ? -2.573  5.831   -5.583  1.00 51.36 ? 10  GLU A O   1 
ATOM   60   C CB  . GLU A 1 15  ? -0.707  8.062   -6.574  1.00 52.09 ? 10  GLU A CB  1 
ATOM   61   C CG  . GLU A 1 15  ? 0.554   8.917   -6.715  1.00 58.25 ? 10  GLU A CG  1 
ATOM   62   C CD  . GLU A 1 15  ? 0.330   10.382  -6.372  1.00 68.73 ? 10  GLU A CD  1 
ATOM   63   O OE1 . GLU A 1 15  ? 0.480   11.231  -7.275  1.00 75.07 ? 10  GLU A OE1 1 
ATOM   64   O OE2 . GLU A 1 15  ? 0.007   10.689  -5.204  1.00 71.00 ? 10  GLU A OE2 1 
ATOM   65   N N   . LEU A 1 16  ? -3.387  7.652   -4.527  1.00 50.77 ? 11  LEU A N   1 
ATOM   66   C CA  . LEU A 1 16  ? -4.770  7.182   -4.508  1.00 50.07 ? 11  LEU A CA  1 
ATOM   67   C C   . LEU A 1 16  ? -5.405  7.454   -5.867  1.00 49.61 ? 11  LEU A C   1 
ATOM   68   O O   . LEU A 1 16  ? -5.621  8.610   -6.244  1.00 50.77 ? 11  LEU A O   1 
ATOM   69   C CB  . LEU A 1 16  ? -5.559  7.864   -3.383  1.00 49.80 ? 11  LEU A CB  1 
ATOM   70   C CG  . LEU A 1 16  ? -6.860  7.211   -2.895  1.00 52.86 ? 11  LEU A CG  1 
ATOM   71   C CD1 . LEU A 1 16  ? -7.074  7.492   -1.416  1.00 56.19 ? 11  LEU A CD1 1 
ATOM   72   C CD2 . LEU A 1 16  ? -8.072  7.660   -3.708  1.00 55.56 ? 11  LEU A CD2 1 
ATOM   73   N N   . ILE A 1 17  ? -5.694  6.382   -6.601  1.00 49.06 ? 12  ILE A N   1 
ATOM   74   C CA  . ILE A 1 17  ? -6.204  6.500   -7.968  1.00 48.50 ? 12  ILE A CA  1 
ATOM   75   C C   . ILE A 1 17  ? -7.690  6.164   -8.110  1.00 49.79 ? 12  ILE A C   1 
ATOM   76   O O   . ILE A 1 17  ? -8.309  6.502   -9.122  1.00 49.82 ? 12  ILE A O   1 
ATOM   77   C CB  . ILE A 1 17  ? -5.357  5.682   -8.987  1.00 48.91 ? 12  ILE A CB  1 
ATOM   78   C CG1 . ILE A 1 17  ? -5.347  4.189   -8.633  1.00 48.79 ? 12  ILE A CG1 1 
ATOM   79   C CG2 . ILE A 1 17  ? -3.939  6.245   -9.071  1.00 46.22 ? 12  ILE A CG2 1 
ATOM   80   C CD1 . ILE A 1 17  ? -4.881  3.283   -9.764  1.00 46.32 ? 12  ILE A CD1 1 
ATOM   81   N N   . ALA A 1 18  ? -8.256  5.506   -7.099  1.00 51.13 ? 13  ALA A N   1 
ATOM   82   C CA  . ALA A 1 18  ? -9.681  5.174   -7.106  1.00 52.39 ? 13  ALA A CA  1 
ATOM   83   C C   . ALA A 1 18  ? -10.314 5.142   -5.719  1.00 54.54 ? 13  ALA A C   1 
ATOM   84   O O   . ALA A 1 18  ? -9.696  4.712   -4.743  1.00 53.63 ? 13  ALA A O   1 
ATOM   85   C CB  . ALA A 1 18  ? -9.929  3.858   -7.835  1.00 50.84 ? 13  ALA A CB  1 
ATOM   86   N N   . CYS A 1 19  ? -11.556 5.614   -5.662  1.00 59.12 ? 14  CYS A N   1 
ATOM   87   C CA  . CYS A 1 19  ? -12.385 5.579   -4.466  1.00 60.16 ? 14  CYS A CA  1 
ATOM   88   C C   . CYS A 1 19  ? -13.825 5.346   -4.917  1.00 60.64 ? 14  CYS A C   1 
ATOM   89   O O   . CYS A 1 19  ? -14.128 5.450   -6.110  1.00 60.51 ? 14  CYS A O   1 
ATOM   90   C CB  . CYS A 1 19  ? -12.267 6.898   -3.699  1.00 60.26 ? 14  CYS A CB  1 
ATOM   91   S SG  . CYS A 1 19  ? -13.031 6.894   -2.065  1.00 66.41 ? 14  CYS A SG  1 
ATOM   92   N N   . SER A 1 20  ? -14.712 5.029   -3.976  1.00 61.36 ? 15  SER A N   1 
ATOM   93   C CA  . SER A 1 20  ? -16.109 4.750   -4.308  1.00 62.28 ? 15  SER A CA  1 
ATOM   94   C C   . SER A 1 20  ? -16.921 6.029   -4.511  1.00 63.81 ? 15  SER A C   1 
ATOM   95   O O   . SER A 1 20  ? -17.001 6.873   -3.614  1.00 64.23 ? 15  SER A O   1 
ATOM   96   C CB  . SER A 1 20  ? -16.754 3.872   -3.232  1.00 61.50 ? 15  SER A CB  1 
ATOM   97   O OG  . SER A 1 20  ? -16.119 2.608   -3.155  1.00 60.21 ? 15  SER A OG  1 
ATOM   98   N N   . SER A 1 21  ? -17.511 6.165   -5.697  1.00 65.48 ? 16  SER A N   1 
ATOM   99   C CA  . SER A 1 21  ? -18.438 7.258   -5.985  1.00 68.08 ? 16  SER A CA  1 
ATOM   100  C C   . SER A 1 21  ? -19.862 6.811   -5.673  1.00 68.93 ? 16  SER A C   1 
ATOM   101  O O   . SER A 1 21  ? -20.334 5.806   -6.206  1.00 69.49 ? 16  SER A O   1 
ATOM   102  C CB  . SER A 1 21  ? -18.327 7.704   -7.444  1.00 68.41 ? 16  SER A CB  1 
ATOM   103  O OG  . SER A 1 21  ? -18.649 6.645   -8.334  1.00 70.75 ? 16  SER A OG  1 
ATOM   104  N N   . PHE A 1 22  ? -20.539 7.566   -4.812  1.00 69.87 ? 17  PHE A N   1 
ATOM   105  C CA  . PHE A 1 22  ? -21.858 7.180   -4.316  1.00 70.42 ? 17  PHE A CA  1 
ATOM   106  C C   . PHE A 1 22  ? -22.994 8.016   -4.903  1.00 71.36 ? 17  PHE A C   1 
ATOM   107  O O   . PHE A 1 22  ? -22.876 9.235   -5.047  1.00 71.84 ? 17  PHE A O   1 
ATOM   108  C CB  . PHE A 1 22  ? -21.886 7.245   -2.783  1.00 70.11 ? 17  PHE A CB  1 
ATOM   109  C CG  . PHE A 1 22  ? -23.226 6.924   -2.179  1.00 69.62 ? 17  PHE A CG  1 
ATOM   110  C CD1 . PHE A 1 22  ? -23.660 5.607   -2.069  1.00 67.10 ? 17  PHE A CD1 1 
ATOM   111  C CD2 . PHE A 1 22  ? -24.053 7.942   -1.716  1.00 68.70 ? 17  PHE A CD2 1 
ATOM   112  C CE1 . PHE A 1 22  ? -24.898 5.308   -1.509  1.00 69.49 ? 17  PHE A CE1 1 
ATOM   113  C CE2 . PHE A 1 22  ? -25.291 7.653   -1.157  1.00 68.35 ? 17  PHE A CE2 1 
ATOM   114  C CZ  . PHE A 1 22  ? -25.716 6.334   -1.052  1.00 67.22 ? 17  PHE A CZ  1 
ATOM   115  N N   . THR A 1 23  ? -24.090 7.337   -5.238  1.00 72.44 ? 18  THR A N   1 
ATOM   116  C CA  . THR A 1 23  ? -25.341 7.985   -5.624  1.00 73.33 ? 18  THR A CA  1 
ATOM   117  C C   . THR A 1 23  ? -26.498 7.257   -4.932  1.00 73.80 ? 18  THR A C   1 
ATOM   118  O O   . THR A 1 23  ? -26.633 6.041   -5.078  1.00 72.34 ? 18  THR A O   1 
ATOM   119  C CB  . THR A 1 23  ? -25.556 7.965   -7.157  1.00 73.61 ? 18  THR A CB  1 
ATOM   120  O OG1 . THR A 1 23  ? -24.325 8.268   -7.826  1.00 74.45 ? 18  THR A OG1 1 
ATOM   121  C CG2 . THR A 1 23  ? -26.615 8.983   -7.572  1.00 72.92 ? 18  THR A CG2 1 
ATOM   122  N N   . PRO A 1 24  ? -27.333 7.994   -4.173  1.00 75.45 ? 19  PRO A N   1 
ATOM   123  C CA  . PRO A 1 24  ? -28.458 7.352   -3.487  1.00 76.35 ? 19  PRO A CA  1 
ATOM   124  C C   . PRO A 1 24  ? -29.563 6.969   -4.473  1.00 77.90 ? 19  PRO A C   1 
ATOM   125  O O   . PRO A 1 24  ? -29.667 7.590   -5.534  1.00 78.50 ? 19  PRO A O   1 
ATOM   126  C CB  . PRO A 1 24  ? -28.964 8.441   -2.527  1.00 76.08 ? 19  PRO A CB  1 
ATOM   127  C CG  . PRO A 1 24  ? -27.976 9.567   -2.605  1.00 76.03 ? 19  PRO A CG  1 
ATOM   128  C CD  . PRO A 1 24  ? -27.293 9.444   -3.919  1.00 75.19 ? 19  PRO A CD  1 
ATOM   129  N N   . PRO A 1 25  ? -30.377 5.946   -4.139  1.00 79.48 ? 20  PRO A N   1 
ATOM   130  C CA  . PRO A 1 25  ? -31.530 5.649   -4.994  1.00 80.72 ? 20  PRO A CA  1 
ATOM   131  C C   . PRO A 1 25  ? -32.546 6.788   -4.944  1.00 82.05 ? 20  PRO A C   1 
ATOM   132  O O   . PRO A 1 25  ? -32.719 7.414   -3.894  1.00 82.05 ? 20  PRO A O   1 
ATOM   133  C CB  . PRO A 1 25  ? -32.120 4.376   -4.374  1.00 80.57 ? 20  PRO A CB  1 
ATOM   134  C CG  . PRO A 1 25  ? -31.058 3.835   -3.475  1.00 79.62 ? 20  PRO A CG  1 
ATOM   135  C CD  . PRO A 1 25  ? -30.291 5.020   -2.996  1.00 79.27 ? 20  PRO A CD  1 
ATOM   136  N N   . ALA A 1 26  ? -33.203 7.050   -6.072  1.00 83.89 ? 21  ALA A N   1 
ATOM   137  C CA  . ALA A 1 26  ? -34.108 8.195   -6.211  1.00 85.57 ? 21  ALA A CA  1 
ATOM   138  C C   . ALA A 1 26  ? -35.285 8.169   -5.235  1.00 86.87 ? 21  ALA A C   1 
ATOM   139  O O   . ALA A 1 26  ? -35.609 9.187   -4.619  1.00 87.23 ? 21  ALA A O   1 
ATOM   140  C CB  . ALA A 1 26  ? -34.609 8.302   -7.650  1.00 84.96 ? 21  ALA A CB  1 
ATOM   141  N N   . ASP A 1 27  ? -35.910 7.002   -5.095  1.00 88.28 ? 22  ASP A N   1 
ATOM   142  C CA  . ASP A 1 27  ? -37.136 6.850   -4.307  1.00 89.55 ? 22  ASP A CA  1 
ATOM   143  C C   . ASP A 1 27  ? -36.907 6.769   -2.792  1.00 90.04 ? 22  ASP A C   1 
ATOM   144  O O   . ASP A 1 27  ? -37.846 6.949   -2.011  1.00 90.06 ? 22  ASP A O   1 
ATOM   145  C CB  . ASP A 1 27  ? -37.937 5.634   -4.793  1.00 89.60 ? 22  ASP A CB  1 
ATOM   146  C CG  . ASP A 1 27  ? -37.161 4.331   -4.677  1.00 90.18 ? 22  ASP A CG  1 
ATOM   147  O OD1 . ASP A 1 27  ? -36.009 4.264   -5.161  1.00 88.94 ? 22  ASP A OD1 1 
ATOM   148  O OD2 . ASP A 1 27  ? -37.712 3.364   -4.111  1.00 92.26 ? 22  ASP A OD2 1 
ATOM   149  N N   . VAL A 1 28  ? -35.668 6.497   -2.388  1.00 90.53 ? 23  VAL A N   1 
ATOM   150  C CA  . VAL A 1 28  ? -35.304 6.441   -0.971  1.00 90.94 ? 23  VAL A CA  1 
ATOM   151  C C   . VAL A 1 28  ? -35.184 7.856   -0.400  1.00 91.25 ? 23  VAL A C   1 
ATOM   152  O O   . VAL A 1 28  ? -34.480 8.703   -0.956  1.00 91.29 ? 23  VAL A O   1 
ATOM   153  C CB  . VAL A 1 28  ? -33.989 5.643   -0.741  1.00 91.01 ? 23  VAL A CB  1 
ATOM   154  C CG1 . VAL A 1 28  ? -33.604 5.629   0.737   1.00 90.08 ? 23  VAL A CG1 1 
ATOM   155  C CG2 . VAL A 1 28  ? -34.132 4.218   -1.255  1.00 90.63 ? 23  VAL A CG2 1 
ATOM   156  N N   . GLU A 1 29  ? -35.887 8.099   0.706   1.00 91.89 ? 24  GLU A N   1 
ATOM   157  C CA  . GLU A 1 29  ? -35.905 9.407   1.365   1.00 92.66 ? 24  GLU A CA  1 
ATOM   158  C C   . GLU A 1 29  ? -34.757 9.544   2.372   1.00 92.35 ? 24  GLU A C   1 
ATOM   159  O O   . GLU A 1 29  ? -34.911 9.239   3.559   1.00 92.40 ? 24  GLU A O   1 
ATOM   160  C CB  . GLU A 1 29  ? -37.267 9.649   2.036   1.00 92.63 ? 24  GLU A CB  1 
ATOM   161  C CG  . GLU A 1 29  ? -37.761 8.493   2.915   1.00 93.96 ? 24  GLU A CG  1 
ATOM   162  C CD  . GLU A 1 29  ? -39.218 8.628   3.323   1.00 94.09 ? 24  GLU A CD  1 
ATOM   163  O OE1 . GLU A 1 29  ? -39.648 9.746   3.682   1.00 97.22 ? 24  GLU A OE1 1 
ATOM   164  O OE2 . GLU A 1 29  ? -39.934 7.604   3.292   1.00 95.09 ? 24  GLU A OE2 1 
ATOM   165  N N   . TRP A 1 30  ? -33.606 10.011  1.889   1.00 92.24 ? 25  TRP A N   1 
ATOM   166  C CA  . TRP A 1 30  ? -32.383 10.026  2.693   1.00 91.94 ? 25  TRP A CA  1 
ATOM   167  C C   . TRP A 1 30  ? -31.338 10.994  2.128   1.00 91.51 ? 25  TRP A C   1 
ATOM   168  O O   . TRP A 1 30  ? -31.066 10.999  0.924   1.00 90.91 ? 25  TRP A O   1 
ATOM   169  C CB  . TRP A 1 30  ? -31.832 8.596   2.803   1.00 91.78 ? 25  TRP A CB  1 
ATOM   170  C CG  . TRP A 1 30  ? -30.498 8.456   3.468   1.00 91.73 ? 25  TRP A CG  1 
ATOM   171  C CD1 . TRP A 1 30  ? -30.257 8.213   4.790   1.00 91.52 ? 25  TRP A CD1 1 
ATOM   172  C CD2 . TRP A 1 30  ? -29.220 8.513   2.830   1.00 91.15 ? 25  TRP A CD2 1 
ATOM   173  N NE1 . TRP A 1 30  ? -28.903 8.129   5.017   1.00 90.90 ? 25  TRP A NE1 1 
ATOM   174  C CE2 . TRP A 1 30  ? -28.243 8.310   3.829   1.00 90.58 ? 25  TRP A CE2 1 
ATOM   175  C CE3 . TRP A 1 30  ? -28.804 8.723   1.509   1.00 90.77 ? 25  TRP A CE3 1 
ATOM   176  C CZ2 . TRP A 1 30  ? -26.874 8.313   3.550   1.00 90.25 ? 25  TRP A CZ2 1 
ATOM   177  C CZ3 . TRP A 1 30  ? -27.445 8.728   1.232   1.00 90.83 ? 25  TRP A CZ3 1 
ATOM   178  C CH2 . TRP A 1 30  ? -26.496 8.521   2.248   1.00 89.77 ? 25  TRP A CH2 1 
ATOM   179  N N   . SER A 1 31  ? -30.768 11.808  3.014   1.00 91.08 ? 26  SER A N   1 
ATOM   180  C CA  . SER A 1 31  ? -29.753 12.798  2.653   1.00 90.70 ? 26  SER A CA  1 
ATOM   181  C C   . SER A 1 31  ? -28.603 12.789  3.663   1.00 90.07 ? 26  SER A C   1 
ATOM   182  O O   . SER A 1 31  ? -28.807 12.477  4.839   1.00 90.00 ? 26  SER A O   1 
ATOM   183  C CB  . SER A 1 31  ? -30.379 14.194  2.574   1.00 90.71 ? 26  SER A CB  1 
ATOM   184  O OG  . SER A 1 31  ? -29.451 15.149  2.088   1.00 91.08 ? 26  SER A OG  1 
ATOM   185  N N   . THR A 1 32  ? -27.402 13.130  3.198   1.00 89.40 ? 27  THR A N   1 
ATOM   186  C CA  . THR A 1 32  ? -26.207 13.135  4.050   1.00 88.70 ? 27  THR A CA  1 
ATOM   187  C C   . THR A 1 32  ? -25.266 14.309  3.751   1.00 88.30 ? 27  THR A C   1 
ATOM   188  O O   . THR A 1 32  ? -25.324 14.905  2.670   1.00 88.09 ? 27  THR A O   1 
ATOM   189  C CB  . THR A 1 32  ? -25.432 11.791  3.965   1.00 88.80 ? 27  THR A CB  1 
ATOM   190  O OG1 . THR A 1 32  ? -24.395 11.769  4.954   1.00 88.00 ? 27  THR A OG1 1 
ATOM   191  C CG2 . THR A 1 32  ? -24.818 11.593  2.581   1.00 88.17 ? 27  THR A CG2 1 
ATOM   192  N N   . ASP A 1 33  ? -24.402 14.625  4.715   1.00 87.60 ? 28  ASP A N   1 
ATOM   193  C CA  . ASP A 1 33  ? -23.472 15.752  4.598   1.00 87.13 ? 28  ASP A CA  1 
ATOM   194  C C   . ASP A 1 33  ? -22.219 15.453  3.767   1.00 86.54 ? 28  ASP A C   1 
ATOM   195  O O   . ASP A 1 33  ? -21.640 16.365  3.173   1.00 86.67 ? 28  ASP A O   1 
ATOM   196  C CB  . ASP A 1 33  ? -23.085 16.295  5.984   1.00 87.28 ? 28  ASP A CB  1 
ATOM   197  C CG  . ASP A 1 33  ? -22.662 15.200  6.955   1.00 87.30 ? 28  ASP A CG  1 
ATOM   198  O OD1 . ASP A 1 33  ? -23.451 14.258  7.186   1.00 87.86 ? 28  ASP A OD1 1 
ATOM   199  O OD2 . ASP A 1 33  ? -21.544 15.295  7.505   1.00 86.49 ? 28  ASP A OD2 1 
ATOM   200  N N   . VAL A 1 34  ? -21.808 14.185  3.720   1.00 85.56 ? 29  VAL A N   1 
ATOM   201  C CA  . VAL A 1 34  ? -20.568 13.799  3.038   1.00 84.54 ? 29  VAL A CA  1 
ATOM   202  C C   . VAL A 1 34  ? -20.819 13.236  1.627   1.00 83.61 ? 29  VAL A C   1 
ATOM   203  O O   . VAL A 1 34  ? -21.940 12.839  1.298   1.00 83.74 ? 29  VAL A O   1 
ATOM   204  C CB  . VAL A 1 34  ? -19.730 12.815  3.907   1.00 84.66 ? 29  VAL A CB  1 
ATOM   205  C CG1 . VAL A 1 34  ? -20.127 11.366  3.633   1.00 84.13 ? 29  VAL A CG1 1 
ATOM   206  C CG2 . VAL A 1 34  ? -18.233 13.024  3.678   1.00 84.93 ? 29  VAL A CG2 1 
ATOM   207  N N   . GLU A 1 35  ? -19.769 13.215  0.804   1.00 82.63 ? 30  GLU A N   1 
ATOM   208  C CA  . GLU A 1 35  ? -19.853 12.728  -0.574  1.00 81.74 ? 30  GLU A CA  1 
ATOM   209  C C   . GLU A 1 35  ? -18.882 11.577  -0.836  1.00 80.24 ? 30  GLU A C   1 
ATOM   210  O O   . GLU A 1 35  ? -17.695 11.670  -0.513  1.00 81.11 ? 30  GLU A O   1 
ATOM   211  C CB  . GLU A 1 35  ? -19.575 13.867  -1.561  1.00 81.87 ? 30  GLU A CB  1 
ATOM   212  C CG  . GLU A 1 35  ? -20.693 14.894  -1.696  1.00 83.55 ? 30  GLU A CG  1 
ATOM   213  C CD  . GLU A 1 35  ? -21.778 14.459  -2.663  1.00 86.74 ? 30  GLU A CD  1 
ATOM   214  O OE1 . GLU A 1 35  ? -21.748 14.906  -3.830  1.00 86.67 ? 30  GLU A OE1 1 
ATOM   215  O OE2 . GLU A 1 35  ? -22.657 13.666  -2.260  1.00 88.59 ? 30  GLU A OE2 1 
ATOM   216  N N   . GLY A 1 36  ? -19.394 10.495  -1.420  1.00 77.36 ? 31  GLY A N   1 
ATOM   217  C CA  . GLY A 1 36  ? -18.558 9.375   -1.845  1.00 74.27 ? 31  GLY A CA  1 
ATOM   218  C C   . GLY A 1 36  ? -18.612 8.151   -0.950  1.00 71.82 ? 31  GLY A C   1 
ATOM   219  O O   . GLY A 1 36  ? -19.689 7.723   -0.530  1.00 72.06 ? 31  GLY A O   1 
ATOM   220  N N   . ALA A 1 37  ? -17.436 7.601   -0.653  1.00 68.80 ? 32  ALA A N   1 
ATOM   221  C CA  . ALA A 1 37  ? -17.302 6.318   0.043   1.00 65.94 ? 32  ALA A CA  1 
ATOM   222  C C   . ALA A 1 37  ? -17.901 6.282   1.449   1.00 63.96 ? 32  ALA A C   1 
ATOM   223  O O   . ALA A 1 37  ? -18.435 5.253   1.866   1.00 62.80 ? 32  ALA A O   1 
ATOM   224  C CB  . ALA A 1 37  ? -15.844 5.888   0.079   1.00 65.71 ? 32  ALA A CB  1 
ATOM   225  N N   . GLU A 1 38  ? -17.810 7.396   2.171   1.00 62.04 ? 33  GLU A N   1 
ATOM   226  C CA  . GLU A 1 38  ? -18.336 7.477   3.537   1.00 60.94 ? 33  GLU A CA  1 
ATOM   227  C C   . GLU A 1 38  ? -19.861 7.560   3.567   1.00 59.88 ? 33  GLU A C   1 
ATOM   228  O O   . GLU A 1 38  ? -20.494 7.114   4.528   1.00 58.07 ? 33  GLU A O   1 
ATOM   229  C CB  . GLU A 1 38  ? -17.715 8.655   4.290   1.00 60.45 ? 33  GLU A CB  1 
ATOM   230  C CG  . GLU A 1 38  ? -16.238 8.471   4.614   1.00 61.40 ? 33  GLU A CG  1 
ATOM   231  C CD  . GLU A 1 38  ? -15.683 9.571   5.499   1.00 62.62 ? 33  GLU A CD  1 
ATOM   232  O OE1 . GLU A 1 38  ? -15.963 10.761  5.231   1.00 61.99 ? 33  GLU A OE1 1 
ATOM   233  O OE2 . GLU A 1 38  ? -14.957 9.245   6.463   1.00 62.59 ? 33  GLU A OE2 1 
ATOM   234  N N   . ALA A 1 39  ? -20.438 8.135   2.513   1.00 59.53 ? 34  ALA A N   1 
ATOM   235  C CA  . ALA A 1 39  ? -21.887 8.156   2.329   1.00 59.50 ? 34  ALA A CA  1 
ATOM   236  C C   . ALA A 1 39  ? -22.404 6.759   1.992   1.00 59.72 ? 34  ALA A C   1 
ATOM   237  O O   . ALA A 1 39  ? -23.520 6.393   2.374   1.00 60.82 ? 34  ALA A O   1 
ATOM   238  C CB  . ALA A 1 39  ? -22.267 9.145   1.240   1.00 59.02 ? 34  ALA A CB  1 
ATOM   239  N N   . LEU A 1 40  ? -21.583 5.988   1.277   1.00 59.27 ? 35  LEU A N   1 
ATOM   240  C CA  . LEU A 1 40  ? -21.900 4.605   0.922   1.00 59.00 ? 35  LEU A CA  1 
ATOM   241  C C   . LEU A 1 40  ? -21.937 3.693   2.149   1.00 58.95 ? 35  LEU A C   1 
ATOM   242  O O   . LEU A 1 40  ? -22.860 2.890   2.301   1.00 58.20 ? 35  LEU A O   1 
ATOM   243  C CB  . LEU A 1 40  ? -20.901 4.073   -0.117  1.00 59.06 ? 35  LEU A CB  1 
ATOM   244  C CG  . LEU A 1 40  ? -20.952 2.593   -0.519  1.00 58.60 ? 35  LEU A CG  1 
ATOM   245  C CD1 . LEU A 1 40  ? -22.245 2.247   -1.254  1.00 54.94 ? 35  LEU A CD1 1 
ATOM   246  C CD2 . LEU A 1 40  ? -19.745 2.239   -1.370  1.00 58.36 ? 35  LEU A CD2 1 
ATOM   247  N N   . VAL A 1 41  ? -20.930 3.825   3.014   1.00 60.10 ? 36  VAL A N   1 
ATOM   248  C CA  . VAL A 1 41  ? -20.860 3.060   4.262   1.00 60.95 ? 36  VAL A CA  1 
ATOM   249  C C   . VAL A 1 41  ? -22.016 3.439   5.193   1.00 62.43 ? 36  VAL A C   1 
ATOM   250  O O   . VAL A 1 41  ? -22.551 2.587   5.907   1.00 62.96 ? 36  VAL A O   1 
ATOM   251  C CB  . VAL A 1 41  ? -19.491 3.241   4.980   1.00 60.90 ? 36  VAL A CB  1 
ATOM   252  C CG1 . VAL A 1 41  ? -19.443 2.452   6.287   1.00 60.68 ? 36  VAL A CG1 1 
ATOM   253  C CG2 . VAL A 1 41  ? -18.349 2.803   4.075   1.00 60.27 ? 36  VAL A CG2 1 
ATOM   254  N N   . GLU A 1 42  ? -22.404 4.715   5.166   1.00 63.82 ? 37  GLU A N   1 
ATOM   255  C CA  . GLU A 1 42  ? -23.540 5.195   5.951   1.00 65.34 ? 37  GLU A CA  1 
ATOM   256  C C   . GLU A 1 42  ? -24.867 4.637   5.431   1.00 65.87 ? 37  GLU A C   1 
ATOM   257  O O   . GLU A 1 42  ? -25.730 4.253   6.224   1.00 66.27 ? 37  GLU A O   1 
ATOM   258  C CB  . GLU A 1 42  ? -23.586 6.724   5.983   1.00 65.62 ? 37  GLU A CB  1 
ATOM   259  C CG  . GLU A 1 42  ? -24.461 7.283   7.104   1.00 68.62 ? 37  GLU A CG  1 
ATOM   260  C CD  . GLU A 1 42  ? -24.936 8.701   6.846   1.00 71.46 ? 37  GLU A CD  1 
ATOM   261  O OE1 . GLU A 1 42  ? -24.122 9.540   6.404   1.00 73.31 ? 37  GLU A OE1 1 
ATOM   262  O OE2 . GLU A 1 42  ? -26.128 8.979   7.094   1.00 72.25 ? 37  GLU A OE2 1 
ATOM   263  N N   . PHE A 1 43  ? -25.024 4.599   4.107   1.00 66.33 ? 38  PHE A N   1 
ATOM   264  C CA  . PHE A 1 43  ? -26.226 4.038   3.489   1.00 67.08 ? 38  PHE A CA  1 
ATOM   265  C C   . PHE A 1 43  ? -26.359 2.551   3.803   1.00 67.94 ? 38  PHE A C   1 
ATOM   266  O O   . PHE A 1 43  ? -27.440 2.086   4.167   1.00 68.36 ? 38  PHE A O   1 
ATOM   267  C CB  . PHE A 1 43  ? -26.235 4.262   1.971   1.00 66.54 ? 38  PHE A CB  1 
ATOM   268  C CG  . PHE A 1 43  ? -27.480 3.750   1.289   1.00 66.93 ? 38  PHE A CG  1 
ATOM   269  C CD1 . PHE A 1 43  ? -28.628 4.534   1.232   1.00 68.97 ? 38  PHE A CD1 1 
ATOM   270  C CD2 . PHE A 1 43  ? -27.504 2.483   0.711   1.00 65.31 ? 38  PHE A CD2 1 
ATOM   271  C CE1 . PHE A 1 43  ? -29.783 4.065   0.606   1.00 68.53 ? 38  PHE A CE1 1 
ATOM   272  C CE2 . PHE A 1 43  ? -28.653 2.005   0.085   1.00 64.50 ? 38  PHE A CE2 1 
ATOM   273  C CZ  . PHE A 1 43  ? -29.795 2.799   0.033   1.00 67.57 ? 38  PHE A CZ  1 
ATOM   274  N N   . ALA A 1 44  ? -25.254 1.821   3.665   1.00 68.52 ? 39  ALA A N   1 
ATOM   275  C CA  . ALA A 1 44  ? -25.211 0.384   3.939   1.00 69.25 ? 39  ALA A CA  1 
ATOM   276  C C   . ALA A 1 44  ? -25.559 0.056   5.391   1.00 70.20 ? 39  ALA A C   1 
ATOM   277  O O   . ALA A 1 44  ? -26.169 -0.978  5.670   1.00 70.20 ? 39  ALA A O   1 
ATOM   278  C CB  . ALA A 1 44  ? -23.847 -0.183  3.578   1.00 68.66 ? 39  ALA A CB  1 
ATOM   279  N N   . GLY A 1 45  ? -25.167 0.944   6.304   1.00 71.35 ? 40  GLY A N   1 
ATOM   280  C CA  . GLY A 1 45  ? -25.464 0.794   7.728   1.00 72.84 ? 40  GLY A CA  1 
ATOM   281  C C   . GLY A 1 45  ? -26.930 1.000   8.057   1.00 73.93 ? 40  GLY A C   1 
ATOM   282  O O   . GLY A 1 45  ? -27.530 0.199   8.778   1.00 72.96 ? 40  GLY A O   1 
ATOM   283  N N   . ARG A 1 46  ? -27.502 2.080   7.526   1.00 74.84 ? 41  ARG A N   1 
ATOM   284  C CA  . ARG A 1 46  ? -28.912 2.414   7.741   1.00 76.25 ? 41  ARG A CA  1 
ATOM   285  C C   . ARG A 1 46  ? -29.850 1.469   6.990   1.00 76.44 ? 41  ARG A C   1 
ATOM   286  O O   . ARG A 1 46  ? -31.005 1.292   7.386   1.00 76.52 ? 41  ARG A O   1 
ATOM   287  C CB  . ARG A 1 46  ? -29.200 3.864   7.334   1.00 76.48 ? 41  ARG A CB  1 
ATOM   288  C CG  . ARG A 1 46  ? -28.463 4.923   8.150   1.00 76.42 ? 41  ARG A CG  1 
ATOM   289  C CD  . ARG A 1 46  ? -29.124 6.289   8.001   1.00 76.85 ? 41  ARG A CD  1 
ATOM   290  N NE  . ARG A 1 46  ? -28.272 7.382   8.470   1.00 78.05 ? 41  ARG A NE  1 
ATOM   291  C CZ  . ARG A 1 46  ? -28.182 7.792   9.733   1.00 80.40 ? 41  ARG A CZ  1 
ATOM   292  N NH1 . ARG A 1 46  ? -28.888 7.200   10.692  1.00 80.05 ? 41  ARG A NH1 1 
ATOM   293  N NH2 . ARG A 1 46  ? -27.375 8.798   10.044  1.00 82.10 ? 41  ARG A NH2 1 
ATOM   294  N N   . ALA A 1 47  ? -29.348 0.867   5.911   1.00 76.72 ? 42  ALA A N   1 
ATOM   295  C CA  . ALA A 1 47  ? -30.125 -0.069  5.090   1.00 76.61 ? 42  ALA A CA  1 
ATOM   296  C C   . ALA A 1 47  ? -30.406 -1.395  5.802   1.00 76.77 ? 42  ALA A C   1 
ATOM   297  O O   . ALA A 1 47  ? -31.255 -2.174  5.361   1.00 76.66 ? 42  ALA A O   1 
ATOM   298  C CB  . ALA A 1 47  ? -29.430 -0.318  3.758   1.00 75.84 ? 42  ALA A CB  1 
ATOM   299  N N   . CYS A 1 48  ? -29.686 -1.642  6.895   1.00 77.41 ? 43  CYS A N   1 
ATOM   300  C CA  . CYS A 1 48  ? -29.931 -2.803  7.747   1.00 78.76 ? 43  CYS A CA  1 
ATOM   301  C C   . CYS A 1 48  ? -31.241 -2.671  8.526   1.00 79.70 ? 43  CYS A C   1 
ATOM   302  O O   . CYS A 1 48  ? -31.808 -3.672  8.970   1.00 80.23 ? 43  CYS A O   1 
ATOM   303  C CB  . CYS A 1 48  ? -28.762 -3.014  8.713   1.00 78.61 ? 43  CYS A CB  1 
ATOM   304  S SG  . CYS A 1 48  ? -27.184 -3.380  7.907   1.00 78.84 ? 43  CYS A SG  1 
ATOM   305  N N   . TYR A 1 49  ? -31.716 -1.435  8.684   1.00 80.50 ? 44  TYR A N   1 
ATOM   306  C CA  . TYR A 1 49  ? -32.930 -1.158  9.451   1.00 81.14 ? 44  TYR A CA  1 
ATOM   307  C C   . TYR A 1 49  ? -33.936 -0.324  8.656   1.00 80.66 ? 44  TYR A C   1 
ATOM   308  O O   . TYR A 1 49  ? -33.721 0.861   8.399   1.00 80.38 ? 44  TYR A O   1 
ATOM   309  C CB  . TYR A 1 49  ? -32.586 -0.470  10.778  1.00 81.51 ? 44  TYR A CB  1 
ATOM   310  C CG  . TYR A 1 49  ? -31.453 -1.128  11.537  1.00 84.14 ? 44  TYR A CG  1 
ATOM   311  C CD1 . TYR A 1 49  ? -31.663 -2.298  12.268  1.00 86.96 ? 44  TYR A CD1 1 
ATOM   312  C CD2 . TYR A 1 49  ? -30.168 -0.585  11.517  1.00 85.48 ? 44  TYR A CD2 1 
ATOM   313  C CE1 . TYR A 1 49  ? -30.622 -2.909  12.961  1.00 88.90 ? 44  TYR A CE1 1 
ATOM   314  C CE2 . TYR A 1 49  ? -29.121 -1.188  12.207  1.00 88.16 ? 44  TYR A CE2 1 
ATOM   315  C CZ  . TYR A 1 49  ? -29.356 -2.349  12.927  1.00 89.50 ? 44  TYR A CZ  1 
ATOM   316  O OH  . TYR A 1 49  ? -28.324 -2.949  13.612  1.00 89.76 ? 44  TYR A OH  1 
ATOM   317  N N   . ALA A 1 60  ? -26.454 11.015  14.103  1.00 91.98 ? 55  ALA A N   1 
ATOM   318  C CA  . ALA A 1 60  ? -27.282 11.857  13.246  1.00 92.33 ? 55  ALA A CA  1 
ATOM   319  C C   . ALA A 1 60  ? -26.571 12.194  11.936  1.00 92.34 ? 55  ALA A C   1 
ATOM   320  O O   . ALA A 1 60  ? -27.073 11.885  10.853  1.00 92.78 ? 55  ALA A O   1 
ATOM   321  C CB  . ALA A 1 60  ? -27.694 13.128  13.983  1.00 92.46 ? 55  ALA A CB  1 
ATOM   322  N N   . SER A 1 61  ? -25.403 12.828  12.044  1.00 91.56 ? 56  SER A N   1 
ATOM   323  C CA  . SER A 1 61  ? -24.583 13.164  10.881  1.00 90.52 ? 56  SER A CA  1 
ATOM   324  C C   . SER A 1 61  ? -23.705 11.979  10.476  1.00 89.59 ? 56  SER A C   1 
ATOM   325  O O   . SER A 1 61  ? -23.643 10.977  11.192  1.00 89.11 ? 56  SER A O   1 
ATOM   326  C CB  . SER A 1 61  ? -23.721 14.396  11.173  1.00 90.71 ? 56  SER A CB  1 
ATOM   327  O OG  . SER A 1 61  ? -22.854 14.170  12.270  1.00 90.57 ? 56  SER A OG  1 
ATOM   328  N N   . ASN A 1 62  ? -23.038 12.099  9.328   1.00 88.59 ? 57  ASN A N   1 
ATOM   329  C CA  . ASN A 1 62  ? -22.159 11.046  8.814   1.00 87.88 ? 57  ASN A CA  1 
ATOM   330  C C   . ASN A 1 62  ? -21.043 10.665  9.786   1.00 87.33 ? 57  ASN A C   1 
ATOM   331  O O   . ASN A 1 62  ? -20.873 9.489   10.115  1.00 87.12 ? 57  ASN A O   1 
ATOM   332  C CB  . ASN A 1 62  ? -21.557 11.452  7.463   1.00 88.08 ? 57  ASN A CB  1 
ATOM   333  C CG  . ASN A 1 62  ? -20.587 10.416  6.921   1.00 88.37 ? 57  ASN A CG  1 
ATOM   334  O OD1 . ASN A 1 62  ? -20.986 9.320   6.524   1.00 88.15 ? 57  ASN A OD1 1 
ATOM   335  N ND2 . ASN A 1 62  ? -19.305 10.763  6.896   1.00 89.36 ? 57  ASN A ND2 1 
ATOM   336  N N   . ALA A 1 63  ? -20.296 11.671  10.242  1.00 86.79 ? 58  ALA A N   1 
ATOM   337  C CA  . ALA A 1 63  ? -19.160 11.473  11.144  1.00 86.17 ? 58  ALA A CA  1 
ATOM   338  C C   . ALA A 1 63  ? -19.573 10.908  12.502  1.00 86.01 ? 58  ALA A C   1 
ATOM   339  O O   . ALA A 1 63  ? -18.822 10.147  13.116  1.00 86.34 ? 58  ALA A O   1 
ATOM   340  C CB  . ALA A 1 63  ? -18.390 12.776  11.320  1.00 86.22 ? 58  ALA A CB  1 
ATOM   341  N N   . ALA A 1 64  ? -20.763 11.289  12.961  1.00 85.43 ? 59  ALA A N   1 
ATOM   342  C CA  . ALA A 1 64  ? -21.328 10.756  14.198  1.00 84.98 ? 59  ALA A CA  1 
ATOM   343  C C   . ALA A 1 64  ? -21.757 9.300   14.026  1.00 84.51 ? 59  ALA A C   1 
ATOM   344  O O   . ALA A 1 64  ? -21.652 8.499   14.960  1.00 84.18 ? 59  ALA A O   1 
ATOM   345  C CB  . ALA A 1 64  ? -22.503 11.609  14.657  1.00 85.10 ? 59  ALA A CB  1 
ATOM   346  N N   . TYR A 1 65  ? -22.232 8.965   12.828  1.00 84.23 ? 60  TYR A N   1 
ATOM   347  C CA  . TYR A 1 65  ? -22.726 7.621   12.537  1.00 84.36 ? 60  TYR A CA  1 
ATOM   348  C C   . TYR A 1 65  ? -21.606 6.610   12.305  1.00 84.31 ? 60  TYR A C   1 
ATOM   349  O O   . TYR A 1 65  ? -21.705 5.462   12.746  1.00 83.68 ? 60  TYR A O   1 
ATOM   350  C CB  . TYR A 1 65  ? -23.689 7.639   11.344  1.00 84.48 ? 60  TYR A CB  1 
ATOM   351  C CG  . TYR A 1 65  ? -24.446 6.344   11.163  1.00 84.40 ? 60  TYR A CG  1 
ATOM   352  C CD1 . TYR A 1 65  ? -25.571 6.057   11.936  1.00 83.82 ? 60  TYR A CD1 1 
ATOM   353  C CD2 . TYR A 1 65  ? -24.035 5.400   10.223  1.00 85.12 ? 60  TYR A CD2 1 
ATOM   354  C CE1 . TYR A 1 65  ? -26.268 4.865   11.777  1.00 84.65 ? 60  TYR A CE1 1 
ATOM   355  C CE2 . TYR A 1 65  ? -24.727 4.205   10.056  1.00 86.72 ? 60  TYR A CE2 1 
ATOM   356  C CZ  . TYR A 1 65  ? -25.840 3.944   10.836  1.00 86.12 ? 60  TYR A CZ  1 
ATOM   357  O OH  . TYR A 1 65  ? -26.527 2.763   10.674  1.00 85.52 ? 60  TYR A OH  1 
ATOM   358  N N   . LEU A 1 66  ? -20.549 7.035   11.614  1.00 84.44 ? 61  LEU A N   1 
ATOM   359  C CA  . LEU A 1 66  ? -19.405 6.165   11.328  1.00 84.77 ? 61  LEU A CA  1 
ATOM   360  C C   . LEU A 1 66  ? -18.553 5.907   12.570  1.00 85.12 ? 61  LEU A C   1 
ATOM   361  O O   . LEU A 1 66  ? -17.874 4.879   12.659  1.00 84.65 ? 61  LEU A O   1 
ATOM   362  C CB  . LEU A 1 66  ? -18.540 6.739   10.198  1.00 84.48 ? 61  LEU A CB  1 
ATOM   363  C CG  . LEU A 1 66  ? -19.146 6.948   8.804   1.00 83.78 ? 61  LEU A CG  1 
ATOM   364  C CD1 . LEU A 1 66  ? -18.086 7.499   7.855   1.00 83.43 ? 61  LEU A CD1 1 
ATOM   365  C CD2 . LEU A 1 66  ? -19.753 5.662   8.238   1.00 82.77 ? 61  LEU A CD2 1 
ATOM   366  N N   . ARG A 1 67  ? -18.590 6.845   13.517  1.00 85.83 ? 62  ARG A N   1 
ATOM   367  C CA  . ARG A 1 67  ? -17.938 6.667   14.812  1.00 86.81 ? 62  ARG A CA  1 
ATOM   368  C C   . ARG A 1 67  ? -18.645 5.577   15.617  1.00 86.79 ? 62  ARG A C   1 
ATOM   369  O O   . ARG A 1 67  ? -17.996 4.814   16.336  1.00 86.59 ? 62  ARG A O   1 
ATOM   370  C CB  . ARG A 1 67  ? -17.913 7.979   15.606  1.00 87.29 ? 62  ARG A CB  1 
ATOM   371  C CG  . ARG A 1 67  ? -16.875 7.999   16.728  1.00 89.30 ? 62  ARG A CG  1 
ATOM   372  C CD  . ARG A 1 67  ? -17.291 8.884   17.898  1.00 93.46 ? 62  ARG A CD  1 
ATOM   373  N NE  . ARG A 1 67  ? -17.042 10.305  17.657  1.00 95.51 ? 62  ARG A NE  1 
ATOM   374  C CZ  . ARG A 1 67  ? -16.987 11.234  18.610  1.00 96.39 ? 62  ARG A CZ  1 
ATOM   375  N NH1 . ARG A 1 67  ? -17.160 10.905  19.886  1.00 96.13 ? 62  ARG A NH1 1 
ATOM   376  N NH2 . ARG A 1 67  ? -16.754 12.498  18.286  1.00 96.74 ? 62  ARG A NH2 1 
ATOM   377  N N   . HIS A 1 68  ? -19.970 5.507   15.487  1.00 87.16 ? 63  HIS A N   1 
ATOM   378  C CA  . HIS A 1 68  ? -20.761 4.487   16.174  1.00 87.66 ? 63  HIS A CA  1 
ATOM   379  C C   . HIS A 1 68  ? -20.588 3.095   15.563  1.00 87.27 ? 63  HIS A C   1 
ATOM   380  O O   . HIS A 1 68  ? -20.588 2.097   16.288  1.00 87.26 ? 63  HIS A O   1 
ATOM   381  C CB  . HIS A 1 68  ? -22.246 4.861   16.222  1.00 88.09 ? 63  HIS A CB  1 
ATOM   382  C CG  . HIS A 1 68  ? -23.062 3.945   17.080  1.00 90.30 ? 63  HIS A CG  1 
ATOM   383  N ND1 . HIS A 1 68  ? -23.812 2.910   16.564  1.00 91.93 ? 63  HIS A ND1 1 
ATOM   384  C CD2 . HIS A 1 68  ? -23.224 3.894   18.422  1.00 90.97 ? 63  HIS A CD2 1 
ATOM   385  C CE1 . HIS A 1 68  ? -24.410 2.268   17.552  1.00 91.72 ? 63  HIS A CE1 1 
ATOM   386  N NE2 . HIS A 1 68  ? -24.070 2.845   18.690  1.00 91.36 ? 63  HIS A NE2 1 
ATOM   387  N N   . ILE A 1 69  ? -20.447 3.038   14.239  1.00 87.19 ? 64  ILE A N   1 
ATOM   388  C CA  . ILE A 1 69  ? -20.179 1.780   13.531  1.00 86.87 ? 64  ILE A CA  1 
ATOM   389  C C   . ILE A 1 69  ? -18.871 1.157   14.022  1.00 86.70 ? 64  ILE A C   1 
ATOM   390  O O   . ILE A 1 69  ? -18.810 -0.043  14.302  1.00 86.62 ? 64  ILE A O   1 
ATOM   391  C CB  . ILE A 1 69  ? -20.126 1.982   11.988  1.00 87.02 ? 64  ILE A CB  1 
ATOM   392  C CG1 . ILE A 1 69  ? -21.512 2.343   11.439  1.00 87.36 ? 64  ILE A CG1 1 
ATOM   393  C CG2 . ILE A 1 69  ? -19.585 0.733   11.287  1.00 86.30 ? 64  ILE A CG2 1 
ATOM   394  C CD1 . ILE A 1 69  ? -21.509 2.757   9.976   1.00 88.56 ? 64  ILE A CD1 1 
ATOM   395  N N   . MET A 1 70  ? -17.836 1.989   14.135  1.00 86.78 ? 65  MET A N   1 
ATOM   396  C CA  . MET A 1 70  ? -16.516 1.554   14.583  1.00 87.18 ? 65  MET A CA  1 
ATOM   397  C C   . MET A 1 70  ? -16.514 1.192   16.068  1.00 87.25 ? 65  MET A C   1 
ATOM   398  O O   . MET A 1 70  ? -15.852 0.232   16.476  1.00 86.93 ? 65  MET A O   1 
ATOM   399  C CB  . MET A 1 70  ? -15.480 2.646   14.307  1.00 87.07 ? 65  MET A CB  1 
ATOM   400  C CG  . MET A 1 70  ? -14.111 2.125   13.889  1.00 88.61 ? 65  MET A CG  1 
ATOM   401  S SD  . MET A 1 70  ? -14.069 1.508   12.190  1.00 89.44 ? 65  MET A SD  1 
ATOM   402  C CE  . MET A 1 70  ? -14.347 3.013   11.255  1.00 86.90 ? 65  MET A CE  1 
ATOM   403  N N   . GLU A 1 71  ? -17.252 1.967   16.865  1.00 87.44 ? 66  GLU A N   1 
ATOM   404  C CA  . GLU A 1 71  ? -17.355 1.753   18.313  1.00 87.57 ? 66  GLU A CA  1 
ATOM   405  C C   . GLU A 1 71  ? -17.937 0.380   18.644  1.00 86.65 ? 66  GLU A C   1 
ATOM   406  O O   . GLU A 1 71  ? -17.401 -0.340  19.489  1.00 86.86 ? 66  GLU A O   1 
ATOM   407  C CB  . GLU A 1 71  ? -18.194 2.860   18.964  1.00 87.67 ? 66  GLU A CB  1 
ATOM   408  C CG  . GLU A 1 71  ? -18.272 2.785   20.490  1.00 89.09 ? 66  GLU A CG  1 
ATOM   409  C CD  . GLU A 1 71  ? -19.207 3.821   21.095  1.00 89.82 ? 66  GLU A CD  1 
ATOM   410  O OE1 . GLU A 1 71  ? -18.862 4.380   22.157  1.00 93.17 ? 66  GLU A OE1 1 
ATOM   411  O OE2 . GLU A 1 71  ? -20.286 4.077   20.515  1.00 92.28 ? 66  GLU A OE2 1 
ATOM   412  N N   . VAL A 1 72  ? -19.032 0.026   17.973  1.00 85.78 ? 67  VAL A N   1 
ATOM   413  C CA  . VAL A 1 72  ? -19.678 -1.273  18.162  1.00 84.89 ? 67  VAL A CA  1 
ATOM   414  C C   . VAL A 1 72  ? -18.916 -2.386  17.429  1.00 83.96 ? 67  VAL A C   1 
ATOM   415  O O   . VAL A 1 72  ? -19.077 -3.570  17.736  1.00 83.69 ? 67  VAL A O   1 
ATOM   416  C CB  . VAL A 1 72  ? -21.186 -1.233  17.755  1.00 85.21 ? 67  VAL A CB  1 
ATOM   417  C CG1 . VAL A 1 72  ? -21.360 -1.232  16.235  1.00 84.80 ? 67  VAL A CG1 1 
ATOM   418  C CG2 . VAL A 1 72  ? -21.959 -2.384  18.394  1.00 85.63 ? 67  VAL A CG2 1 
ATOM   419  N N   . GLY A 1 73  ? -18.080 -1.989  16.473  1.00 82.56 ? 68  GLY A N   1 
ATOM   420  C CA  . GLY A 1 73  ? -17.228 -2.919  15.742  1.00 80.73 ? 68  GLY A CA  1 
ATOM   421  C C   . GLY A 1 73  ? -17.946 -3.742  14.689  1.00 79.40 ? 68  GLY A C   1 
ATOM   422  O O   . GLY A 1 73  ? -17.644 -4.925  14.515  1.00 78.94 ? 68  GLY A O   1 
ATOM   423  N N   . HIS A 1 74  ? -18.897 -3.125  13.990  1.00 77.81 ? 69  HIS A N   1 
ATOM   424  C CA  . HIS A 1 74  ? -19.527 -3.769  12.841  1.00 76.45 ? 69  HIS A CA  1 
ATOM   425  C C   . HIS A 1 74  ? -18.796 -3.366  11.561  1.00 74.03 ? 69  HIS A C   1 
ATOM   426  O O   . HIS A 1 74  ? -19.282 -2.549  10.773  1.00 73.70 ? 69  HIS A O   1 
ATOM   427  C CB  . HIS A 1 74  ? -21.030 -3.466  12.768  1.00 77.17 ? 69  HIS A CB  1 
ATOM   428  C CG  . HIS A 1 74  ? -21.772 -4.329  11.794  1.00 80.89 ? 69  HIS A CG  1 
ATOM   429  N ND1 . HIS A 1 74  ? -21.412 -5.633  11.532  1.00 82.60 ? 69  HIS A ND1 1 
ATOM   430  C CD2 . HIS A 1 74  ? -22.863 -4.082  11.030  1.00 83.25 ? 69  HIS A CD2 1 
ATOM   431  C CE1 . HIS A 1 74  ? -22.240 -6.148  10.641  1.00 83.77 ? 69  HIS A CE1 1 
ATOM   432  N NE2 . HIS A 1 74  ? -23.131 -5.227  10.321  1.00 84.25 ? 69  HIS A NE2 1 
ATOM   433  N N   . THR A 1 75  ? -17.620 -3.960  11.374  1.00 71.42 ? 70  THR A N   1 
ATOM   434  C CA  . THR A 1 75  ? -16.708 -3.605  10.283  1.00 68.91 ? 70  THR A CA  1 
ATOM   435  C C   . THR A 1 75  ? -17.099 -4.213  8.933   1.00 67.29 ? 70  THR A C   1 
ATOM   436  O O   . THR A 1 75  ? -16.500 -3.885  7.905   1.00 68.10 ? 70  THR A O   1 
ATOM   437  C CB  . THR A 1 75  ? -15.247 -3.997  10.616  1.00 68.89 ? 70  THR A CB  1 
ATOM   438  O OG1 . THR A 1 75  ? -15.186 -5.390  10.950  1.00 68.26 ? 70  THR A OG1 1 
ATOM   439  C CG2 . THR A 1 75  ? -14.714 -3.171  11.782  1.00 70.16 ? 70  THR A CG2 1 
ATOM   440  N N   . ALA A 1 76  ? -18.101 -5.092  8.942   1.00 64.06 ? 71  ALA A N   1 
ATOM   441  C CA  . ALA A 1 76  ? -18.621 -5.705  7.717   1.00 61.05 ? 71  ALA A CA  1 
ATOM   442  C C   . ALA A 1 76  ? -19.244 -4.672  6.775   1.00 58.97 ? 71  ALA A C   1 
ATOM   443  O O   . ALA A 1 76  ? -19.379 -4.917  5.573   1.00 58.79 ? 71  ALA A O   1 
ATOM   444  C CB  . ALA A 1 76  ? -19.629 -6.795  8.057   1.00 61.02 ? 71  ALA A CB  1 
ATOM   445  N N   . LEU A 1 77  ? -19.617 -3.520  7.331   1.00 56.82 ? 72  LEU A N   1 
ATOM   446  C CA  . LEU A 1 77  ? -20.183 -2.413  6.559   1.00 55.31 ? 72  LEU A CA  1 
ATOM   447  C C   . LEU A 1 77  ? -19.129 -1.680  5.736   1.00 53.81 ? 72  LEU A C   1 
ATOM   448  O O   . LEU A 1 77  ? -19.434 -1.130  4.675   1.00 53.45 ? 72  LEU A O   1 
ATOM   449  C CB  . LEU A 1 77  ? -20.896 -1.422  7.484   1.00 54.91 ? 72  LEU A CB  1 
ATOM   450  C CG  . LEU A 1 77  ? -22.122 -1.911  8.263   1.00 58.16 ? 72  LEU A CG  1 
ATOM   451  C CD1 . LEU A 1 77  ? -22.503 -0.904  9.339   1.00 56.10 ? 72  LEU A CD1 1 
ATOM   452  C CD2 . LEU A 1 77  ? -23.304 -2.192  7.341   1.00 58.80 ? 72  LEU A CD2 1 
ATOM   453  N N   . LEU A 1 78  ? -17.892 -1.677  6.232   1.00 52.28 ? 73  LEU A N   1 
ATOM   454  C CA  . LEU A 1 78  ? -16.775 -1.006  5.565   1.00 50.09 ? 73  LEU A CA  1 
ATOM   455  C C   . LEU A 1 78  ? -16.360 -1.726  4.280   1.00 48.81 ? 73  LEU A C   1 
ATOM   456  O O   . LEU A 1 78  ? -15.570 -1.203  3.492   1.00 48.87 ? 73  LEU A O   1 
ATOM   457  C CB  . LEU A 1 78  ? -15.578 -0.889  6.519   1.00 50.30 ? 73  LEU A CB  1 
ATOM   458  C CG  . LEU A 1 78  ? -15.828 -0.300  7.912   1.00 48.25 ? 73  LEU A CG  1 
ATOM   459  C CD1 . LEU A 1 78  ? -14.689 -0.646  8.855   1.00 45.80 ? 73  LEU A CD1 1 
ATOM   460  C CD2 . LEU A 1 78  ? -16.052 1.209   7.864   1.00 45.66 ? 73  LEU A CD2 1 
ATOM   461  N N   . GLU A 1 79  ? -16.912 -2.920  4.072   1.00 47.70 ? 74  GLU A N   1 
ATOM   462  C CA  . GLU A 1 79  ? -16.576 -3.756  2.922   1.00 47.45 ? 74  GLU A CA  1 
ATOM   463  C C   . GLU A 1 79  ? -17.178 -3.277  1.596   1.00 45.70 ? 74  GLU A C   1 
ATOM   464  O O   . GLU A 1 79  ? -16.780 -3.748  0.528   1.00 46.12 ? 74  GLU A O   1 
ATOM   465  C CB  . GLU A 1 79  ? -16.974 -5.211  3.184   1.00 47.12 ? 74  GLU A CB  1 
ATOM   466  C CG  . GLU A 1 79  ? -16.110 -5.918  4.218   1.00 48.31 ? 74  GLU A CG  1 
ATOM   467  C CD  . GLU A 1 79  ? -16.341 -7.418  4.254   1.00 49.62 ? 74  GLU A CD  1 
ATOM   468  O OE1 . GLU A 1 79  ? -16.458 -8.037  3.175   1.00 54.38 ? 74  GLU A OE1 1 
ATOM   469  O OE2 . GLU A 1 79  ? -16.397 -7.984  5.366   1.00 51.18 ? 74  GLU A OE2 1 
ATOM   470  N N   . HIS A 1 80  ? -18.127 -2.346  1.662   1.00 43.78 ? 75  HIS A N   1 
ATOM   471  C CA  . HIS A 1 80  ? -18.764 -1.815  0.456   1.00 42.78 ? 75  HIS A CA  1 
ATOM   472  C C   . HIS A 1 80  ? -17.921 -0.730  -0.214  1.00 43.18 ? 75  HIS A C   1 
ATOM   473  O O   . HIS A 1 80  ? -17.914 -0.614  -1.441  1.00 42.79 ? 75  HIS A O   1 
ATOM   474  C CB  . HIS A 1 80  ? -20.174 -1.307  0.761   1.00 41.83 ? 75  HIS A CB  1 
ATOM   475  C CG  . HIS A 1 80  ? -21.076 -2.361  1.323   1.00 38.95 ? 75  HIS A CG  1 
ATOM   476  N ND1 . HIS A 1 80  ? -21.690 -3.314  0.538   1.00 36.91 ? 75  HIS A ND1 1 
ATOM   477  C CD2 . HIS A 1 80  ? -21.449 -2.627  2.597   1.00 36.86 ? 75  HIS A CD2 1 
ATOM   478  C CE1 . HIS A 1 80  ? -22.409 -4.114  1.303   1.00 37.53 ? 75  HIS A CE1 1 
ATOM   479  N NE2 . HIS A 1 80  ? -22.281 -3.718  2.556   1.00 38.17 ? 75  HIS A NE2 1 
ATOM   480  N N   . ALA A 1 81  ? -17.216 0.057   0.597   1.00 43.23 ? 76  ALA A N   1 
ATOM   481  C CA  . ALA A 1 81  ? -16.317 1.088   0.085   1.00 44.12 ? 76  ALA A CA  1 
ATOM   482  C C   . ALA A 1 81  ? -14.968 0.490   -0.302  1.00 44.79 ? 76  ALA A C   1 
ATOM   483  O O   . ALA A 1 81  ? -14.385 -0.284  0.458   1.00 44.69 ? 76  ALA A O   1 
ATOM   484  C CB  . ALA A 1 81  ? -16.134 2.196   1.112   1.00 43.57 ? 76  ALA A CB  1 
ATOM   485  N N   . ASN A 1 82  ? -14.487 0.857   -1.487  1.00 46.27 ? 77  ASN A N   1 
ATOM   486  C CA  . ASN A 1 82  ? -13.195 0.396   -1.991  1.00 47.51 ? 77  ASN A CA  1 
ATOM   487  C C   . ASN A 1 82  ? -12.270 1.549   -2.366  1.00 46.41 ? 77  ASN A C   1 
ATOM   488  O O   . ASN A 1 82  ? -12.729 2.640   -2.712  1.00 47.42 ? 77  ASN A O   1 
ATOM   489  C CB  . ASN A 1 82  ? -13.383 -0.527  -3.199  1.00 48.49 ? 77  ASN A CB  1 
ATOM   490  C CG  . ASN A 1 82  ? -13.831 -1.921  -2.808  1.00 52.40 ? 77  ASN A CG  1 
ATOM   491  O OD1 . ASN A 1 82  ? -13.040 -2.864  -2.820  1.00 54.51 ? 77  ASN A OD1 1 
ATOM   492  N ND2 . ASN A 1 82  ? -15.106 -2.060  -2.456  1.00 52.17 ? 77  ASN A ND2 1 
ATOM   493  N N   . ALA A 1 83  ? -10.966 1.293   -2.295  1.00 45.52 ? 78  ALA A N   1 
ATOM   494  C CA  . ALA A 1 83  ? -9.950  2.262   -2.693  1.00 44.18 ? 78  ALA A CA  1 
ATOM   495  C C   . ALA A 1 83  ? -8.796  1.573   -3.414  1.00 43.60 ? 78  ALA A C   1 
ATOM   496  O O   . ALA A 1 83  ? -8.399  0.464   -3.048  1.00 43.16 ? 78  ALA A O   1 
ATOM   497  C CB  . ALA A 1 83  ? -9.442  3.029   -1.484  1.00 43.58 ? 78  ALA A CB  1 
ATOM   498  N N   . THR A 1 84  ? -8.265  2.235   -4.439  1.00 42.71 ? 79  THR A N   1 
ATOM   499  C CA  . THR A 1 84  ? -7.163  1.687   -5.229  1.00 43.58 ? 79  THR A CA  1 
ATOM   500  C C   . THR A 1 84  ? -5.924  2.577   -5.148  1.00 44.72 ? 79  THR A C   1 
ATOM   501  O O   . THR A 1 84  ? -6.013  3.799   -5.296  1.00 44.65 ? 79  THR A O   1 
ATOM   502  C CB  . THR A 1 84  ? -7.573  1.474   -6.706  1.00 44.31 ? 79  THR A CB  1 
ATOM   503  O OG1 . THR A 1 84  ? -8.764  0.678   -6.765  1.00 43.42 ? 79  THR A OG1 1 
ATOM   504  C CG2 . THR A 1 84  ? -6.471  0.779   -7.488  1.00 43.77 ? 79  THR A CG2 1 
ATOM   505  N N   . MET A 1 85  ? -4.776  1.951   -4.908  1.00 44.23 ? 80  MET A N   1 
ATOM   506  C CA  . MET A 1 85  ? -3.503  2.658   -4.818  1.00 43.58 ? 80  MET A CA  1 
ATOM   507  C C   . MET A 1 85  ? -2.556  2.253   -5.939  1.00 42.93 ? 80  MET A C   1 
ATOM   508  O O   . MET A 1 85  ? -2.440  1.071   -6.270  1.00 42.98 ? 80  MET A O   1 
ATOM   509  C CB  . MET A 1 85  ? -2.828  2.392   -3.467  1.00 43.11 ? 80  MET A CB  1 
ATOM   510  C CG  . MET A 1 85  ? -3.629  2.827   -2.250  1.00 45.70 ? 80  MET A CG  1 
ATOM   511  S SD  . MET A 1 85  ? -3.659  4.611   -2.002  1.00 44.66 ? 80  MET A SD  1 
ATOM   512  C CE  . MET A 1 85  ? -4.634  4.715   -0.504  1.00 41.73 ? 80  MET A CE  1 
ATOM   513  N N   . TYR A 1 86  ? -1.889  3.244   -6.522  1.00 42.85 ? 81  TYR A N   1 
ATOM   514  C CA  . TYR A 1 86  ? -0.758  2.999   -7.407  1.00 43.49 ? 81  TYR A CA  1 
ATOM   515  C C   . TYR A 1 86  ? 0.518   3.251   -6.613  1.00 43.77 ? 81  TYR A C   1 
ATOM   516  O O   . TYR A 1 86  ? 0.825   4.394   -6.261  1.00 45.27 ? 81  TYR A O   1 
ATOM   517  C CB  . TYR A 1 86  ? -0.825  3.896   -8.651  1.00 44.71 ? 81  TYR A CB  1 
ATOM   518  C CG  . TYR A 1 86  ? 0.269   3.645   -9.674  1.00 46.27 ? 81  TYR A CG  1 
ATOM   519  C CD1 . TYR A 1 86  ? 0.553   2.353   -10.125 1.00 47.48 ? 81  TYR A CD1 1 
ATOM   520  C CD2 . TYR A 1 86  ? 1.004   4.702   -10.209 1.00 49.54 ? 81  TYR A CD2 1 
ATOM   521  C CE1 . TYR A 1 86  ? 1.550   2.120   -11.068 1.00 46.41 ? 81  TYR A CE1 1 
ATOM   522  C CE2 . TYR A 1 86  ? 2.000   4.479   -11.156 1.00 49.10 ? 81  TYR A CE2 1 
ATOM   523  C CZ  . TYR A 1 86  ? 2.270   3.188   -11.579 1.00 48.31 ? 81  TYR A CZ  1 
ATOM   524  O OH  . TYR A 1 86  ? 3.256   2.965   -12.512 1.00 50.30 ? 81  TYR A OH  1 
ATOM   525  N N   . ILE A 1 87  ? 1.245   2.178   -6.317  1.00 42.90 ? 82  ILE A N   1 
ATOM   526  C CA  . ILE A 1 87  ? 2.459   2.276   -5.509  1.00 41.80 ? 82  ILE A CA  1 
ATOM   527  C C   . ILE A 1 87  ? 3.717   2.109   -6.363  1.00 42.59 ? 82  ILE A C   1 
ATOM   528  O O   . ILE A 1 87  ? 3.885   1.104   -7.058  1.00 42.71 ? 82  ILE A O   1 
ATOM   529  C CB  . ILE A 1 87  ? 2.463   1.263   -4.328  1.00 43.17 ? 82  ILE A CB  1 
ATOM   530  C CG1 . ILE A 1 87  ? 1.189   1.407   -3.486  1.00 39.19 ? 82  ILE A CG1 1 
ATOM   531  C CG2 . ILE A 1 87  ? 3.705   1.454   -3.457  1.00 39.87 ? 82  ILE A CG2 1 
ATOM   532  C CD1 . ILE A 1 87  ? 1.015   0.339   -2.413  1.00 39.37 ? 82  ILE A CD1 1 
ATOM   533  N N   . ARG A 1 88  ? 4.583   3.120   -6.306  1.00 42.72 ? 83  ARG A N   1 
ATOM   534  C CA  . ARG A 1 88  ? 5.906   3.074   -6.925  1.00 42.78 ? 83  ARG A CA  1 
ATOM   535  C C   . ARG A 1 88  ? 6.971   3.101   -5.833  1.00 42.07 ? 83  ARG A C   1 
ATOM   536  O O   . ARG A 1 88  ? 6.679   3.442   -4.683  1.00 42.37 ? 83  ARG A O   1 
ATOM   537  C CB  . ARG A 1 88  ? 6.120   4.279   -7.844  1.00 44.44 ? 83  ARG A CB  1 
ATOM   538  C CG  . ARG A 1 88  ? 5.128   4.442   -8.980  1.00 48.13 ? 83  ARG A CG  1 
ATOM   539  C CD  . ARG A 1 88  ? 5.091   5.901   -9.412  1.00 59.86 ? 83  ARG A CD  1 
ATOM   540  N NE  . ARG A 1 88  ? 4.618   6.075   -10.783 1.00 67.75 ? 83  ARG A NE  1 
ATOM   541  C CZ  . ARG A 1 88  ? 5.409   6.218   -11.843 1.00 73.08 ? 83  ARG A CZ  1 
ATOM   542  N NH1 . ARG A 1 88  ? 6.729   6.210   -11.706 1.00 74.55 ? 83  ARG A NH1 1 
ATOM   543  N NH2 . ARG A 1 88  ? 4.879   6.372   -13.048 1.00 75.20 ? 83  ARG A NH2 1 
ATOM   544  N N   . GLY A 1 89  ? 8.202   2.750   -6.197  1.00 41.08 ? 84  GLY A N   1 
ATOM   545  C CA  . GLY A 1 89  ? 9.336   2.815   -5.275  1.00 40.23 ? 84  GLY A CA  1 
ATOM   546  C C   . GLY A 1 89  ? 9.256   1.832   -4.123  1.00 40.33 ? 84  GLY A C   1 
ATOM   547  O O   . GLY A 1 89  ? 9.762   2.101   -3.031  1.00 40.46 ? 84  GLY A O   1 
ATOM   548  N N   . ILE A 1 90  ? 8.614   0.693   -4.371  1.00 39.52 ? 85  ILE A N   1 
ATOM   549  C CA  . ILE A 1 90  ? 8.513   -0.382  -3.388  1.00 38.04 ? 85  ILE A CA  1 
ATOM   550  C C   . ILE A 1 90  ? 9.340   -1.580  -3.864  1.00 39.11 ? 85  ILE A C   1 
ATOM   551  O O   . ILE A 1 90  ? 9.211   -2.018  -5.011  1.00 39.35 ? 85  ILE A O   1 
ATOM   552  C CB  . ILE A 1 90  ? 7.023   -0.766  -3.094  1.00 38.25 ? 85  ILE A CB  1 
ATOM   553  C CG1 . ILE A 1 90  ? 6.937   -1.867  -2.029  1.00 35.55 ? 85  ILE A CG1 1 
ATOM   554  C CG2 . ILE A 1 90  ? 6.274   -1.152  -4.376  1.00 36.62 ? 85  ILE A CG2 1 
ATOM   555  C CD1 . ILE A 1 90  ? 5.532   -2.136  -1.504  1.00 33.08 ? 85  ILE A CD1 1 
ATOM   556  N N   . SER A 1 91  ? 10.201  -2.088  -2.985  1.00 38.21 ? 86  SER A N   1 
ATOM   557  C CA  . SER A 1 91  ? 11.092  -3.201  -3.320  1.00 38.28 ? 86  SER A CA  1 
ATOM   558  C C   . SER A 1 91  ? 10.315  -4.496  -3.558  1.00 39.76 ? 86  SER A C   1 
ATOM   559  O O   . SER A 1 91  ? 9.158   -4.616  -3.144  1.00 39.16 ? 86  SER A O   1 
ATOM   560  C CB  . SER A 1 91  ? 12.140  -3.403  -2.220  1.00 37.32 ? 86  SER A CB  1 
ATOM   561  O OG  . SER A 1 91  ? 11.549  -3.882  -1.024  1.00 36.94 ? 86  SER A OG  1 
ATOM   562  N N   . ARG A 1 92  ? 10.955  -5.454  -4.226  1.00 41.18 ? 87  ARG A N   1 
ATOM   563  C CA  . ARG A 1 92  ? 10.343  -6.759  -4.500  1.00 43.94 ? 87  ARG A CA  1 
ATOM   564  C C   . ARG A 1 92  ? 9.940   -7.496  -3.215  1.00 43.09 ? 87  ARG A C   1 
ATOM   565  O O   . ARG A 1 92  ? 8.916   -8.182  -3.184  1.00 43.35 ? 87  ARG A O   1 
ATOM   566  C CB  . ARG A 1 92  ? 11.267  -7.624  -5.375  1.00 43.17 ? 87  ARG A CB  1 
ATOM   567  C CG  . ARG A 1 92  ? 10.870  -9.097  -5.468  1.00 47.10 ? 87  ARG A CG  1 
ATOM   568  C CD  . ARG A 1 92  ? 11.573  -9.827  -6.606  1.00 50.86 ? 87  ARG A CD  1 
ATOM   569  N NE  . ARG A 1 92  ? 10.647  -10.236 -7.665  1.00 62.79 ? 87  ARG A NE  1 
ATOM   570  C CZ  . ARG A 1 92  ? 9.914   -11.348 -7.641  1.00 63.73 ? 87  ARG A CZ  1 
ATOM   571  N NH1 . ARG A 1 92  ? 9.980   -12.180 -6.606  1.00 64.55 ? 87  ARG A NH1 1 
ATOM   572  N NH2 . ARG A 1 92  ? 9.106   -11.629 -8.654  1.00 65.12 ? 87  ARG A NH2 1 
ATOM   573  N N   . SER A 1 93  ? 10.738  -7.335  -2.159  1.00 43.23 ? 88  SER A N   1 
ATOM   574  C CA  . SER A 1 93  ? 10.475  -7.991  -0.875  1.00 44.02 ? 88  SER A CA  1 
ATOM   575  C C   . SER A 1 93  ? 9.267   -7.415  -0.132  1.00 43.79 ? 88  SER A C   1 
ATOM   576  O O   . SER A 1 93  ? 8.487   -8.167  0.456   1.00 44.83 ? 88  SER A O   1 
ATOM   577  C CB  . SER A 1 93  ? 11.720  -7.958  0.019   1.00 43.58 ? 88  SER A CB  1 
ATOM   578  O OG  . SER A 1 93  ? 12.134  -6.627  0.276   1.00 49.29 ? 88  SER A OG  1 
ATOM   579  N N   . ALA A 1 94  ? 9.115   -6.091  -0.158  1.00 41.72 ? 89  ALA A N   1 
ATOM   580  C CA  . ALA A 1 94  ? 7.964   -5.434  0.465   1.00 40.84 ? 89  ALA A CA  1 
ATOM   581  C C   . ALA A 1 94  ? 6.689   -5.655  -0.349  1.00 40.89 ? 89  ALA A C   1 
ATOM   582  O O   . ALA A 1 94  ? 5.582   -5.639  0.197   1.00 40.12 ? 89  ALA A O   1 
ATOM   583  C CB  . ALA A 1 94  ? 8.231   -3.952  0.652   1.00 39.55 ? 89  ALA A CB  1 
ATOM   584  N N   . THR A 1 95  ? 6.861   -5.859  -1.654  1.00 40.15 ? 90  THR A N   1 
ATOM   585  C CA  . THR A 1 95  ? 5.767   -6.225  -2.549  1.00 41.25 ? 90  THR A CA  1 
ATOM   586  C C   . THR A 1 95  ? 5.285   -7.647  -2.247  1.00 41.61 ? 90  THR A C   1 
ATOM   587  O O   . THR A 1 95  ? 4.087   -7.929  -2.318  1.00 41.95 ? 90  THR A O   1 
ATOM   588  C CB  . THR A 1 95  ? 6.189   -6.088  -4.032  1.00 40.83 ? 90  THR A CB  1 
ATOM   589  O OG1 . THR A 1 95  ? 6.668   -4.757  -4.269  1.00 43.43 ? 90  THR A OG1 1 
ATOM   590  C CG2 . THR A 1 95  ? 5.021   -6.368  -4.971  1.00 39.02 ? 90  THR A CG2 1 
ATOM   591  N N   . HIS A 1 96  ? 6.222   -8.529  -1.899  1.00 42.81 ? 91  HIS A N   1 
ATOM   592  C CA  . HIS A 1 96  ? 5.891   -9.898  -1.495  1.00 43.97 ? 91  HIS A CA  1 
ATOM   593  C C   . HIS A 1 96  ? 5.153   -9.934  -0.156  1.00 44.09 ? 91  HIS A C   1 
ATOM   594  O O   . HIS A 1 96  ? 4.256   -10.756 0.041   1.00 44.90 ? 91  HIS A O   1 
ATOM   595  C CB  . HIS A 1 96  ? 7.144   -10.775 -1.431  1.00 43.83 ? 91  HIS A CB  1 
ATOM   596  C CG  . HIS A 1 96  ? 6.865   -12.194 -1.043  1.00 46.64 ? 91  HIS A CG  1 
ATOM   597  N ND1 . HIS A 1 96  ? 6.398   -13.132 -1.937  1.00 51.18 ? 91  HIS A ND1 1 
ATOM   598  C CD2 . HIS A 1 96  ? 6.974   -12.831 0.147   1.00 45.21 ? 91  HIS A CD2 1 
ATOM   599  C CE1 . HIS A 1 96  ? 6.238   -14.288 -1.317  1.00 47.96 ? 91  HIS A CE1 1 
ATOM   600  N NE2 . HIS A 1 96  ? 6.581   -14.132 -0.052  1.00 46.65 ? 91  HIS A NE2 1 
ATOM   601  N N   . GLU A 1 97  ? 5.540   -9.046  0.758   1.00 44.07 ? 92  GLU A N   1 
ATOM   602  C CA  . GLU A 1 97  ? 4.867   -8.910  2.050   1.00 44.89 ? 92  GLU A CA  1 
ATOM   603  C C   . GLU A 1 97  ? 3.465   -8.327  1.883   1.00 44.62 ? 92  GLU A C   1 
ATOM   604  O O   . GLU A 1 97  ? 2.558   -8.634  2.661   1.00 44.53 ? 92  GLU A O   1 
ATOM   605  C CB  . GLU A 1 97  ? 5.689   -8.038  3.003   1.00 45.96 ? 92  GLU A CB  1 
ATOM   606  C CG  . GLU A 1 97  ? 6.992   -8.673  3.486   1.00 47.77 ? 92  GLU A CG  1 
ATOM   607  C CD  . GLU A 1 97  ? 6.773   -9.924  4.324   1.00 54.47 ? 92  GLU A CD  1 
ATOM   608  O OE1 . GLU A 1 97  ? 5.942   -9.888  5.257   1.00 58.92 ? 92  GLU A OE1 1 
ATOM   609  O OE2 . GLU A 1 97  ? 7.442   -10.942 4.052   1.00 52.77 ? 92  GLU A OE2 1 
ATOM   610  N N   . LEU A 1 98  ? 3.306   -7.488  0.860   1.00 44.49 ? 93  LEU A N   1 
ATOM   611  C CA  . LEU A 1 98  ? 2.029   -6.860  0.532   1.00 44.53 ? 93  LEU A CA  1 
ATOM   612  C C   . LEU A 1 98  ? 1.024   -7.865  -0.034  1.00 44.91 ? 93  LEU A C   1 
ATOM   613  O O   . LEU A 1 98  ? -0.152  -7.844  0.337   1.00 41.85 ? 93  LEU A O   1 
ATOM   614  C CB  . LEU A 1 98  ? 2.249   -5.706  -0.456  1.00 44.95 ? 93  LEU A CB  1 
ATOM   615  C CG  . LEU A 1 98  ? 1.063   -4.857  -0.930  1.00 46.37 ? 93  LEU A CG  1 
ATOM   616  C CD1 . LEU A 1 98  ? 0.568   -3.918  0.160   1.00 48.44 ? 93  LEU A CD1 1 
ATOM   617  C CD2 . LEU A 1 98  ? 1.444   -4.069  -2.174  1.00 45.59 ? 93  LEU A CD2 1 
ATOM   618  N N   . VAL A 1 99  ? 1.492   -8.740  -0.925  1.00 46.69 ? 94  VAL A N   1 
ATOM   619  C CA  . VAL A 1 99  ? 0.621   -9.727  -1.579  1.00 48.88 ? 94  VAL A CA  1 
ATOM   620  C C   . VAL A 1 99  ? 0.220   -10.889 -0.663  1.00 49.92 ? 94  VAL A C   1 
ATOM   621  O O   . VAL A 1 99  ? -0.681  -11.664 -0.997  1.00 51.15 ? 94  VAL A O   1 
ATOM   622  C CB  . VAL A 1 99  ? 1.204   -10.263 -2.924  1.00 49.14 ? 94  VAL A CB  1 
ATOM   623  C CG1 . VAL A 1 99  ? 1.386   -9.129  -3.930  1.00 47.64 ? 94  VAL A CG1 1 
ATOM   624  C CG2 . VAL A 1 99  ? 2.507   -11.021 -2.702  1.00 51.50 ? 94  VAL A CG2 1 
ATOM   625  N N   . ARG A 1 100 ? 0.894   -11.001 0.483   1.00 51.32 ? 95  ARG A N   1 
ATOM   626  C CA  . ARG A 1 100 ? 0.509   -11.948 1.532   1.00 52.04 ? 95  ARG A CA  1 
ATOM   627  C C   . ARG A 1 100 ? -0.909  -11.671 2.027   1.00 51.72 ? 95  ARG A C   1 
ATOM   628  O O   . ARG A 1 100 ? -1.613  -12.586 2.465   1.00 52.46 ? 95  ARG A O   1 
ATOM   629  C CB  . ARG A 1 100 ? 1.483   -11.883 2.712   1.00 52.92 ? 95  ARG A CB  1 
ATOM   630  C CG  . ARG A 1 100 ? 2.811   -12.589 2.494   1.00 57.09 ? 95  ARG A CG  1 
ATOM   631  C CD  . ARG A 1 100 ? 3.571   -12.696 3.808   1.00 66.14 ? 95  ARG A CD  1 
ATOM   632  N NE  . ARG A 1 100 ? 5.006   -12.900 3.610   1.00 71.74 ? 95  ARG A NE  1 
ATOM   633  C CZ  . ARG A 1 100 ? 5.643   -14.056 3.795   1.00 73.95 ? 95  ARG A CZ  1 
ATOM   634  N NH1 . ARG A 1 100 ? 4.982   -15.139 4.185   1.00 73.29 ? 95  ARG A NH1 1 
ATOM   635  N NH2 . ARG A 1 100 ? 6.951   -14.126 3.587   1.00 73.09 ? 95  ARG A NH2 1 
ATOM   636  N N   . HIS A 1 101 ? -1.313  -10.402 1.959   1.00 51.30 ? 96  HIS A N   1 
ATOM   637  C CA  . HIS A 1 101 ? -2.674  -9.988  2.286   1.00 50.04 ? 96  HIS A CA  1 
ATOM   638  C C   . HIS A 1 101 ? -3.622  -10.369 1.151   1.00 49.78 ? 96  HIS A C   1 
ATOM   639  O O   . HIS A 1 101 ? -3.666  -9.714  0.105   1.00 49.77 ? 96  HIS A O   1 
ATOM   640  C CB  . HIS A 1 101 ? -2.716  -8.488  2.577   1.00 50.24 ? 96  HIS A CB  1 
ATOM   641  C CG  . HIS A 1 101 ? -2.027  -8.106  3.850   1.00 50.47 ? 96  HIS A CG  1 
ATOM   642  N ND1 . HIS A 1 101 ? -0.664  -7.923  3.936   1.00 51.64 ? 96  HIS A ND1 1 
ATOM   643  C CD2 . HIS A 1 101 ? -2.516  -7.885  5.093   1.00 48.49 ? 96  HIS A CD2 1 
ATOM   644  C CE1 . HIS A 1 101 ? -0.343  -7.600  5.177   1.00 49.94 ? 96  HIS A CE1 1 
ATOM   645  N NE2 . HIS A 1 101 ? -1.449  -7.570  5.898   1.00 48.84 ? 96  HIS A NE2 1 
ATOM   646  N N   . ARG A 1 102 ? -4.380  -11.439 1.379   1.00 49.00 ? 97  ARG A N   1 
ATOM   647  C CA  . ARG A 1 102 ? -5.091  -12.150 0.312   1.00 48.19 ? 97  ARG A CA  1 
ATOM   648  C C   . ARG A 1 102 ? -6.401  -11.513 -0.154  1.00 47.26 ? 97  ARG A C   1 
ATOM   649  O O   . ARG A 1 102 ? -6.945  -11.910 -1.187  1.00 46.55 ? 97  ARG A O   1 
ATOM   650  C CB  . ARG A 1 102 ? -5.334  -13.607 0.719   1.00 49.03 ? 97  ARG A CB  1 
ATOM   651  C CG  . ARG A 1 102 ? -4.073  -14.461 0.768   1.00 51.04 ? 97  ARG A CG  1 
ATOM   652  C CD  . ARG A 1 102 ? -4.325  -15.787 1.468   1.00 52.75 ? 97  ARG A CD  1 
ATOM   653  N NE  . ARG A 1 102 ? -4.682  -15.601 2.874   1.00 55.03 ? 97  ARG A NE  1 
ATOM   654  C CZ  . ARG A 1 102 ? -5.050  -16.578 3.698   1.00 58.33 ? 97  ARG A CZ  1 
ATOM   655  N NH1 . ARG A 1 102 ? -5.117  -17.834 3.272   1.00 61.37 ? 97  ARG A NH1 1 
ATOM   656  N NH2 . ARG A 1 102 ? -5.355  -16.296 4.957   1.00 56.34 ? 97  ARG A NH2 1 
ATOM   657  N N   . HIS A 1 103 ? -6.905  -10.535 0.593   1.00 45.82 ? 98  HIS A N   1 
ATOM   658  C CA  . HIS A 1 103 ? -8.162  -9.879  0.226   1.00 44.82 ? 98  HIS A CA  1 
ATOM   659  C C   . HIS A 1 103 ? -7.966  -8.638  -0.654  1.00 44.31 ? 98  HIS A C   1 
ATOM   660  O O   . HIS A 1 103 ? -8.926  -7.927  -0.963  1.00 43.59 ? 98  HIS A O   1 
ATOM   661  C CB  . HIS A 1 103 ? -9.002  -9.576  1.469   1.00 44.74 ? 98  HIS A CB  1 
ATOM   662  C CG  . HIS A 1 103 ? -9.551  -10.801 2.132   1.00 47.69 ? 98  HIS A CG  1 
ATOM   663  N ND1 . HIS A 1 103 ? -8.994  -11.343 3.270   1.00 48.00 ? 98  HIS A ND1 1 
ATOM   664  C CD2 . HIS A 1 103 ? -10.594 -11.600 1.805   1.00 47.89 ? 98  HIS A CD2 1 
ATOM   665  C CE1 . HIS A 1 103 ? -9.678  -12.418 3.621   1.00 47.07 ? 98  HIS A CE1 1 
ATOM   666  N NE2 . HIS A 1 103 ? -10.652 -12.595 2.749   1.00 48.02 ? 98  HIS A NE2 1 
ATOM   667  N N   . PHE A 1 104 ? -6.719  -8.397  -1.057  1.00 42.77 ? 99  PHE A N   1 
ATOM   668  C CA  . PHE A 1 104 ? -6.404  -7.385  -2.060  1.00 42.35 ? 99  PHE A CA  1 
ATOM   669  C C   . PHE A 1 104 ? -6.375  -7.997  -3.456  1.00 42.17 ? 99  PHE A C   1 
ATOM   670  O O   . PHE A 1 104 ? -6.118  -9.194  -3.617  1.00 42.93 ? 99  PHE A O   1 
ATOM   671  C CB  . PHE A 1 104 ? -5.034  -6.753  -1.792  1.00 42.62 ? 99  PHE A CB  1 
ATOM   672  C CG  . PHE A 1 104 ? -5.019  -5.741  -0.681  1.00 39.93 ? 99  PHE A CG  1 
ATOM   673  C CD1 . PHE A 1 104 ? -4.192  -5.926  0.422   1.00 38.33 ? 99  PHE A CD1 1 
ATOM   674  C CD2 . PHE A 1 104 ? -5.805  -4.594  -0.742  1.00 38.50 ? 99  PHE A CD2 1 
ATOM   675  C CE1 . PHE A 1 104 ? -4.157  -4.993  1.454   1.00 35.82 ? 99  PHE A CE1 1 
ATOM   676  C CE2 . PHE A 1 104 ? -5.778  -3.654  0.285   1.00 37.71 ? 99  PHE A CE2 1 
ATOM   677  C CZ  . PHE A 1 104 ? -4.952  -3.854  1.385   1.00 35.86 ? 99  PHE A CZ  1 
ATOM   678  N N   . SER A 1 105 ? -6.641  -7.166  -4.459  1.00 41.69 ? 100 SER A N   1 
ATOM   679  C CA  . SER A 1 105 ? -6.393  -7.519  -5.852  1.00 41.84 ? 100 SER A CA  1 
ATOM   680  C C   . SER A 1 105 ? -5.162  -6.759  -6.327  1.00 41.97 ? 100 SER A C   1 
ATOM   681  O O   . SER A 1 105 ? -4.953  -5.606  -5.940  1.00 42.29 ? 100 SER A O   1 
ATOM   682  C CB  . SER A 1 105 ? -7.599  -7.170  -6.721  1.00 42.69 ? 100 SER A CB  1 
ATOM   683  O OG  . SER A 1 105 ? -8.760  -7.852  -6.279  1.00 43.22 ? 100 SER A OG  1 
ATOM   684  N N   . PHE A 1 106 ? -4.349  -7.401  -7.163  1.00 42.55 ? 101 PHE A N   1 
ATOM   685  C CA  . PHE A 1 106 ? -3.089  -6.805  -7.604  1.00 43.68 ? 101 PHE A CA  1 
ATOM   686  C C   . PHE A 1 106 ? -2.905  -6.785  -9.115  1.00 44.28 ? 101 PHE A C   1 
ATOM   687  O O   . PHE A 1 106 ? -3.374  -7.676  -9.828  1.00 45.78 ? 101 PHE A O   1 
ATOM   688  C CB  . PHE A 1 106 ? -1.895  -7.529  -6.975  1.00 43.53 ? 101 PHE A CB  1 
ATOM   689  C CG  . PHE A 1 106 ? -1.852  -7.453  -5.478  1.00 46.92 ? 101 PHE A CG  1 
ATOM   690  C CD1 . PHE A 1 106 ? -1.364  -6.317  -4.838  1.00 47.68 ? 101 PHE A CD1 1 
ATOM   691  C CD2 . PHE A 1 106 ? -2.286  -8.524  -4.706  1.00 46.79 ? 101 PHE A CD2 1 
ATOM   692  C CE1 . PHE A 1 106 ? -1.315  -6.249  -3.450  1.00 48.10 ? 101 PHE A CE1 1 
ATOM   693  C CE2 . PHE A 1 106 ? -2.243  -8.465  -3.321  1.00 50.18 ? 101 PHE A CE2 1 
ATOM   694  C CZ  . PHE A 1 106 ? -1.755  -7.324  -2.690  1.00 50.05 ? 101 PHE A CZ  1 
ATOM   695  N N   . SER A 1 107 ? -2.215  -5.750  -9.583  1.00 45.81 ? 102 SER A N   1 
ATOM   696  C CA  . SER A 1 107 ? -1.640  -5.718  -10.920 1.00 47.10 ? 102 SER A CA  1 
ATOM   697  C C   . SER A 1 107 ? -0.211  -5.204  -10.797 1.00 49.30 ? 102 SER A C   1 
ATOM   698  O O   . SER A 1 107 ? 0.015   -4.044  -10.445 1.00 49.14 ? 102 SER A O   1 
ATOM   699  C CB  . SER A 1 107 ? -2.464  -4.834  -11.856 1.00 45.89 ? 102 SER A CB  1 
ATOM   700  O OG  . SER A 1 107 ? -3.737  -5.407  -12.102 1.00 43.98 ? 102 SER A OG  1 
ATOM   701  N N   . GLN A 1 108 ? 0.746   -6.084  -11.074 1.00 50.73 ? 103 GLN A N   1 
ATOM   702  C CA  . GLN A 1 108 ? 2.161   -5.793  -10.881 1.00 52.62 ? 103 GLN A CA  1 
ATOM   703  C C   . GLN A 1 108 ? 2.856   -5.597  -12.224 1.00 53.75 ? 103 GLN A C   1 
ATOM   704  O O   . GLN A 1 108 ? 2.422   -6.149  -13.239 1.00 53.90 ? 103 GLN A O   1 
ATOM   705  C CB  . GLN A 1 108 ? 2.818   -6.940  -10.107 1.00 52.89 ? 103 GLN A CB  1 
ATOM   706  C CG  . GLN A 1 108 ? 4.114   -6.584  -9.391  1.00 54.82 ? 103 GLN A CG  1 
ATOM   707  C CD  . GLN A 1 108 ? 4.672   -7.739  -8.572  1.00 57.89 ? 103 GLN A CD  1 
ATOM   708  O OE1 . GLN A 1 108 ? 3.970   -8.708  -8.277  1.00 59.60 ? 103 GLN A OE1 1 
ATOM   709  N NE2 . GLN A 1 108 ? 5.941   -7.635  -8.196  1.00 59.97 ? 103 GLN A NE2 1 
ATOM   710  N N   . LEU A 1 109 ? 3.927   -4.806  -12.226 1.00 56.28 ? 104 LEU A N   1 
ATOM   711  C CA  . LEU A 1 109 ? 4.749   -4.613  -13.419 1.00 57.95 ? 104 LEU A CA  1 
ATOM   712  C C   . LEU A 1 109 ? 5.495   -5.904  -13.754 1.00 59.69 ? 104 LEU A C   1 
ATOM   713  O O   . LEU A 1 109 ? 6.236   -6.437  -12.925 1.00 60.10 ? 104 LEU A O   1 
ATOM   714  C CB  . LEU A 1 109 ? 5.735   -3.455  -13.218 1.00 57.39 ? 104 LEU A CB  1 
ATOM   715  C CG  . LEU A 1 109 ? 6.571   -2.983  -14.415 1.00 57.76 ? 104 LEU A CG  1 
ATOM   716  C CD1 . LEU A 1 109 ? 5.746   -2.126  -15.369 1.00 54.21 ? 104 LEU A CD1 1 
ATOM   717  C CD2 . LEU A 1 109 ? 7.793   -2.216  -13.937 1.00 58.23 ? 104 LEU A CD2 1 
ATOM   718  N N   . SER A 1 110 ? 5.278   -6.402  -14.970 1.00 62.06 ? 105 SER A N   1 
ATOM   719  C CA  . SER A 1 110 ? 5.875   -7.658  -15.424 1.00 64.10 ? 105 SER A CA  1 
ATOM   720  C C   . SER A 1 110 ? 7.368   -7.505  -15.707 1.00 64.51 ? 105 SER A C   1 
ATOM   721  O O   . SER A 1 110 ? 7.802   -6.520  -16.305 1.00 65.33 ? 105 SER A O   1 
ATOM   722  C CB  . SER A 1 110 ? 5.150   -8.174  -16.670 1.00 64.55 ? 105 SER A CB  1 
ATOM   723  O OG  . SER A 1 110 ? 5.627   -9.454  -17.048 1.00 67.80 ? 105 SER A OG  1 
ATOM   724  N N   . SER A 1 119 ? 17.700  1.039   -14.692 1.00 58.49 ? 114 SER A N   1 
ATOM   725  C CA  . SER A 1 119 ? 16.917  0.221   -13.772 1.00 58.88 ? 114 SER A CA  1 
ATOM   726  C C   . SER A 1 119 ? 16.793  0.880   -12.399 1.00 58.23 ? 114 SER A C   1 
ATOM   727  O O   . SER A 1 119 ? 17.689  1.608   -11.964 1.00 60.09 ? 114 SER A O   1 
ATOM   728  C CB  . SER A 1 119 ? 17.530  -1.175  -13.640 1.00 59.34 ? 114 SER A CB  1 
ATOM   729  O OG  . SER A 1 119 ? 18.838  -1.112  -13.100 1.00 61.66 ? 114 SER A OG  1 
ATOM   730  N N   . GLU A 1 120 ? 15.679  0.608   -11.724 1.00 55.71 ? 115 GLU A N   1 
ATOM   731  C CA  . GLU A 1 120 ? 15.350  1.264   -10.460 1.00 53.60 ? 115 GLU A CA  1 
ATOM   732  C C   . GLU A 1 120 ? 15.547  0.343   -9.257  1.00 50.38 ? 115 GLU A C   1 
ATOM   733  O O   . GLU A 1 120 ? 15.273  -0.858  -9.326  1.00 50.30 ? 115 GLU A O   1 
ATOM   734  C CB  . GLU A 1 120 ? 13.918  1.811   -10.493 1.00 54.97 ? 115 GLU A CB  1 
ATOM   735  C CG  . GLU A 1 120 ? 13.678  2.931   -11.514 1.00 60.21 ? 115 GLU A CG  1 
ATOM   736  C CD  . GLU A 1 120 ? 13.392  2.426   -12.927 1.00 68.28 ? 115 GLU A CD  1 
ATOM   737  O OE1 . GLU A 1 120 ? 13.330  1.194   -13.138 1.00 69.55 ? 115 GLU A OE1 1 
ATOM   738  O OE2 . GLU A 1 120 ? 13.224  3.273   -13.831 1.00 72.33 ? 115 GLU A OE2 1 
ATOM   739  N N   . VAL A 1 121 ? 16.018  0.926   -8.157  1.00 46.79 ? 116 VAL A N   1 
ATOM   740  C CA  . VAL A 1 121 ? 16.379  0.184   -6.949  1.00 43.17 ? 116 VAL A CA  1 
ATOM   741  C C   . VAL A 1 121 ? 15.886  0.915   -5.696  1.00 42.46 ? 116 VAL A C   1 
ATOM   742  O O   . VAL A 1 121 ? 15.944  2.145   -5.625  1.00 41.84 ? 116 VAL A O   1 
ATOM   743  C CB  . VAL A 1 121 ? 17.918  -0.048  -6.885  1.00 44.77 ? 116 VAL A CB  1 
ATOM   744  C CG1 . VAL A 1 121 ? 18.414  -0.209  -5.447  1.00 41.88 ? 116 VAL A CG1 1 
ATOM   745  C CG2 . VAL A 1 121 ? 18.318  -1.250  -7.735  1.00 39.83 ? 116 VAL A CG2 1 
ATOM   746  N N   . VAL A 1 122 ? 15.400  0.152   -4.718  1.00 40.89 ? 117 VAL A N   1 
ATOM   747  C CA  . VAL A 1 122 ? 14.936  0.711   -3.447  1.00 39.38 ? 117 VAL A CA  1 
ATOM   748  C C   . VAL A 1 122 ? 15.931  0.396   -2.327  1.00 40.25 ? 117 VAL A C   1 
ATOM   749  O O   . VAL A 1 122 ? 16.247  -0.768  -2.073  1.00 40.12 ? 117 VAL A O   1 
ATOM   750  C CB  . VAL A 1 122 ? 13.522  0.192   -3.066  1.00 39.12 ? 117 VAL A CB  1 
ATOM   751  C CG1 . VAL A 1 122 ? 12.986  0.927   -1.842  1.00 35.76 ? 117 VAL A CG1 1 
ATOM   752  C CG2 . VAL A 1 122 ? 12.558  0.341   -4.236  1.00 36.99 ? 117 VAL A CG2 1 
ATOM   753  N N   . VAL A 1 123 ? 16.418  1.443   -1.666  1.00 40.81 ? 118 VAL A N   1 
ATOM   754  C CA  . VAL A 1 123 ? 17.395  1.308   -0.585  1.00 41.96 ? 118 VAL A CA  1 
ATOM   755  C C   . VAL A 1 123 ? 16.691  1.398   0.772   1.00 41.78 ? 118 VAL A C   1 
ATOM   756  O O   . VAL A 1 123 ? 15.918  2.333   1.001   1.00 41.96 ? 118 VAL A O   1 
ATOM   757  C CB  . VAL A 1 123 ? 18.507  2.391   -0.683  1.00 41.78 ? 118 VAL A CB  1 
ATOM   758  C CG1 . VAL A 1 123 ? 19.567  2.198   0.399   1.00 39.30 ? 118 VAL A CG1 1 
ATOM   759  C CG2 . VAL A 1 123 ? 19.158  2.376   -2.062  1.00 42.42 ? 118 VAL A CG2 1 
ATOM   760  N N   . PRO A 1 124 ? 16.940  0.420   1.669   1.00 41.66 ? 119 PRO A N   1 
ATOM   761  C CA  . PRO A 1 124 ? 16.419  0.500   3.036   1.00 43.10 ? 119 PRO A CA  1 
ATOM   762  C C   . PRO A 1 124 ? 16.900  1.759   3.754   1.00 45.33 ? 119 PRO A C   1 
ATOM   763  O O   . PRO A 1 124 ? 18.037  2.193   3.548   1.00 46.12 ? 119 PRO A O   1 
ATOM   764  C CB  . PRO A 1 124 ? 16.998  -0.747  3.709   1.00 42.54 ? 119 PRO A CB  1 
ATOM   765  C CG  . PRO A 1 124 ? 17.274  -1.688  2.594   1.00 40.36 ? 119 PRO A CG  1 
ATOM   766  C CD  . PRO A 1 124 ? 17.705  -0.823  1.452   1.00 41.13 ? 119 PRO A CD  1 
ATOM   767  N N   . THR A 1 125 ? 16.030  2.331   4.585   1.00 47.72 ? 120 THR A N   1 
ATOM   768  C CA  . THR A 1 125 ? 16.310  3.574   5.313   1.00 49.78 ? 120 THR A CA  1 
ATOM   769  C C   . THR A 1 125 ? 17.585  3.484   6.159   1.00 50.08 ? 120 THR A C   1 
ATOM   770  O O   . THR A 1 125 ? 18.346  4.450   6.250   1.00 50.92 ? 120 THR A O   1 
ATOM   771  C CB  . THR A 1 125 ? 15.114  3.979   6.215   1.00 49.76 ? 120 THR A CB  1 
ATOM   772  O OG1 . THR A 1 125 ? 13.891  3.861   5.476   1.00 54.81 ? 120 THR A OG1 1 
ATOM   773  C CG2 . THR A 1 125 ? 15.261  5.414   6.715   1.00 51.74 ? 120 THR A CG2 1 
ATOM   774  N N   . LEU A 1 126 ? 17.809  2.316   6.760   1.00 50.15 ? 121 LEU A N   1 
ATOM   775  C CA  . LEU A 1 126 ? 18.961  2.081   7.629   1.00 49.65 ? 121 LEU A CA  1 
ATOM   776  C C   . LEU A 1 126 ? 20.293  2.126   6.873   1.00 50.40 ? 121 LEU A C   1 
ATOM   777  O O   . LEU A 1 126 ? 21.327  2.472   7.450   1.00 51.02 ? 121 LEU A O   1 
ATOM   778  C CB  . LEU A 1 126 ? 18.803  0.744   8.361   1.00 49.42 ? 121 LEU A CB  1 
ATOM   779  C CG  . LEU A 1 126 ? 19.486  0.553   9.719   1.00 50.37 ? 121 LEU A CG  1 
ATOM   780  C CD1 . LEU A 1 126 ? 19.006  1.568   10.755  1.00 48.91 ? 121 LEU A CD1 1 
ATOM   781  C CD2 . LEU A 1 126 ? 19.267  -0.864  10.225  1.00 49.01 ? 121 LEU A CD2 1 
ATOM   782  N N   . ILE A 1 127 ? 20.257  1.779   5.588   1.00 51.69 ? 122 ILE A N   1 
ATOM   783  C CA  . ILE A 1 127 ? 21.436  1.843   4.722   1.00 50.60 ? 122 ILE A CA  1 
ATOM   784  C C   . ILE A 1 127 ? 21.546  3.218   4.050   1.00 51.14 ? 122 ILE A C   1 
ATOM   785  O O   . ILE A 1 127 ? 22.647  3.743   3.874   1.00 50.14 ? 122 ILE A O   1 
ATOM   786  C CB  . ILE A 1 127 ? 21.427  0.706   3.662   1.00 50.24 ? 122 ILE A CB  1 
ATOM   787  C CG1 . ILE A 1 127 ? 21.462  -0.666  4.350   1.00 48.35 ? 122 ILE A CG1 1 
ATOM   788  C CG2 . ILE A 1 127 ? 22.606  0.844   2.692   1.00 48.40 ? 122 ILE A CG2 1 
ATOM   789  C CD1 . ILE A 1 127 ? 21.077  -1.828  3.451   1.00 49.20 ? 122 ILE A CD1 1 
ATOM   790  N N   . ASP A 1 128 ? 20.397  3.794   3.698   1.00 52.06 ? 123 ASP A N   1 
ATOM   791  C CA  . ASP A 1 128 ? 20.328  5.081   2.999   1.00 53.57 ? 123 ASP A CA  1 
ATOM   792  C C   . ASP A 1 128 ? 20.839  6.262   3.832   1.00 54.94 ? 123 ASP A C   1 
ATOM   793  O O   . ASP A 1 128 ? 21.362  7.235   3.282   1.00 55.31 ? 123 ASP A O   1 
ATOM   794  C CB  . ASP A 1 128 ? 18.894  5.347   2.521   1.00 52.57 ? 123 ASP A CB  1 
ATOM   795  C CG  . ASP A 1 128 ? 18.781  6.588   1.648   1.00 51.48 ? 123 ASP A CG  1 
ATOM   796  O OD1 . ASP A 1 128 ? 19.636  6.783   0.755   1.00 48.84 ? 123 ASP A OD1 1 
ATOM   797  O OD2 . ASP A 1 128 ? 17.827  7.369   1.850   1.00 59.68 ? 123 ASP A OD2 1 
ATOM   798  N N   . GLU A 1 129 ? 20.689  6.169   5.153   1.00 56.47 ? 124 GLU A N   1 
ATOM   799  C CA  . GLU A 1 129 ? 21.113  7.234   6.067   1.00 58.19 ? 124 GLU A CA  1 
ATOM   800  C C   . GLU A 1 129 ? 22.617  7.213   6.357   1.00 57.91 ? 124 GLU A C   1 
ATOM   801  O O   . GLU A 1 129 ? 23.136  8.081   7.065   1.00 57.57 ? 124 GLU A O   1 
ATOM   802  C CB  . GLU A 1 129 ? 20.311  7.173   7.370   1.00 58.82 ? 124 GLU A CB  1 
ATOM   803  C CG  . GLU A 1 129 ? 18.895  7.732   7.248   1.00 63.83 ? 124 GLU A CG  1 
ATOM   804  C CD  . GLU A 1 129 ? 18.023  7.427   8.457   1.00 69.46 ? 124 GLU A CD  1 
ATOM   805  O OE1 . GLU A 1 129 ? 18.321  6.462   9.196   1.00 71.76 ? 124 GLU A OE1 1 
ATOM   806  O OE2 . GLU A 1 129 ? 17.029  8.154   8.667   1.00 70.40 ? 124 GLU A OE2 1 
ATOM   807  N N   . ASP A 1 130 ? 23.307  6.221   5.801   1.00 57.84 ? 125 ASP A N   1 
ATOM   808  C CA  . ASP A 1 130 ? 24.751  6.088   5.947   1.00 58.51 ? 125 ASP A CA  1 
ATOM   809  C C   . ASP A 1 130 ? 25.392  6.096   4.557   1.00 58.82 ? 125 ASP A C   1 
ATOM   810  O O   . ASP A 1 130 ? 25.254  5.125   3.807   1.00 58.85 ? 125 ASP A O   1 
ATOM   811  C CB  . ASP A 1 130 ? 25.081  4.794   6.700   1.00 58.79 ? 125 ASP A CB  1 
ATOM   812  C CG  . ASP A 1 130 ? 26.468  4.810   7.317   1.00 61.82 ? 125 ASP A CG  1 
ATOM   813  O OD1 . ASP A 1 130 ? 27.464  4.906   6.569   1.00 63.35 ? 125 ASP A OD1 1 
ATOM   814  O OD2 . ASP A 1 130 ? 26.564  4.709   8.559   1.00 63.02 ? 125 ASP A OD2 1 
ATOM   815  N N   . PRO A 1 131 ? 26.086  7.197   4.203   1.00 59.44 ? 126 PRO A N   1 
ATOM   816  C CA  . PRO A 1 131 ? 26.672  7.377   2.867   1.00 59.36 ? 126 PRO A CA  1 
ATOM   817  C C   . PRO A 1 131 ? 27.713  6.313   2.518   1.00 59.97 ? 126 PRO A C   1 
ATOM   818  O O   . PRO A 1 131 ? 27.857  5.951   1.348   1.00 60.41 ? 126 PRO A O   1 
ATOM   819  C CB  . PRO A 1 131 ? 27.335  8.758   2.953   1.00 59.35 ? 126 PRO A CB  1 
ATOM   820  C CG  . PRO A 1 131 ? 26.661  9.441   4.092   1.00 59.72 ? 126 PRO A CG  1 
ATOM   821  C CD  . PRO A 1 131 ? 26.360  8.356   5.072   1.00 59.52 ? 126 PRO A CD  1 
ATOM   822  N N   . GLN A 1 132 ? 28.428  5.831   3.533   1.00 60.75 ? 127 GLN A N   1 
ATOM   823  C CA  . GLN A 1 132 ? 29.385  4.736   3.388   1.00 60.94 ? 127 GLN A CA  1 
ATOM   824  C C   . GLN A 1 132 ? 28.689  3.433   3.000   1.00 60.56 ? 127 GLN A C   1 
ATOM   825  O O   . GLN A 1 132 ? 29.151  2.713   2.112   1.00 59.68 ? 127 GLN A O   1 
ATOM   826  C CB  . GLN A 1 132 ? 30.161  4.540   4.693   1.00 61.79 ? 127 GLN A CB  1 
ATOM   827  C CG  . GLN A 1 132 ? 31.485  5.282   4.762   1.00 65.16 ? 127 GLN A CG  1 
ATOM   828  C CD  . GLN A 1 132 ? 32.650  4.454   4.244   1.00 69.65 ? 127 GLN A CD  1 
ATOM   829  O OE1 . GLN A 1 132 ? 32.597  3.223   4.221   1.00 70.37 ? 127 GLN A OE1 1 
ATOM   830  N NE2 . GLN A 1 132 ? 33.716  5.131   3.832   1.00 71.47 ? 127 GLN A NE2 1 
ATOM   831  N N   . LEU A 1 133 ? 27.578  3.145   3.676   1.00 60.03 ? 128 LEU A N   1 
ATOM   832  C CA  . LEU A 1 133 ? 26.799  1.932   3.435   1.00 59.41 ? 128 LEU A CA  1 
ATOM   833  C C   . LEU A 1 133 ? 26.030  1.986   2.119   1.00 58.40 ? 128 LEU A C   1 
ATOM   834  O O   . LEU A 1 133 ? 25.858  0.962   1.454   1.00 56.41 ? 128 LEU A O   1 
ATOM   835  C CB  . LEU A 1 133 ? 25.835  1.671   4.597   1.00 60.01 ? 128 LEU A CB  1 
ATOM   836  C CG  . LEU A 1 133 ? 26.449  1.255   5.937   1.00 60.59 ? 128 LEU A CG  1 
ATOM   837  C CD1 . LEU A 1 133 ? 25.385  1.166   7.015   1.00 59.92 ? 128 LEU A CD1 1 
ATOM   838  C CD2 . LEU A 1 133 ? 27.180  -0.070  5.804   1.00 60.78 ? 128 LEU A CD2 1 
ATOM   839  N N   . ARG A 1 134 ? 25.569  3.183   1.757   1.00 58.30 ? 129 ARG A N   1 
ATOM   840  C CA  . ARG A 1 134 ? 24.846  3.397   0.504   1.00 58.63 ? 129 ARG A CA  1 
ATOM   841  C C   . ARG A 1 134 ? 25.754  3.178   -0.705  1.00 59.35 ? 129 ARG A C   1 
ATOM   842  O O   . ARG A 1 134 ? 25.333  2.592   -1.703  1.00 59.84 ? 129 ARG A O   1 
ATOM   843  C CB  . ARG A 1 134 ? 24.241  4.803   0.458   1.00 58.43 ? 129 ARG A CB  1 
ATOM   844  C CG  . ARG A 1 134 ? 23.162  4.974   -0.607  1.00 60.65 ? 129 ARG A CG  1 
ATOM   845  C CD  . ARG A 1 134 ? 23.098  6.396   -1.145  1.00 62.76 ? 129 ARG A CD  1 
ATOM   846  N NE  . ARG A 1 134 ? 22.607  7.354   -0.156  1.00 66.60 ? 129 ARG A NE  1 
ATOM   847  C CZ  . ARG A 1 134 ? 23.334  8.334   0.377   1.00 67.87 ? 129 ARG A CZ  1 
ATOM   848  N NH1 . ARG A 1 134 ? 24.603  8.507   0.022   1.00 66.69 ? 129 ARG A NH1 1 
ATOM   849  N NH2 . ARG A 1 134 ? 22.787  9.149   1.268   1.00 69.29 ? 129 ARG A NH2 1 
ATOM   850  N N   . GLU A 1 135 ? 26.995  3.655   -0.602  1.00 59.77 ? 130 GLU A N   1 
ATOM   851  C CA  . GLU A 1 135 ? 28.004  3.482   -1.649  1.00 60.97 ? 130 GLU A CA  1 
ATOM   852  C C   . GLU A 1 135 ? 28.294  2.000   -1.902  1.00 58.44 ? 130 GLU A C   1 
ATOM   853  O O   . GLU A 1 135 ? 28.519  1.588   -3.042  1.00 58.48 ? 130 GLU A O   1 
ATOM   854  C CB  . GLU A 1 135 ? 29.293  4.222   -1.270  1.00 61.04 ? 130 GLU A CB  1 
ATOM   855  C CG  . GLU A 1 135 ? 30.285  4.415   -2.418  1.00 64.98 ? 130 GLU A CG  1 
ATOM   856  C CD  . GLU A 1 135 ? 31.543  5.164   -2.000  1.00 66.32 ? 130 GLU A CD  1 
ATOM   857  O OE1 . GLU A 1 135 ? 32.616  4.886   -2.577  1.00 71.03 ? 130 GLU A OE1 1 
ATOM   858  O OE2 . GLU A 1 135 ? 31.466  6.030   -1.100  1.00 70.02 ? 130 GLU A OE2 1 
ATOM   859  N N   . LEU A 1 136 ? 28.277  1.215   -0.826  1.00 57.41 ? 131 LEU A N   1 
ATOM   860  C CA  . LEU A 1 136 ? 28.498  -0.228  -0.889  1.00 56.65 ? 131 LEU A CA  1 
ATOM   861  C C   . LEU A 1 136 ? 27.267  -0.962  -1.425  1.00 55.17 ? 131 LEU A C   1 
ATOM   862  O O   . LEU A 1 136 ? 27.395  -1.930  -2.180  1.00 54.73 ? 131 LEU A O   1 
ATOM   863  C CB  . LEU A 1 136 ? 28.881  -0.758  0.499   1.00 56.24 ? 131 LEU A CB  1 
ATOM   864  C CG  . LEU A 1 136 ? 29.422  -2.184  0.661   1.00 58.45 ? 131 LEU A CG  1 
ATOM   865  C CD1 . LEU A 1 136 ? 30.788  -2.344  -0.004  1.00 61.79 ? 131 LEU A CD1 1 
ATOM   866  C CD2 . LEU A 1 136 ? 29.509  -2.537  2.140   1.00 57.88 ? 131 LEU A CD2 1 
ATOM   867  N N   . PHE A 1 137 ? 26.084  -0.497  -1.022  1.00 53.13 ? 132 PHE A N   1 
ATOM   868  C CA  . PHE A 1 137 ? 24.809  -1.050  -1.481  1.00 51.09 ? 132 PHE A CA  1 
ATOM   869  C C   . PHE A 1 137 ? 24.637  -0.858  -2.984  1.00 50.96 ? 132 PHE A C   1 
ATOM   870  O O   . PHE A 1 137 ? 24.329  -1.809  -3.704  1.00 49.98 ? 132 PHE A O   1 
ATOM   871  C CB  . PHE A 1 137 ? 23.645  -0.391  -0.730  1.00 50.39 ? 132 PHE A CB  1 
ATOM   872  C CG  . PHE A 1 137 ? 22.314  -1.058  -0.951  1.00 47.27 ? 132 PHE A CG  1 
ATOM   873  C CD1 . PHE A 1 137 ? 21.946  -2.170  -0.199  1.00 46.16 ? 132 PHE A CD1 1 
ATOM   874  C CD2 . PHE A 1 137 ? 21.419  -0.564  -1.896  1.00 46.61 ? 132 PHE A CD2 1 
ATOM   875  C CE1 . PHE A 1 137 ? 20.714  -2.786  -0.393  1.00 46.29 ? 132 PHE A CE1 1 
ATOM   876  C CE2 . PHE A 1 137 ? 20.184  -1.175  -2.098  1.00 46.87 ? 132 PHE A CE2 1 
ATOM   877  C CZ  . PHE A 1 137 ? 19.832  -2.288  -1.344  1.00 47.67 ? 132 PHE A CZ  1 
ATOM   878  N N   . MET A 1 138 ? 24.849  0.375   -3.442  1.00 51.04 ? 133 MET A N   1 
ATOM   879  C CA  . MET A 1 138 ? 24.718  0.727   -4.856  1.00 51.17 ? 133 MET A CA  1 
ATOM   880  C C   . MET A 1 138 ? 25.764  0.033   -5.725  1.00 51.98 ? 133 MET A C   1 
ATOM   881  O O   . MET A 1 138 ? 25.518  -0.227  -6.905  1.00 51.90 ? 133 MET A O   1 
ATOM   882  C CB  . MET A 1 138 ? 24.785  2.246   -5.054  1.00 51.05 ? 133 MET A CB  1 
ATOM   883  C CG  . MET A 1 138 ? 23.603  3.022   -4.469  1.00 51.51 ? 133 MET A CG  1 
ATOM   884  S SD  . MET A 1 138 ? 21.984  2.532   -5.107  1.00 48.25 ? 133 MET A SD  1 
ATOM   885  C CE  . MET A 1 138 ? 22.042  3.193   -6.772  1.00 48.41 ? 133 MET A CE  1 
ATOM   886  N N   . HIS A 1 139 ? 26.926  -0.258  -5.139  1.00 53.11 ? 134 HIS A N   1 
ATOM   887  C CA  . HIS A 1 139 ? 27.954  -1.050  -5.813  1.00 54.13 ? 134 HIS A CA  1 
ATOM   888  C C   . HIS A 1 139 ? 27.470  -2.479  -6.052  1.00 53.57 ? 134 HIS A C   1 
ATOM   889  O O   . HIS A 1 139 ? 27.668  -3.033  -7.135  1.00 54.35 ? 134 HIS A O   1 
ATOM   890  C CB  . HIS A 1 139 ? 29.263  -1.061  -5.018  1.00 54.43 ? 134 HIS A CB  1 
ATOM   891  C CG  . HIS A 1 139 ? 30.318  -1.942  -5.612  1.00 59.39 ? 134 HIS A CG  1 
ATOM   892  N ND1 . HIS A 1 139 ? 30.988  -1.621  -6.772  1.00 64.55 ? 134 HIS A ND1 1 
ATOM   893  C CD2 . HIS A 1 139 ? 30.808  -3.141  -5.213  1.00 64.40 ? 134 HIS A CD2 1 
ATOM   894  C CE1 . HIS A 1 139 ? 31.849  -2.579  -7.061  1.00 66.29 ? 134 HIS A CE1 1 
ATOM   895  N NE2 . HIS A 1 139 ? 31.761  -3.512  -6.131  1.00 68.80 ? 134 HIS A NE2 1 
ATOM   896  N N   . ALA A 1 140 ? 26.835  -3.060  -5.035  1.00 52.19 ? 135 ALA A N   1 
ATOM   897  C CA  . ALA A 1 140 ? 26.269  -4.407  -5.121  1.00 50.46 ? 135 ALA A CA  1 
ATOM   898  C C   . ALA A 1 140 ? 25.100  -4.474  -6.105  1.00 49.96 ? 135 ALA A C   1 
ATOM   899  O O   . ALA A 1 140 ? 24.874  -5.510  -6.735  1.00 49.39 ? 135 ALA A O   1 
ATOM   900  C CB  . ALA A 1 140 ? 25.838  -4.892  -3.744  1.00 49.52 ? 135 ALA A CB  1 
ATOM   901  N N   . MET A 1 141 ? 24.364  -3.370  -6.225  1.00 49.88 ? 136 MET A N   1 
ATOM   902  C CA  . MET A 1 141 ? 23.260  -3.260  -7.182  1.00 49.06 ? 136 MET A CA  1 
ATOM   903  C C   . MET A 1 141 ? 23.775  -3.266  -8.621  1.00 49.95 ? 136 MET A C   1 
ATOM   904  O O   . MET A 1 141 ? 23.133  -3.824  -9.515  1.00 49.82 ? 136 MET A O   1 
ATOM   905  C CB  . MET A 1 141 ? 22.434  -1.994  -6.928  1.00 48.41 ? 136 MET A CB  1 
ATOM   906  C CG  . MET A 1 141 ? 21.700  -1.947  -5.587  1.00 46.07 ? 136 MET A CG  1 
ATOM   907  S SD  . MET A 1 141 ? 20.472  -3.249  -5.342  1.00 46.77 ? 136 MET A SD  1 
ATOM   908  C CE  . MET A 1 141 ? 21.386  -4.402  -4.322  1.00 38.90 ? 136 MET A CE  1 
ATOM   909  N N   . ASP A 1 142 ? 24.932  -2.638  -8.828  1.00 51.15 ? 137 ASP A N   1 
ATOM   910  C CA  . ASP A 1 142 ? 25.617  -2.654  -10.119 1.00 52.59 ? 137 ASP A CA  1 
ATOM   911  C C   . ASP A 1 142 ? 26.145  -4.049  -10.447 1.00 52.78 ? 137 ASP A C   1 
ATOM   912  O O   . ASP A 1 142 ? 26.018  -4.510  -11.581 1.00 51.95 ? 137 ASP A O   1 
ATOM   913  C CB  . ASP A 1 142 ? 26.769  -1.640  -10.137 1.00 53.16 ? 137 ASP A CB  1 
ATOM   914  C CG  . ASP A 1 142 ? 26.292  -0.199  -10.034 1.00 54.94 ? 137 ASP A CG  1 
ATOM   915  O OD1 . ASP A 1 142 ? 25.157  0.101   -10.468 1.00 53.47 ? 137 ASP A OD1 1 
ATOM   916  O OD2 . ASP A 1 142 ? 27.062  0.641   -9.524  1.00 57.36 ? 137 ASP A OD2 1 
ATOM   917  N N   . GLU A 1 143 ? 26.730  -4.709  -9.445  1.00 53.70 ? 138 GLU A N   1 
ATOM   918  C CA  . GLU A 1 143 ? 27.243  -6.077  -9.580  1.00 56.36 ? 138 GLU A CA  1 
ATOM   919  C C   . GLU A 1 143 ? 26.177  -7.031  -10.112 1.00 56.36 ? 138 GLU A C   1 
ATOM   920  O O   . GLU A 1 143 ? 26.433  -7.812  -11.033 1.00 56.25 ? 138 GLU A O   1 
ATOM   921  C CB  . GLU A 1 143 ? 27.765  -6.594  -8.234  1.00 57.51 ? 138 GLU A CB  1 
ATOM   922  C CG  . GLU A 1 143 ? 29.100  -6.004  -7.789  1.00 65.73 ? 138 GLU A CG  1 
ATOM   923  C CD  . GLU A 1 143 ? 30.279  -6.499  -8.613  1.00 76.30 ? 138 GLU A CD  1 
ATOM   924  O OE1 . GLU A 1 143 ? 30.254  -7.662  -9.075  1.00 80.26 ? 138 GLU A OE1 1 
ATOM   925  O OE2 . GLU A 1 143 ? 31.240  -5.723  -8.792  1.00 80.68 ? 138 GLU A OE2 1 
ATOM   926  N N   . SER A 1 144 ? 24.986  -6.951  -9.521  1.00 56.16 ? 139 SER A N   1 
ATOM   927  C CA  . SER A 1 144 ? 23.838  -7.765  -9.919  1.00 55.21 ? 139 SER A CA  1 
ATOM   928  C C   . SER A 1 144 ? 23.384  -7.456  -11.343 1.00 55.17 ? 139 SER A C   1 
ATOM   929  O O   . SER A 1 144 ? 23.067  -8.368  -12.109 1.00 55.48 ? 139 SER A O   1 
ATOM   930  C CB  . SER A 1 144 ? 22.676  -7.562  -8.943  1.00 54.94 ? 139 SER A CB  1 
ATOM   931  O OG  . SER A 1 144 ? 22.981  -8.113  -7.668  1.00 56.87 ? 139 SER A OG  1 
ATOM   932  N N   . ARG A 1 145 ? 23.360  -6.167  -11.683 1.00 54.96 ? 140 ARG A N   1 
ATOM   933  C CA  . ARG A 1 145 ? 22.978  -5.705  -13.019 1.00 55.41 ? 140 ARG A CA  1 
ATOM   934  C C   . ARG A 1 145 ? 23.989  -6.149  -14.076 1.00 55.68 ? 140 ARG A C   1 
ATOM   935  O O   . ARG A 1 145 ? 23.602  -6.532  -15.183 1.00 56.00 ? 140 ARG A O   1 
ATOM   936  C CB  . ARG A 1 145 ? 22.804  -4.178  -13.028 1.00 56.05 ? 140 ARG A CB  1 
ATOM   937  C CG  . ARG A 1 145 ? 22.362  -3.559  -14.366 1.00 58.35 ? 140 ARG A CG  1 
ATOM   938  C CD  . ARG A 1 145 ? 21.040  -4.129  -14.894 1.00 64.19 ? 140 ARG A CD  1 
ATOM   939  N NE  . ARG A 1 145 ? 19.971  -4.102  -13.894 1.00 64.63 ? 140 ARG A NE  1 
ATOM   940  C CZ  . ARG A 1 145 ? 18.740  -4.568  -14.091 1.00 62.51 ? 140 ARG A CZ  1 
ATOM   941  N NH1 . ARG A 1 145 ? 18.397  -5.101  -15.258 1.00 60.44 ? 140 ARG A NH1 1 
ATOM   942  N NH2 . ARG A 1 145 ? 17.846  -4.500  -13.116 1.00 62.12 ? 140 ARG A NH2 1 
ATOM   943  N N   . PHE A 1 146 ? 25.276  -6.095  -13.729 1.00 56.04 ? 141 PHE A N   1 
ATOM   944  C CA  . PHE A 1 146 ? 26.343  -6.595  -14.600 1.00 56.87 ? 141 PHE A CA  1 
ATOM   945  C C   . PHE A 1 146 ? 26.174  -8.090  -14.841 1.00 56.63 ? 141 PHE A C   1 
ATOM   946  O O   . PHE A 1 146 ? 26.235  -8.552  -15.982 1.00 57.60 ? 141 PHE A O   1 
ATOM   947  C CB  . PHE A 1 146 ? 27.734  -6.346  -14.000 1.00 58.23 ? 141 PHE A CB  1 
ATOM   948  C CG  . PHE A 1 146 ? 28.112  -4.892  -13.871 1.00 61.42 ? 141 PHE A CG  1 
ATOM   949  C CD1 . PHE A 1 146 ? 29.002  -4.494  -12.878 1.00 64.19 ? 141 PHE A CD1 1 
ATOM   950  C CD2 . PHE A 1 146 ? 27.593  -3.926  -14.731 1.00 65.11 ? 141 PHE A CD2 1 
ATOM   951  C CE1 . PHE A 1 146 ? 29.371  -3.159  -12.739 1.00 68.19 ? 141 PHE A CE1 1 
ATOM   952  C CE2 . PHE A 1 146 ? 27.954  -2.586  -14.600 1.00 68.78 ? 141 PHE A CE2 1 
ATOM   953  C CZ  . PHE A 1 146 ? 28.845  -2.203  -13.601 1.00 69.31 ? 141 PHE A CZ  1 
ATOM   954  N N   . ALA A 1 147 ? 25.965  -8.833  -13.754 1.00 55.79 ? 142 ALA A N   1 
ATOM   955  C CA  . ALA A 1 147 ? 25.781  -10.282 -13.805 1.00 55.29 ? 142 ALA A CA  1 
ATOM   956  C C   . ALA A 1 147 ? 24.520  -10.668 -14.577 1.00 55.12 ? 142 ALA A C   1 
ATOM   957  O O   . ALA A 1 147 ? 24.492  -11.701 -15.249 1.00 55.44 ? 142 ALA A O   1 
ATOM   958  C CB  . ALA A 1 147 ? 25.742  -10.864 -12.397 1.00 55.41 ? 142 ALA A CB  1 
ATOM   959  N N   . PHE A 1 148 ? 23.489  -9.830  -14.474 1.00 54.80 ? 143 PHE A N   1 
ATOM   960  C CA  . PHE A 1 148 ? 22.234  -10.033 -15.199 1.00 54.56 ? 143 PHE A CA  1 
ATOM   961  C C   . PHE A 1 148 ? 22.412  -9.832  -16.703 1.00 56.33 ? 143 PHE A C   1 
ATOM   962  O O   . PHE A 1 148 ? 22.012  -10.689 -17.495 1.00 55.96 ? 143 PHE A O   1 
ATOM   963  C CB  . PHE A 1 148 ? 21.137  -9.110  -14.649 1.00 53.18 ? 143 PHE A CB  1 
ATOM   964  C CG  . PHE A 1 148 ? 19.891  -9.068  -15.494 1.00 49.45 ? 143 PHE A CG  1 
ATOM   965  C CD1 . PHE A 1 148 ? 18.940  -10.079 -15.409 1.00 46.39 ? 143 PHE A CD1 1 
ATOM   966  C CD2 . PHE A 1 148 ? 19.667  -8.009  -16.368 1.00 45.86 ? 143 PHE A CD2 1 
ATOM   967  C CE1 . PHE A 1 148 ? 17.786  -10.040 -16.189 1.00 47.10 ? 143 PHE A CE1 1 
ATOM   968  C CE2 . PHE A 1 148 ? 18.517  -7.962  -17.153 1.00 44.75 ? 143 PHE A CE2 1 
ATOM   969  C CZ  . PHE A 1 148 ? 17.575  -8.980  -17.062 1.00 46.02 ? 143 PHE A CZ  1 
ATOM   970  N N   . ASN A 1 149 ? 23.004  -8.700  -17.085 1.00 57.69 ? 144 ASN A N   1 
ATOM   971  C CA  . ASN A 1 149 ? 23.284  -8.390  -18.489 1.00 58.79 ? 144 ASN A CA  1 
ATOM   972  C C   . ASN A 1 149 ? 24.159  -9.448  -19.157 1.00 59.32 ? 144 ASN A C   1 
ATOM   973  O O   . ASN A 1 149 ? 23.886  -9.864  -20.285 1.00 59.55 ? 144 ASN A O   1 
ATOM   974  C CB  . ASN A 1 149 ? 23.951  -7.015  -18.622 1.00 58.80 ? 144 ASN A CB  1 
ATOM   975  C CG  . ASN A 1 149 ? 23.020  -5.866  -18.270 1.00 59.13 ? 144 ASN A CG  1 
ATOM   976  O OD1 . ASN A 1 149 ? 21.798  -5.972  -18.390 1.00 58.92 ? 144 ASN A OD1 1 
ATOM   977  N ND2 . ASN A 1 149 ? 23.601  -4.751  -17.841 1.00 57.79 ? 144 ASN A ND2 1 
ATOM   978  N N   . GLU A 1 150 ? 25.204  -9.876  -18.448 1.00 59.72 ? 145 GLU A N   1 
ATOM   979  C CA  . GLU A 1 150 ? 26.163  -10.855 -18.965 1.00 60.82 ? 145 GLU A CA  1 
ATOM   980  C C   . GLU A 1 150 ? 25.533  -12.231 -19.192 1.00 60.80 ? 145 GLU A C   1 
ATOM   981  O O   . GLU A 1 150 ? 25.783  -12.867 -20.219 1.00 61.44 ? 145 GLU A O   1 
ATOM   982  C CB  . GLU A 1 150 ? 27.377  -10.969 -18.034 1.00 61.11 ? 145 GLU A CB  1 
ATOM   983  C CG  . GLU A 1 150 ? 28.473  -11.904 -18.552 1.00 63.37 ? 145 GLU A CG  1 
ATOM   984  C CD  . GLU A 1 150 ? 29.693  -11.963 -17.646 1.00 68.48 ? 145 GLU A CD  1 
ATOM   985  O OE1 . GLU A 1 150 ? 29.696  -11.310 -16.579 1.00 70.90 ? 145 GLU A OE1 1 
ATOM   986  O OE2 . GLU A 1 150 ? 30.660  -12.669 -18.006 1.00 70.64 ? 145 GLU A OE2 1 
ATOM   987  N N   . LEU A 1 151 ? 24.722  -12.680 -18.235 1.00 62.08 ? 146 LEU A N   1 
ATOM   988  C CA  . LEU A 1 151 ? 24.017  -13.960 -18.346 1.00 62.33 ? 146 LEU A CA  1 
ATOM   989  C C   . LEU A 1 151 ? 22.978  -13.946 -19.464 1.00 62.88 ? 146 LEU A C   1 
ATOM   990  O O   . LEU A 1 151 ? 22.840  -14.926 -20.203 1.00 62.84 ? 146 LEU A O   1 
ATOM   991  C CB  . LEU A 1 151 ? 23.349  -14.338 -17.020 1.00 62.22 ? 146 LEU A CB  1 
ATOM   992  C CG  . LEU A 1 151 ? 24.191  -15.046 -15.955 1.00 62.22 ? 146 LEU A CG  1 
ATOM   993  C CD1 . LEU A 1 151 ? 23.457  -15.048 -14.626 1.00 62.87 ? 146 LEU A CD1 1 
ATOM   994  C CD2 . LEU A 1 151 ? 24.547  -16.471 -16.370 1.00 60.89 ? 146 LEU A CD2 1 
ATOM   995  N N   . LEU A 1 152 ? 22.252  -12.835 -19.573 1.00 62.88 ? 147 LEU A N   1 
ATOM   996  C CA  . LEU A 1 152 ? 21.219  -12.656 -20.594 1.00 63.94 ? 147 LEU A CA  1 
ATOM   997  C C   . LEU A 1 152 ? 21.791  -12.742 -22.008 1.00 65.41 ? 147 LEU A C   1 
ATOM   998  O O   . LEU A 1 152 ? 21.185  -13.355 -22.891 1.00 64.98 ? 147 LEU A O   1 
ATOM   999  C CB  . LEU A 1 152 ? 20.492  -11.320 -20.390 1.00 63.63 ? 147 LEU A CB  1 
ATOM   1000 C CG  . LEU A 1 152 ? 19.372  -10.917 -21.358 1.00 62.87 ? 147 LEU A CG  1 
ATOM   1001 C CD1 . LEU A 1 152 ? 18.178  -11.858 -21.259 1.00 60.93 ? 147 LEU A CD1 1 
ATOM   1002 C CD2 . LEU A 1 152 ? 18.942  -9.480  -21.105 1.00 62.13 ? 147 LEU A CD2 1 
ATOM   1003 N N   . ASN A 1 153 ? 22.954  -12.125 -22.210 1.00 67.42 ? 148 ASN A N   1 
ATOM   1004 C CA  . ASN A 1 153 ? 23.652  -12.165 -23.493 1.00 69.21 ? 148 ASN A CA  1 
ATOM   1005 C C   . ASN A 1 153 ? 24.057  -13.579 -23.890 1.00 69.99 ? 148 ASN A C   1 
ATOM   1006 O O   . ASN A 1 153 ? 23.835  -13.996 -25.027 1.00 70.48 ? 148 ASN A O   1 
ATOM   1007 C CB  . ASN A 1 153 ? 24.885  -11.257 -23.468 1.00 69.94 ? 148 ASN A CB  1 
ATOM   1008 C CG  . ASN A 1 153 ? 24.530  -9.782  -23.433 1.00 71.38 ? 148 ASN A CG  1 
ATOM   1009 O OD1 . ASN A 1 153 ? 23.481  -9.367  -23.927 1.00 70.46 ? 148 ASN A OD1 1 
ATOM   1010 N ND2 . ASN A 1 153 ? 25.414  -8.979  -22.853 1.00 71.59 ? 148 ASN A ND2 1 
ATOM   1011 N N   . ALA A 1 154 ? 24.639  -14.309 -22.941 1.00 71.02 ? 149 ALA A N   1 
ATOM   1012 C CA  . ALA A 1 154 ? 25.090  -15.677 -23.173 1.00 72.15 ? 149 ALA A CA  1 
ATOM   1013 C C   . ALA A 1 154 ? 23.926  -16.645 -23.399 1.00 73.31 ? 149 ALA A C   1 
ATOM   1014 O O   . ALA A 1 154 ? 24.059  -17.614 -24.153 1.00 73.73 ? 149 ALA A O   1 
ATOM   1015 C CB  . ALA A 1 154 ? 25.966  -16.146 -22.027 1.00 71.40 ? 149 ALA A CB  1 
ATOM   1016 N N   . LEU A 1 155 ? 22.795  -16.374 -22.750 1.00 74.77 ? 150 LEU A N   1 
ATOM   1017 C CA  . LEU A 1 155 ? 21.582  -17.172 -22.938 1.00 75.87 ? 150 LEU A CA  1 
ATOM   1018 C C   . LEU A 1 155 ? 20.923  -16.923 -24.295 1.00 77.31 ? 150 LEU A C   1 
ATOM   1019 O O   . LEU A 1 155 ? 20.377  -17.849 -24.901 1.00 77.67 ? 150 LEU A O   1 
ATOM   1020 C CB  . LEU A 1 155 ? 20.582  -16.925 -21.803 1.00 75.00 ? 150 LEU A CB  1 
ATOM   1021 C CG  . LEU A 1 155 ? 20.822  -17.659 -20.479 1.00 73.93 ? 150 LEU A CG  1 
ATOM   1022 C CD1 . LEU A 1 155 ? 20.010  -17.022 -19.360 1.00 72.36 ? 150 LEU A CD1 1 
ATOM   1023 C CD2 . LEU A 1 155 ? 20.499  -19.143 -20.597 1.00 71.22 ? 150 LEU A CD2 1 
ATOM   1024 N N   . GLU A 1 156 ? 20.978  -15.678 -24.768 1.00 78.80 ? 151 GLU A N   1 
ATOM   1025 C CA  . GLU A 1 156 ? 20.408  -15.319 -26.069 1.00 80.99 ? 151 GLU A CA  1 
ATOM   1026 C C   . GLU A 1 156 ? 21.333  -15.643 -27.250 1.00 82.01 ? 151 GLU A C   1 
ATOM   1027 O O   . GLU A 1 156 ? 20.917  -15.559 -28.411 1.00 82.08 ? 151 GLU A O   1 
ATOM   1028 C CB  . GLU A 1 156 ? 19.972  -13.847 -26.090 1.00 80.68 ? 151 GLU A CB  1 
ATOM   1029 C CG  . GLU A 1 156 ? 18.579  -13.616 -25.488 1.00 81.49 ? 151 GLU A CG  1 
ATOM   1030 C CD  . GLU A 1 156 ? 18.192  -12.140 -25.418 1.00 81.86 ? 151 GLU A CD  1 
ATOM   1031 O OE1 . GLU A 1 156 ? 19.075  -11.266 -25.566 1.00 83.80 ? 151 GLU A OE1 1 
ATOM   1032 O OE2 . GLU A 1 156 ? 16.993  -11.855 -25.207 1.00 81.57 ? 151 GLU A OE2 1 
ATOM   1033 N N   . GLU A 1 157 ? 22.577  -16.015 -26.946 1.00 83.60 ? 152 GLU A N   1 
ATOM   1034 C CA  . GLU A 1 157 ? 23.550  -16.447 -27.956 1.00 85.61 ? 152 GLU A CA  1 
ATOM   1035 C C   . GLU A 1 157 ? 23.145  -17.756 -28.631 1.00 86.61 ? 152 GLU A C   1 
ATOM   1036 O O   . GLU A 1 157 ? 23.365  -17.940 -29.831 1.00 87.13 ? 152 GLU A O   1 
ATOM   1037 C CB  . GLU A 1 157 ? 24.938  -16.614 -27.328 1.00 85.95 ? 152 GLU A CB  1 
ATOM   1038 C CG  . GLU A 1 157 ? 25.747  -15.330 -27.208 1.00 87.71 ? 152 GLU A CG  1 
ATOM   1039 C CD  . GLU A 1 157 ? 26.330  -14.868 -28.531 1.00 92.79 ? 152 GLU A CD  1 
ATOM   1040 O OE1 . GLU A 1 157 ? 26.068  -13.711 -28.921 1.00 95.60 ? 152 GLU A OE1 1 
ATOM   1041 O OE2 . GLU A 1 157 ? 27.048  -15.658 -29.183 1.00 93.48 ? 152 GLU A OE2 1 
ATOM   1042 N N   . LYS A 1 158 ? 22.554  -18.657 -27.849 1.00 87.41 ? 153 LYS A N   1 
ATOM   1043 C CA  . LYS A 1 158 ? 22.236  -20.009 -28.305 1.00 88.51 ? 153 LYS A CA  1 
ATOM   1044 C C   . LYS A 1 158 ? 20.886  -20.484 -27.777 1.00 88.74 ? 153 LYS A C   1 
ATOM   1045 O O   . LYS A 1 158 ? 19.870  -19.810 -27.949 1.00 89.57 ? 153 LYS A O   1 
ATOM   1046 C CB  . LYS A 1 158 ? 23.350  -20.990 -27.903 1.00 89.09 ? 153 LYS A CB  1 
ATOM   1047 C CG  . LYS A 1 158 ? 23.952  -20.770 -26.504 1.00 90.04 ? 153 LYS A CG  1 
ATOM   1048 C CD  . LYS A 1 158 ? 23.180  -21.496 -25.401 1.00 91.28 ? 153 LYS A CD  1 
ATOM   1049 C CE  . LYS A 1 158 ? 23.495  -22.987 -25.376 1.00 93.30 ? 153 LYS A CE  1 
ATOM   1050 N NZ  . LYS A 1 158 ? 22.793  -23.684 -24.261 1.00 94.90 ? 153 LYS A NZ  1 
ATOM   1051 N N   . ARG A 1 168 ? 11.197  -18.550 -26.310 1.00 81.76 ? 163 ARG A N   1 
ATOM   1052 C CA  . ARG A 1 168 ? 12.494  -19.068 -25.884 1.00 81.92 ? 163 ARG A CA  1 
ATOM   1053 C C   . ARG A 1 168 ? 13.358  -17.969 -25.266 1.00 81.40 ? 163 ARG A C   1 
ATOM   1054 O O   . ARG A 1 168 ? 14.084  -18.219 -24.300 1.00 81.05 ? 163 ARG A O   1 
ATOM   1055 C CB  . ARG A 1 168 ? 13.242  -19.739 -27.047 1.00 82.47 ? 163 ARG A CB  1 
ATOM   1056 C CG  . ARG A 1 168 ? 12.391  -20.655 -27.930 1.00 83.82 ? 163 ARG A CG  1 
ATOM   1057 C CD  . ARG A 1 168 ? 12.058  -20.004 -29.272 1.00 85.77 ? 163 ARG A CD  1 
ATOM   1058 N NE  . ARG A 1 168 ? 11.400  -18.706 -29.120 1.00 87.10 ? 163 ARG A NE  1 
ATOM   1059 C CZ  . ARG A 1 168 ? 11.186  -17.841 -30.107 1.00 86.81 ? 163 ARG A CZ  1 
ATOM   1060 N NH1 . ARG A 1 168 ? 11.575  -18.118 -31.345 1.00 87.52 ? 163 ARG A NH1 1 
ATOM   1061 N NH2 . ARG A 1 168 ? 10.580  -16.688 -29.854 1.00 85.13 ? 163 ARG A NH2 1 
ATOM   1062 N N   . LYS A 1 169 ? 13.284  -16.762 -25.827 1.00 80.76 ? 164 LYS A N   1 
ATOM   1063 C CA  . LYS A 1 169 ? 13.986  -15.603 -25.268 1.00 80.49 ? 164 LYS A CA  1 
ATOM   1064 C C   . LYS A 1 169 ? 13.234  -14.994 -24.082 1.00 79.46 ? 164 LYS A C   1 
ATOM   1065 O O   . LYS A 1 169 ? 13.811  -14.248 -23.287 1.00 78.93 ? 164 LYS A O   1 
ATOM   1066 C CB  . LYS A 1 169 ? 14.287  -14.545 -26.346 1.00 81.04 ? 164 LYS A CB  1 
ATOM   1067 C CG  . LYS A 1 169 ? 13.119  -14.166 -27.273 1.00 83.60 ? 164 LYS A CG  1 
ATOM   1068 C CD  . LYS A 1 169 ? 12.152  -13.149 -26.650 1.00 87.42 ? 164 LYS A CD  1 
ATOM   1069 C CE  . LYS A 1 169 ? 12.794  -11.777 -26.434 1.00 88.61 ? 164 LYS A CE  1 
ATOM   1070 N NZ  . LYS A 1 169 ? 13.054  -11.054 -27.712 1.00 89.42 ? 164 LYS A NZ  1 
ATOM   1071 N N   . LYS A 1 170 ? 11.945  -15.319 -23.979 1.00 78.88 ? 165 LYS A N   1 
ATOM   1072 C CA  . LYS A 1 170 ? 11.137  -14.985 -22.808 1.00 77.66 ? 165 LYS A CA  1 
ATOM   1073 C C   . LYS A 1 170 ? 11.639  -15.801 -21.620 1.00 76.13 ? 165 LYS A C   1 
ATOM   1074 O O   . LYS A 1 170 ? 11.614  -15.339 -20.478 1.00 76.21 ? 165 LYS A O   1 
ATOM   1075 C CB  . LYS A 1 170 ? 9.649   -15.290 -23.042 1.00 78.66 ? 165 LYS A CB  1 
ATOM   1076 C CG  . LYS A 1 170 ? 9.125   -15.047 -24.458 1.00 81.92 ? 165 LYS A CG  1 
ATOM   1077 C CD  . LYS A 1 170 ? 9.118   -16.340 -25.277 1.00 84.65 ? 165 LYS A CD  1 
ATOM   1078 C CE  . LYS A 1 170 ? 8.501   -16.142 -26.656 1.00 83.87 ? 165 LYS A CE  1 
ATOM   1079 N NZ  . LYS A 1 170 ? 9.246   -15.146 -27.490 1.00 87.80 ? 165 LYS A NZ  1 
ATOM   1080 N N   . GLN A 1 171 ? 12.096  -17.017 -21.917 1.00 73.70 ? 166 GLN A N   1 
ATOM   1081 C CA  . GLN A 1 171 ? 12.628  -17.940 -20.916 1.00 71.05 ? 166 GLN A CA  1 
ATOM   1082 C C   . GLN A 1 171 ? 14.060  -17.592 -20.513 1.00 69.68 ? 166 GLN A C   1 
ATOM   1083 O O   . GLN A 1 171 ? 14.476  -17.877 -19.388 1.00 69.01 ? 166 GLN A O   1 
ATOM   1084 C CB  . GLN A 1 171 ? 12.562  -19.382 -21.428 1.00 70.84 ? 166 GLN A CB  1 
ATOM   1085 C CG  . GLN A 1 171 ? 11.147  -19.898 -21.674 1.00 69.72 ? 166 GLN A CG  1 
ATOM   1086 C CD  . GLN A 1 171 ? 11.113  -21.314 -22.225 1.00 70.93 ? 166 GLN A CD  1 
ATOM   1087 O OE1 . GLN A 1 171 ? 10.311  -22.139 -21.787 1.00 69.26 ? 166 GLN A OE1 1 
ATOM   1088 N NE2 . GLN A 1 171 ? 11.983  -21.603 -23.188 1.00 71.33 ? 166 GLN A NE2 1 
ATOM   1089 N N   . ALA A 1 172 ? 14.803  -16.984 -21.435 1.00 68.19 ? 167 ALA A N   1 
ATOM   1090 C CA  . ALA A 1 172 ? 16.167  -16.526 -21.167 1.00 66.79 ? 167 ALA A CA  1 
ATOM   1091 C C   . ALA A 1 172 ? 16.173  -15.333 -20.213 1.00 65.92 ? 167 ALA A C   1 
ATOM   1092 O O   . ALA A 1 172 ? 17.081  -15.192 -19.390 1.00 65.33 ? 167 ALA A O   1 
ATOM   1093 C CB  . ALA A 1 172 ? 16.874  -16.174 -22.467 1.00 65.67 ? 167 ALA A CB  1 
ATOM   1094 N N   . ARG A 1 173 ? 15.151  -14.485 -20.332 1.00 64.71 ? 168 ARG A N   1 
ATOM   1095 C CA  . ARG A 1 173 ? 14.994  -13.317 -19.467 1.00 64.88 ? 168 ARG A CA  1 
ATOM   1096 C C   . ARG A 1 173 ? 14.609  -13.696 -18.037 1.00 62.84 ? 168 ARG A C   1 
ATOM   1097 O O   . ARG A 1 173 ? 15.144  -13.132 -17.082 1.00 62.93 ? 168 ARG A O   1 
ATOM   1098 C CB  . ARG A 1 173 ? 13.968  -12.337 -20.049 1.00 65.14 ? 168 ARG A CB  1 
ATOM   1099 C CG  . ARG A 1 173 ? 14.497  -11.475 -21.190 1.00 67.23 ? 168 ARG A CG  1 
ATOM   1100 C CD  . ARG A 1 173 ? 13.600  -10.272 -21.450 1.00 69.21 ? 168 ARG A CD  1 
ATOM   1101 N NE  . ARG A 1 173 ? 13.676  -9.279  -20.378 1.00 77.07 ? 168 ARG A NE  1 
ATOM   1102 C CZ  . ARG A 1 173 ? 14.418  -8.173  -20.415 1.00 79.94 ? 168 ARG A CZ  1 
ATOM   1103 N NH1 . ARG A 1 173 ? 15.163  -7.895  -21.478 1.00 80.62 ? 168 ARG A NH1 1 
ATOM   1104 N NH2 . ARG A 1 173 ? 14.413  -7.340  -19.383 1.00 81.07 ? 168 ARG A NH2 1 
ATOM   1105 N N   . GLN A 1 174 ? 13.691  -14.651 -17.897 1.00 60.52 ? 169 GLN A N   1 
ATOM   1106 C CA  . GLN A 1 174 ? 13.222  -15.082 -16.575 1.00 59.43 ? 169 GLN A CA  1 
ATOM   1107 C C   . GLN A 1 174 ? 14.224  -15.978 -15.839 1.00 57.54 ? 169 GLN A C   1 
ATOM   1108 O O   . GLN A 1 174 ? 14.145  -16.136 -14.618 1.00 58.54 ? 169 GLN A O   1 
ATOM   1109 C CB  . GLN A 1 174 ? 11.834  -15.741 -16.660 1.00 59.94 ? 169 GLN A CB  1 
ATOM   1110 C CG  . GLN A 1 174 ? 11.756  -16.999 -17.519 1.00 64.68 ? 169 GLN A CG  1 
ATOM   1111 C CD  . GLN A 1 174 ? 10.343  -17.313 -17.992 1.00 72.97 ? 169 GLN A CD  1 
ATOM   1112 O OE1 . GLN A 1 174 ? 9.501   -16.422 -18.122 1.00 74.67 ? 169 GLN A OE1 1 
ATOM   1113 N NE2 . GLN A 1 174 ? 10.083  -18.586 -18.260 1.00 73.41 ? 169 GLN A NE2 1 
ATOM   1114 N N   . ALA A 1 175 ? 15.162  -16.556 -16.588 1.00 54.56 ? 170 ALA A N   1 
ATOM   1115 C CA  . ALA A 1 175 ? 16.278  -17.295 -16.004 1.00 51.80 ? 170 ALA A CA  1 
ATOM   1116 C C   . ALA A 1 175 ? 17.339  -16.328 -15.480 1.00 51.22 ? 170 ALA A C   1 
ATOM   1117 O O   . ALA A 1 175 ? 17.895  -16.532 -14.401 1.00 50.47 ? 170 ALA A O   1 
ATOM   1118 C CB  . ALA A 1 175 ? 16.881  -18.248 -17.027 1.00 51.09 ? 170 ALA A CB  1 
ATOM   1119 N N   . ALA A 1 176 ? 17.601  -15.275 -16.253 1.00 50.18 ? 171 ALA A N   1 
ATOM   1120 C CA  . ALA A 1 176 ? 18.584  -14.256 -15.891 1.00 49.53 ? 171 ALA A CA  1 
ATOM   1121 C C   . ALA A 1 176 ? 18.121  -13.391 -14.719 1.00 49.68 ? 171 ALA A C   1 
ATOM   1122 O O   . ALA A 1 176 ? 18.944  -12.899 -13.947 1.00 48.24 ? 171 ALA A O   1 
ATOM   1123 C CB  . ALA A 1 176 ? 18.918  -13.390 -17.098 1.00 49.46 ? 171 ALA A CB  1 
ATOM   1124 N N   . ARG A 1 177 ? 16.805  -13.221 -14.588 1.00 49.64 ? 172 ARG A N   1 
ATOM   1125 C CA  . ARG A 1 177 ? 16.209  -12.454 -13.489 1.00 49.73 ? 172 ARG A CA  1 
ATOM   1126 C C   . ARG A 1 177 ? 16.464  -13.064 -12.108 1.00 47.30 ? 172 ARG A C   1 
ATOM   1127 O O   . ARG A 1 177 ? 16.218  -12.418 -11.086 1.00 47.81 ? 172 ARG A O   1 
ATOM   1128 C CB  . ARG A 1 177 ? 14.702  -12.291 -13.695 1.00 49.63 ? 172 ARG A CB  1 
ATOM   1129 C CG  . ARG A 1 177 ? 14.295  -11.147 -14.613 1.00 52.10 ? 172 ARG A CG  1 
ATOM   1130 C CD  . ARG A 1 177 ? 12.818  -10.787 -14.445 1.00 55.46 ? 172 ARG A CD  1 
ATOM   1131 N NE  . ARG A 1 177 ? 11.928  -11.936 -14.627 1.00 68.77 ? 172 ARG A NE  1 
ATOM   1132 C CZ  . ARG A 1 177 ? 11.332  -12.600 -13.638 1.00 71.51 ? 172 ARG A CZ  1 
ATOM   1133 N NH1 . ARG A 1 177 ? 11.515  -12.239 -12.373 1.00 72.41 ? 172 ARG A NH1 1 
ATOM   1134 N NH2 . ARG A 1 177 ? 10.545  -13.631 -13.915 1.00 71.86 ? 172 ARG A NH2 1 
ATOM   1135 N N   . ALA A 1 178 ? 16.954  -14.303 -12.085 1.00 45.31 ? 173 ALA A N   1 
ATOM   1136 C CA  . ALA A 1 178 ? 17.232  -15.013 -10.835 1.00 44.31 ? 173 ALA A CA  1 
ATOM   1137 C C   . ALA A 1 178 ? 18.340  -14.361 -10.002 1.00 44.12 ? 173 ALA A C   1 
ATOM   1138 O O   . ALA A 1 178 ? 18.373  -14.524 -8.780  1.00 45.52 ? 173 ALA A O   1 
ATOM   1139 C CB  . ALA A 1 178 ? 17.560  -16.474 -11.114 1.00 43.80 ? 173 ALA A CB  1 
ATOM   1140 N N   . VAL A 1 179 ? 19.234  -13.623 -10.658 1.00 43.63 ? 174 VAL A N   1 
ATOM   1141 C CA  . VAL A 1 179 ? 20.337  -12.937 -9.967  1.00 42.49 ? 174 VAL A CA  1 
ATOM   1142 C C   . VAL A 1 179 ? 19.949  -11.566 -9.404  1.00 42.07 ? 174 VAL A C   1 
ATOM   1143 O O   . VAL A 1 179 ? 20.702  -10.982 -8.620  1.00 43.09 ? 174 VAL A O   1 
ATOM   1144 C CB  . VAL A 1 179 ? 21.604  -12.779 -10.861 1.00 42.54 ? 174 VAL A CB  1 
ATOM   1145 C CG1 . VAL A 1 179 ? 22.151  -14.130 -11.278 1.00 43.66 ? 174 VAL A CG1 1 
ATOM   1146 C CG2 . VAL A 1 179 ? 21.323  -11.903 -12.077 1.00 40.34 ? 174 VAL A CG2 1 
ATOM   1147 N N   . LEU A 1 180 ? 18.785  -11.060 -9.806  1.00 40.50 ? 175 LEU A N   1 
ATOM   1148 C CA  . LEU A 1 180 ? 18.332  -9.730  -9.389  1.00 40.02 ? 175 LEU A CA  1 
ATOM   1149 C C   . LEU A 1 180 ? 17.943  -9.697  -7.909  1.00 39.94 ? 175 LEU A C   1 
ATOM   1150 O O   . LEU A 1 180 ? 17.254  -10.600 -7.431  1.00 38.65 ? 175 LEU A O   1 
ATOM   1151 C CB  . LEU A 1 180 ? 17.177  -9.240  -10.273 1.00 40.12 ? 175 LEU A CB  1 
ATOM   1152 C CG  . LEU A 1 180 ? 17.484  -8.933  -11.746 1.00 40.40 ? 175 LEU A CG  1 
ATOM   1153 C CD1 . LEU A 1 180 ? 16.202  -8.568  -12.487 1.00 40.50 ? 175 LEU A CD1 1 
ATOM   1154 C CD2 . LEU A 1 180 ? 18.524  -7.817  -11.896 1.00 43.93 ? 175 LEU A CD2 1 
ATOM   1155 N N   . PRO A 1 181 ? 18.382  -8.650  -7.181  1.00 39.64 ? 176 PRO A N   1 
ATOM   1156 C CA  . PRO A 1 181 ? 18.204  -8.587  -5.730  1.00 39.05 ? 176 PRO A CA  1 
ATOM   1157 C C   . PRO A 1 181 ? 16.782  -8.217  -5.304  1.00 37.90 ? 176 PRO A C   1 
ATOM   1158 O O   . PRO A 1 181 ? 15.976  -7.789  -6.135  1.00 36.87 ? 176 PRO A O   1 
ATOM   1159 C CB  . PRO A 1 181 ? 19.187  -7.492  -5.311  1.00 37.90 ? 176 PRO A CB  1 
ATOM   1160 C CG  . PRO A 1 181 ? 19.252  -6.589  -6.485  1.00 38.10 ? 176 PRO A CG  1 
ATOM   1161 C CD  . PRO A 1 181 ? 19.070  -7.452  -7.703  1.00 39.98 ? 176 PRO A CD  1 
ATOM   1162 N N   . ASN A 1 182 ? 16.493  -8.385  -4.012  1.00 37.99 ? 177 ASN A N   1 
ATOM   1163 C CA  . ASN A 1 182 ? 15.192  -8.038  -3.430  1.00 39.61 ? 177 ASN A CA  1 
ATOM   1164 C C   . ASN A 1 182 ? 14.875  -6.545  -3.511  1.00 39.55 ? 177 ASN A C   1 
ATOM   1165 O O   . ASN A 1 182 ? 13.709  -6.146  -3.459  1.00 38.75 ? 177 ASN A O   1 
ATOM   1166 C CB  . ASN A 1 182 ? 15.120  -8.495  -1.966  1.00 40.90 ? 177 ASN A CB  1 
ATOM   1167 C CG  . ASN A 1 182 ? 15.212  -10.007 -1.810  1.00 46.38 ? 177 ASN A CG  1 
ATOM   1168 O OD1 . ASN A 1 182 ? 15.074  -10.759 -2.776  1.00 54.60 ? 177 ASN A OD1 1 
ATOM   1169 N ND2 . ASN A 1 182 ? 15.441  -10.457 -0.581  1.00 47.65 ? 177 ASN A ND2 1 
ATOM   1170 N N   . ALA A 1 183 ? 15.922  -5.733  -3.644  1.00 38.77 ? 178 ALA A N   1 
ATOM   1171 C CA  . ALA A 1 183 ? 15.812  -4.275  -3.676  1.00 38.11 ? 178 ALA A CA  1 
ATOM   1172 C C   . ALA A 1 183 ? 15.212  -3.730  -4.975  1.00 37.87 ? 178 ALA A C   1 
ATOM   1173 O O   . ALA A 1 183 ? 14.801  -2.567  -5.029  1.00 37.53 ? 178 ALA A O   1 
ATOM   1174 C CB  . ALA A 1 183 ? 17.171  -3.643  -3.418  1.00 38.01 ? 178 ALA A CB  1 
ATOM   1175 N N   . THR A 1 184 ? 15.174  -4.569  -6.010  1.00 38.04 ? 179 THR A N   1 
ATOM   1176 C CA  . THR A 1 184 ? 14.613  -4.203  -7.312  1.00 39.42 ? 179 THR A CA  1 
ATOM   1177 C C   . THR A 1 184 ? 13.217  -3.605  -7.151  1.00 40.33 ? 179 THR A C   1 
ATOM   1178 O O   . THR A 1 184 ? 12.343  -4.206  -6.520  1.00 40.31 ? 179 THR A O   1 
ATOM   1179 C CB  . THR A 1 184 ? 14.551  -5.424  -8.267  1.00 39.05 ? 179 THR A CB  1 
ATOM   1180 O OG1 . THR A 1 184 ? 15.820  -6.091  -8.276  1.00 43.37 ? 179 THR A OG1 1 
ATOM   1181 C CG2 . THR A 1 184 ? 14.207  -4.988  -9.690  1.00 37.94 ? 179 THR A CG2 1 
ATOM   1182 N N   . GLU A 1 185 ? 13.027  -2.412  -7.711  1.00 41.73 ? 180 GLU A N   1 
ATOM   1183 C CA  . GLU A 1 185 ? 11.750  -1.707  -7.628  1.00 43.31 ? 180 GLU A CA  1 
ATOM   1184 C C   . GLU A 1 185 ? 10.673  -2.420  -8.437  1.00 43.97 ? 180 GLU A C   1 
ATOM   1185 O O   . GLU A 1 185 ? 10.908  -2.839  -9.574  1.00 44.31 ? 180 GLU A O   1 
ATOM   1186 C CB  . GLU A 1 185 ? 11.894  -0.266  -8.124  1.00 43.08 ? 180 GLU A CB  1 
ATOM   1187 C CG  . GLU A 1 185 ? 10.641  0.587   -7.927  1.00 45.24 ? 180 GLU A CG  1 
ATOM   1188 C CD  . GLU A 1 185 ? 10.387  1.560   -9.069  1.00 48.41 ? 180 GLU A CD  1 
ATOM   1189 O OE1 . GLU A 1 185 ? 10.634  1.197   -10.240 1.00 53.41 ? 180 GLU A OE1 1 
ATOM   1190 O OE2 . GLU A 1 185 ? 9.924   2.688   -8.791  1.00 52.17 ? 180 GLU A OE2 1 
ATOM   1191 N N   . SER A 1 186 ? 9.495   -2.557  -7.836  1.00 44.78 ? 181 SER A N   1 
ATOM   1192 C CA  . SER A 1 186 ? 8.316   -3.020  -8.551  1.00 46.35 ? 181 SER A CA  1 
ATOM   1193 C C   . SER A 1 186 ? 7.208   -1.979  -8.441  1.00 46.82 ? 181 SER A C   1 
ATOM   1194 O O   . SER A 1 186 ? 7.105   -1.272  -7.438  1.00 47.73 ? 181 SER A O   1 
ATOM   1195 C CB  . SER A 1 186 ? 7.841   -4.370  -8.009  1.00 46.33 ? 181 SER A CB  1 
ATOM   1196 O OG  . SER A 1 186 ? 7.437   -4.265  -6.656  1.00 47.70 ? 181 SER A OG  1 
ATOM   1197 N N   . ARG A 1 187 ? 6.396   -1.883  -9.488  1.00 46.79 ? 182 ARG A N   1 
ATOM   1198 C CA  . ARG A 1 187 ? 5.263   -0.964  -9.504  1.00 47.00 ? 182 ARG A CA  1 
ATOM   1199 C C   . ARG A 1 187 ? 3.974   -1.772  -9.452  1.00 46.53 ? 182 ARG A C   1 
ATOM   1200 O O   . ARG A 1 187 ? 3.780   -2.696  -10.247 1.00 47.64 ? 182 ARG A O   1 
ATOM   1201 C CB  . ARG A 1 187 ? 5.309   -0.076  -10.750 1.00 47.12 ? 182 ARG A CB  1 
ATOM   1202 C CG  . ARG A 1 187 ? 6.581   0.758   -10.855 1.00 50.71 ? 182 ARG A CG  1 
ATOM   1203 C CD  . ARG A 1 187 ? 6.504   1.772   -11.980 1.00 57.57 ? 182 ARG A CD  1 
ATOM   1204 N NE  . ARG A 1 187 ? 7.576   2.761   -11.880 1.00 63.05 ? 182 ARG A NE  1 
ATOM   1205 C CZ  . ARG A 1 187 ? 8.703   2.735   -12.587 1.00 64.66 ? 182 ARG A CZ  1 
ATOM   1206 N NH1 . ARG A 1 187 ? 8.928   1.768   -13.470 1.00 68.22 ? 182 ARG A NH1 1 
ATOM   1207 N NH2 . ARG A 1 187 ? 9.610   3.686   -12.414 1.00 64.57 ? 182 ARG A NH2 1 
ATOM   1208 N N   . ILE A 1 188 ? 3.100   -1.430  -8.509  1.00 44.36 ? 183 ILE A N   1 
ATOM   1209 C CA  . ILE A 1 188 ? 1.927   -2.257  -8.233  1.00 43.10 ? 183 ILE A CA  1 
ATOM   1210 C C   . ILE A 1 188 ? 0.633   -1.460  -8.035  1.00 42.43 ? 183 ILE A C   1 
ATOM   1211 O O   . ILE A 1 188 ? 0.615   -0.425  -7.362  1.00 43.63 ? 183 ILE A O   1 
ATOM   1212 C CB  . ILE A 1 188 ? 2.196   -3.246  -7.050  1.00 43.16 ? 183 ILE A CB  1 
ATOM   1213 C CG1 . ILE A 1 188 ? 1.150   -4.366  -7.015  1.00 45.38 ? 183 ILE A CG1 1 
ATOM   1214 C CG2 . ILE A 1 188 ? 2.335   -2.506  -5.709  1.00 37.92 ? 183 ILE A CG2 1 
ATOM   1215 C CD1 . ILE A 1 188 ? 1.692   -5.702  -6.548  1.00 43.29 ? 183 ILE A CD1 1 
ATOM   1216 N N   . VAL A 1 189 ? -0.437  -1.956  -8.652  1.00 41.11 ? 184 VAL A N   1 
ATOM   1217 C CA  . VAL A 1 189 ? -1.782  -1.423  -8.468  1.00 38.70 ? 184 VAL A CA  1 
ATOM   1218 C C   . VAL A 1 189 ? -2.522  -2.335  -7.490  1.00 38.38 ? 184 VAL A C   1 
ATOM   1219 O O   . VAL A 1 189 ? -2.644  -3.539  -7.725  1.00 37.51 ? 184 VAL A O   1 
ATOM   1220 C CB  . VAL A 1 189 ? -2.550  -1.332  -9.815  1.00 38.62 ? 184 VAL A CB  1 
ATOM   1221 C CG1 . VAL A 1 189 ? -3.959  -0.799  -9.606  1.00 37.26 ? 184 VAL A CG1 1 
ATOM   1222 C CG2 . VAL A 1 189 ? -1.797  -0.454  -10.806 1.00 35.91 ? 184 VAL A CG2 1 
ATOM   1223 N N   . VAL A 1 190 ? -3.005  -1.756  -6.393  1.00 38.07 ? 185 VAL A N   1 
ATOM   1224 C CA  . VAL A 1 190 ? -3.612  -2.535  -5.310  1.00 38.14 ? 185 VAL A CA  1 
ATOM   1225 C C   . VAL A 1 190 ? -4.987  -1.999  -4.902  1.00 38.56 ? 185 VAL A C   1 
ATOM   1226 O O   . VAL A 1 190 ? -5.131  -0.830  -4.537  1.00 37.53 ? 185 VAL A O   1 
ATOM   1227 C CB  . VAL A 1 190 ? -2.649  -2.661  -4.084  1.00 37.68 ? 185 VAL A CB  1 
ATOM   1228 C CG1 . VAL A 1 190 ? -2.058  -1.308  -3.694  1.00 39.10 ? 185 VAL A CG1 1 
ATOM   1229 C CG2 . VAL A 1 190 ? -3.341  -3.317  -2.896  1.00 36.92 ? 185 VAL A CG2 1 
ATOM   1230 N N   . SER A 1 191 ? -5.989  -2.873  -4.977  1.00 39.00 ? 186 SER A N   1 
ATOM   1231 C CA  . SER A 1 191 ? -7.360  -2.537  -4.597  1.00 39.18 ? 186 SER A CA  1 
ATOM   1232 C C   . SER A 1 191 ? -7.863  -3.453  -3.491  1.00 39.67 ? 186 SER A C   1 
ATOM   1233 O O   . SER A 1 191 ? -7.532  -4.639  -3.452  1.00 39.06 ? 186 SER A O   1 
ATOM   1234 C CB  . SER A 1 191 ? -8.300  -2.650  -5.799  1.00 39.05 ? 186 SER A CB  1 
ATOM   1235 O OG  . SER A 1 191 ? -7.785  -1.968  -6.927  1.00 45.71 ? 186 SER A OG  1 
ATOM   1236 N N   . GLY A 1 192 ? -8.675  -2.888  -2.608  1.00 39.24 ? 187 GLY A N   1 
ATOM   1237 C CA  . GLY A 1 192 ? -9.323  -3.637  -1.542  1.00 40.07 ? 187 GLY A CA  1 
ATOM   1238 C C   . GLY A 1 192 ? -10.351 -2.751  -0.873  1.00 41.33 ? 187 GLY A C   1 
ATOM   1239 O O   . GLY A 1 192 ? -10.288 -1.524  -0.989  1.00 43.09 ? 187 GLY A O   1 
ATOM   1240 N N   . ASN A 1 193 ? -11.305 -3.367  -0.184  1.00 41.35 ? 188 ASN A N   1 
ATOM   1241 C CA  . ASN A 1 193 ? -12.290 -2.604  0.573   1.00 41.95 ? 188 ASN A CA  1 
ATOM   1242 C C   . ASN A 1 193 ? -11.666 -1.953  1.808   1.00 42.24 ? 188 ASN A C   1 
ATOM   1243 O O   . ASN A 1 193 ? -10.529 -2.263  2.176   1.00 41.93 ? 188 ASN A O   1 
ATOM   1244 C CB  . ASN A 1 193 ? -13.503 -3.469  0.938   1.00 40.82 ? 188 ASN A CB  1 
ATOM   1245 C CG  . ASN A 1 193 ? -13.145 -4.658  1.810   1.00 43.20 ? 188 ASN A CG  1 
ATOM   1246 O OD1 . ASN A 1 193 ? -12.594 -4.508  2.900   1.00 45.59 ? 188 ASN A OD1 1 
ATOM   1247 N ND2 . ASN A 1 193 ? -13.475 -5.854  1.336   1.00 46.57 ? 188 ASN A ND2 1 
ATOM   1248 N N   . PHE A 1 194 ? -12.417 -1.056  2.440   1.00 42.60 ? 189 PHE A N   1 
ATOM   1249 C CA  . PHE A 1 194 ? -11.930 -0.289  3.588   1.00 44.16 ? 189 PHE A CA  1 
ATOM   1250 C C   . PHE A 1 194 ? -11.537 -1.162  4.776   1.00 45.67 ? 189 PHE A C   1 
ATOM   1251 O O   . PHE A 1 194 ? -10.598 -0.836  5.500   1.00 45.94 ? 189 PHE A O   1 
ATOM   1252 C CB  . PHE A 1 194 ? -12.969 0.752   4.009   1.00 44.22 ? 189 PHE A CB  1 
ATOM   1253 C CG  . PHE A 1 194 ? -12.960 2.002   3.167   1.00 43.27 ? 189 PHE A CG  1 
ATOM   1254 C CD1 . PHE A 1 194 ? -12.385 2.009   1.897   1.00 44.08 ? 189 PHE A CD1 1 
ATOM   1255 C CD2 . PHE A 1 194 ? -13.542 3.170   3.641   1.00 39.08 ? 189 PHE A CD2 1 
ATOM   1256 C CE1 . PHE A 1 194 ? -12.378 3.161   1.121   1.00 41.45 ? 189 PHE A CE1 1 
ATOM   1257 C CE2 . PHE A 1 194 ? -13.545 4.328   2.870   1.00 40.72 ? 189 PHE A CE2 1 
ATOM   1258 C CZ  . PHE A 1 194 ? -12.959 4.323   1.609   1.00 37.88 ? 189 PHE A CZ  1 
ATOM   1259 N N   . ARG A 1 195 ? -12.256 -2.267  4.962   1.00 46.69 ? 190 ARG A N   1 
ATOM   1260 C CA  . ARG A 1 195 ? -11.959 -3.225  6.024   1.00 47.08 ? 190 ARG A CA  1 
ATOM   1261 C C   . ARG A 1 195 ? -10.621 -3.928  5.783   1.00 46.82 ? 190 ARG A C   1 
ATOM   1262 O O   . ARG A 1 195 ? -9.846  -4.131  6.721   1.00 46.73 ? 190 ARG A O   1 
ATOM   1263 C CB  . ARG A 1 195 ? -13.092 -4.245  6.149   1.00 47.94 ? 190 ARG A CB  1 
ATOM   1264 C CG  . ARG A 1 195 ? -12.935 -5.223  7.298   1.00 49.54 ? 190 ARG A CG  1 
ATOM   1265 C CD  . ARG A 1 195 ? -14.081 -6.207  7.319   1.00 53.39 ? 190 ARG A CD  1 
ATOM   1266 N NE  . ARG A 1 195 ? -13.850 -7.289  8.269   1.00 56.59 ? 190 ARG A NE  1 
ATOM   1267 C CZ  . ARG A 1 195 ? -14.744 -8.223  8.581   1.00 56.55 ? 190 ARG A CZ  1 
ATOM   1268 N NH1 . ARG A 1 195 ? -15.948 -8.220  8.022   1.00 58.13 ? 190 ARG A NH1 1 
ATOM   1269 N NH2 . ARG A 1 195 ? -14.434 -9.165  9.460   1.00 56.81 ? 190 ARG A NH2 1 
ATOM   1270 N N   . THR A 1 196 ? -10.363 -4.288  4.526   1.00 45.57 ? 191 THR A N   1 
ATOM   1271 C CA  . THR A 1 196 ? -9.093  -4.891  4.118   1.00 45.50 ? 191 THR A CA  1 
ATOM   1272 C C   . THR A 1 196 ? -7.934  -3.912  4.331   1.00 45.58 ? 191 THR A C   1 
ATOM   1273 O O   . THR A 1 196 ? -6.852  -4.307  4.771   1.00 45.35 ? 191 THR A O   1 
ATOM   1274 C CB  . THR A 1 196 ? -9.136  -5.359  2.641   1.00 45.85 ? 191 THR A CB  1 
ATOM   1275 O OG1 . THR A 1 196 ? -10.268 -6.214  2.439   1.00 44.31 ? 191 THR A OG1 1 
ATOM   1276 C CG2 . THR A 1 196 ? -7.864  -6.114  2.263   1.00 44.89 ? 191 THR A CG2 1 
ATOM   1277 N N   . TRP A 1 197 ? -8.177  -2.638  4.020   1.00 44.76 ? 192 TRP A N   1 
ATOM   1278 C CA  . TRP A 1 197 ? -7.198  -1.575  4.251   1.00 43.79 ? 192 TRP A CA  1 
ATOM   1279 C C   . TRP A 1 197 ? -6.956  -1.337  5.737   1.00 44.19 ? 192 TRP A C   1 
ATOM   1280 O O   . TRP A 1 197 ? -5.808  -1.247  6.173   1.00 46.05 ? 192 TRP A O   1 
ATOM   1281 C CB  . TRP A 1 197 ? -7.628  -0.272  3.571   1.00 42.52 ? 192 TRP A CB  1 
ATOM   1282 C CG  . TRP A 1 197 ? -7.365  -0.248  2.097   1.00 39.10 ? 192 TRP A CG  1 
ATOM   1283 C CD1 . TRP A 1 197 ? -8.295  -0.245  1.101   1.00 35.90 ? 192 TRP A CD1 1 
ATOM   1284 C CD2 . TRP A 1 197 ? -6.084  -0.228  1.451   1.00 35.41 ? 192 TRP A CD2 1 
ATOM   1285 N NE1 . TRP A 1 197 ? -7.679  -0.222  -0.126  1.00 36.78 ? 192 TRP A NE1 1 
ATOM   1286 C CE2 . TRP A 1 197 ? -6.321  -0.211  0.059   1.00 35.67 ? 192 TRP A CE2 1 
ATOM   1287 C CE3 . TRP A 1 197 ? -4.760  -0.222  1.913   1.00 33.04 ? 192 TRP A CE3 1 
ATOM   1288 C CZ2 . TRP A 1 197 ? -5.283  -0.190  -0.878  1.00 36.03 ? 192 TRP A CZ2 1 
ATOM   1289 C CZ3 . TRP A 1 197 ? -3.728  -0.200  0.980   1.00 35.76 ? 192 TRP A CZ3 1 
ATOM   1290 C CH2 . TRP A 1 197 ? -3.997  -0.186  -0.399  1.00 36.41 ? 192 TRP A CH2 1 
ATOM   1291 N N   . ARG A 1 198 ? -8.040  -1.242  6.507   1.00 44.05 ? 193 ARG A N   1 
ATOM   1292 C CA  . ARG A 1 198 ? -7.963  -1.089  7.961   1.00 43.67 ? 193 ARG A CA  1 
ATOM   1293 C C   . ARG A 1 198 ? -7.181  -2.228  8.604   1.00 43.62 ? 193 ARG A C   1 
ATOM   1294 O O   . ARG A 1 198 ? -6.464  -2.026  9.587   1.00 44.70 ? 193 ARG A O   1 
ATOM   1295 C CB  . ARG A 1 198 ? -9.362  -1.020  8.573   1.00 43.05 ? 193 ARG A CB  1 
ATOM   1296 C CG  . ARG A 1 198 ? -10.030 0.336   8.447   1.00 43.75 ? 193 ARG A CG  1 
ATOM   1297 C CD  . ARG A 1 198 ? -11.255 0.437   9.341   1.00 44.68 ? 193 ARG A CD  1 
ATOM   1298 N NE  . ARG A 1 198 ? -10.935 0.164   10.741  1.00 47.85 ? 193 ARG A NE  1 
ATOM   1299 C CZ  . ARG A 1 198 ? -10.463 1.064   11.599  1.00 46.27 ? 193 ARG A CZ  1 
ATOM   1300 N NH1 . ARG A 1 198 ? -10.249 2.318   11.218  1.00 45.20 ? 193 ARG A NH1 1 
ATOM   1301 N NH2 . ARG A 1 198 ? -10.203 0.709   12.850  1.00 46.29 ? 193 ARG A NH2 1 
ATOM   1302 N N   . HIS A 1 199 ? -7.329  -3.422  8.036   1.00 42.64 ? 194 HIS A N   1 
ATOM   1303 C CA  . HIS A 1 199 ? -6.633  -4.608  8.511   1.00 42.44 ? 194 HIS A CA  1 
ATOM   1304 C C   . HIS A 1 199 ? -5.151  -4.602  8.125   1.00 42.44 ? 194 HIS A C   1 
ATOM   1305 O O   . HIS A 1 199 ? -4.302  -5.001  8.926   1.00 42.55 ? 194 HIS A O   1 
ATOM   1306 C CB  . HIS A 1 199 ? -7.324  -5.869  7.993   1.00 43.01 ? 194 HIS A CB  1 
ATOM   1307 C CG  . HIS A 1 199 ? -6.632  -7.134  8.384   1.00 44.80 ? 194 HIS A CG  1 
ATOM   1308 N ND1 . HIS A 1 199 ? -6.847  -7.757  9.594   1.00 46.63 ? 194 HIS A ND1 1 
ATOM   1309 C CD2 . HIS A 1 199 ? -5.716  -7.885  7.730   1.00 45.78 ? 194 HIS A CD2 1 
ATOM   1310 C CE1 . HIS A 1 199 ? -6.098  -8.843  9.666   1.00 45.98 ? 194 HIS A CE1 1 
ATOM   1311 N NE2 . HIS A 1 199 ? -5.402  -8.944  8.548   1.00 48.32 ? 194 HIS A NE2 1 
ATOM   1312 N N   . PHE A 1 200 ? -4.850  -4.162  6.903   1.00 42.13 ? 195 PHE A N   1 
ATOM   1313 C CA  . PHE A 1 200 ? -3.465  -4.054  6.430   1.00 40.77 ? 195 PHE A CA  1 
ATOM   1314 C C   . PHE A 1 200 ? -2.675  -3.026  7.238   1.00 41.20 ? 195 PHE A C   1 
ATOM   1315 O O   . PHE A 1 200 ? -1.549  -3.296  7.661   1.00 40.52 ? 195 PHE A O   1 
ATOM   1316 C CB  . PHE A 1 200 ? -3.416  -3.722  4.930   1.00 39.85 ? 195 PHE A CB  1 
ATOM   1317 C CG  . PHE A 1 200 ? -2.048  -3.311  4.436   1.00 35.87 ? 195 PHE A CG  1 
ATOM   1318 C CD1 . PHE A 1 200 ? -1.024  -4.248  4.311   1.00 36.37 ? 195 PHE A CD1 1 
ATOM   1319 C CD2 . PHE A 1 200 ? -1.789  -1.987  4.090   1.00 36.51 ? 195 PHE A CD2 1 
ATOM   1320 C CE1 . PHE A 1 200 ? 0.238   -3.870  3.854   1.00 38.93 ? 195 PHE A CE1 1 
ATOM   1321 C CE2 . PHE A 1 200 ? -0.530  -1.600  3.632   1.00 36.82 ? 195 PHE A CE2 1 
ATOM   1322 C CZ  . PHE A 1 200 ? 0.485   -2.543  3.516   1.00 35.68 ? 195 PHE A CZ  1 
ATOM   1323 N N   . ILE A 1 201 ? -3.274  -1.855  7.447   1.00 40.94 ? 196 ILE A N   1 
ATOM   1324 C CA  . ILE A 1 201 ? -2.647  -0.767  8.202   1.00 42.95 ? 196 ILE A CA  1 
ATOM   1325 C C   . ILE A 1 201 ? -2.460  -1.147  9.674   1.00 44.80 ? 196 ILE A C   1 
ATOM   1326 O O   . ILE A 1 201 ? -1.389  -0.934  10.244  1.00 44.41 ? 196 ILE A O   1 
ATOM   1327 C CB  . ILE A 1 201 ? -3.453  0.558   8.071   1.00 42.36 ? 196 ILE A CB  1 
ATOM   1328 C CG1 . ILE A 1 201 ? -3.463  1.035   6.614   1.00 41.70 ? 196 ILE A CG1 1 
ATOM   1329 C CG2 . ILE A 1 201 ? -2.865  1.651   8.972   1.00 43.96 ? 196 ILE A CG2 1 
ATOM   1330 C CD1 . ILE A 1 201 ? -4.659  1.897   6.251   1.00 39.00 ? 196 ILE A CD1 1 
ATOM   1331 N N   . GLY A 1 202 ? -3.500  -1.728  10.272  1.00 46.65 ? 197 GLY A N   1 
ATOM   1332 C CA  . GLY A 1 202 ? -3.480  -2.121  11.682  1.00 48.24 ? 197 GLY A CA  1 
ATOM   1333 C C   . GLY A 1 202 ? -2.461  -3.189  12.042  1.00 49.72 ? 197 GLY A C   1 
ATOM   1334 O O   . GLY A 1 202 ? -2.095  -3.335  13.209  1.00 50.65 ? 197 GLY A O   1 
ATOM   1335 N N   . MET A 1 203 ? -2.003  -3.933  11.037  1.00 51.30 ? 198 MET A N   1 
ATOM   1336 C CA  . MET A 1 203 ? -1.023  -4.999  11.238  1.00 53.74 ? 198 MET A CA  1 
ATOM   1337 C C   . MET A 1 203 ? 0.395   -4.551  10.883  1.00 52.07 ? 198 MET A C   1 
ATOM   1338 O O   . MET A 1 203 ? 1.358   -4.938  11.549  1.00 51.93 ? 198 MET A O   1 
ATOM   1339 C CB  . MET A 1 203 ? -1.418  -6.242  10.431  1.00 53.05 ? 198 MET A CB  1 
ATOM   1340 C CG  . MET A 1 203 ? -0.537  -7.466  10.673  1.00 57.93 ? 198 MET A CG  1 
ATOM   1341 S SD  . MET A 1 203 ? -1.351  -9.024  10.263  1.00 63.15 ? 198 MET A SD  1 
ATOM   1342 C CE  . MET A 1 203 ? -2.385  -9.263  11.710  1.00 64.71 ? 198 MET A CE  1 
ATOM   1343 N N   . ARG A 1 204 ? 0.515   -3.729  9.844   1.00 50.95 ? 199 ARG A N   1 
ATOM   1344 C CA  . ARG A 1 204 ? 1.822   -3.356  9.304   1.00 48.96 ? 199 ARG A CA  1 
ATOM   1345 C C   . ARG A 1 204 ? 2.368   -2.033  9.834   1.00 49.94 ? 199 ARG A C   1 
ATOM   1346 O O   . ARG A 1 204 ? 3.577   -1.890  10.003  1.00 49.07 ? 199 ARG A O   1 
ATOM   1347 C CB  . ARG A 1 204 ? 1.797   -3.348  7.772   1.00 49.20 ? 199 ARG A CB  1 
ATOM   1348 C CG  . ARG A 1 204 ? 1.473   -4.699  7.137   1.00 44.44 ? 199 ARG A CG  1 
ATOM   1349 C CD  . ARG A 1 204 ? 2.495   -5.766  7.509   1.00 39.48 ? 199 ARG A CD  1 
ATOM   1350 N NE  . ARG A 1 204 ? 2.380   -6.942  6.650   1.00 42.69 ? 199 ARG A NE  1 
ATOM   1351 C CZ  . ARG A 1 204 ? 3.251   -7.948  6.625   1.00 45.07 ? 199 ARG A CZ  1 
ATOM   1352 N NH1 . ARG A 1 204 ? 4.317   -7.938  7.417   1.00 43.85 ? 199 ARG A NH1 1 
ATOM   1353 N NH2 . ARG A 1 204 ? 3.056   -8.971  5.803   1.00 42.54 ? 199 ARG A NH2 1 
ATOM   1354 N N   . ALA A 1 205 ? 1.481   -1.074  10.101  1.00 50.05 ? 200 ALA A N   1 
ATOM   1355 C CA  . ALA A 1 205 ? 1.896   0.244   10.589  1.00 50.96 ? 200 ALA A CA  1 
ATOM   1356 C C   . ALA A 1 205 ? 2.169   0.277   12.098  1.00 52.88 ? 200 ALA A C   1 
ATOM   1357 O O   . ALA A 1 205 ? 2.543   1.319   12.642  1.00 52.90 ? 200 ALA A O   1 
ATOM   1358 C CB  . ALA A 1 205 ? 0.868   1.307   10.202  1.00 49.38 ? 200 ALA A CB  1 
ATOM   1359 N N   . SER A 1 206 ? 1.990   -0.864  12.764  1.00 55.63 ? 201 SER A N   1 
ATOM   1360 C CA  . SER A 1 206 ? 2.176   -0.959  14.214  1.00 58.66 ? 201 SER A CA  1 
ATOM   1361 C C   . SER A 1 206 ? 3.470   -1.671  14.619  1.00 60.41 ? 201 SER A C   1 
ATOM   1362 O O   . SER A 1 206 ? 4.173   -1.212  15.525  1.00 61.31 ? 201 SER A O   1 
ATOM   1363 C CB  . SER A 1 206 ? 0.968   -1.636  14.869  1.00 58.56 ? 201 SER A CB  1 
ATOM   1364 O OG  . SER A 1 206 ? 0.798   -2.959  14.390  1.00 60.34 ? 201 SER A OG  1 
ATOM   1365 N N   . GLU A 1 207 ? 3.779   -2.784  13.952  1.00 62.94 ? 202 GLU A N   1 
ATOM   1366 C CA  . GLU A 1 207 ? 4.982   -3.572  14.246  0.50 64.97 ? 202 GLU A CA  1 
ATOM   1367 C C   . GLU A 1 207 ? 6.235   -2.858  13.710  1.00 66.64 ? 202 GLU A C   1 
ATOM   1368 O O   . GLU A 1 207 ? 6.110   -1.895  12.961  1.00 67.64 ? 202 GLU A O   1 
ATOM   1369 C CB  . GLU A 1 207 ? 4.838   -4.989  13.686  0.50 64.74 ? 202 GLU A CB  1 
ATOM   1370 C CG  . GLU A 1 207 ? 5.330   -6.090  14.626  0.50 64.79 ? 202 GLU A CG  1 
ATOM   1371 C CD  . GLU A 1 207 ? 4.411   -6.319  15.816  0.50 66.38 ? 202 GLU A CD  1 
ATOM   1372 O OE1 . GLU A 1 207 ? 4.916   -6.353  16.958  0.50 66.40 ? 202 GLU A OE1 1 
ATOM   1373 O OE2 . GLU A 1 207 ? 3.184   -6.463  15.613  0.50 67.94 ? 202 GLU A OE2 1 
ATOM   1374 N N   . HIS A 1 208 ? 7.432   -3.325  14.077  1.00 68.27 ? 203 HIS A N   1 
ATOM   1375 C CA  . HIS A 1 208 ? 8.622   -2.443  14.062  1.00 69.71 ? 203 HIS A CA  1 
ATOM   1376 C C   . HIS A 1 208 ? 9.688   -2.390  12.925  1.00 69.63 ? 203 HIS A C   1 
ATOM   1377 O O   . HIS A 1 208 ? 10.075  -1.276  12.585  1.00 70.10 ? 203 HIS A O   1 
ATOM   1378 C CB  . HIS A 1 208 ? 9.289   -2.394  15.450  1.00 70.64 ? 203 HIS A CB  1 
ATOM   1379 C CG  . HIS A 1 208 ? 8.553   -1.542  16.442  1.00 74.31 ? 203 HIS A CG  1 
ATOM   1380 N ND1 . HIS A 1 208 ? 8.150   -0.252  16.163  1.00 77.74 ? 203 HIS A ND1 1 
ATOM   1381 C CD2 . HIS A 1 208 ? 8.158   -1.791  17.714  1.00 77.25 ? 203 HIS A CD2 1 
ATOM   1382 C CE1 . HIS A 1 208 ? 7.531   0.252   17.217  1.00 78.16 ? 203 HIS A CE1 1 
ATOM   1383 N NE2 . HIS A 1 208 ? 7.524   -0.660  18.172  1.00 76.81 ? 203 HIS A NE2 1 
ATOM   1384 N N   . ALA A 1 209 ? 10.201  -3.475  12.319  1.00 68.91 ? 204 ALA A N   1 
ATOM   1385 C CA  . ALA A 1 209 ? 9.743   -4.875  12.311  1.00 68.62 ? 204 ALA A CA  1 
ATOM   1386 C C   . ALA A 1 209 ? 8.372   -5.110  11.661  1.00 68.04 ? 204 ALA A C   1 
ATOM   1387 O O   . ALA A 1 209 ? 7.422   -5.449  12.355  1.00 69.56 ? 204 ALA A O   1 
ATOM   1388 C CB  . ALA A 1 209 ? 9.844   -5.530  13.707  1.00 68.29 ? 204 ALA A CB  1 
ATOM   1389 N N   . ASP A 1 210 ? 8.252   -4.965  10.337  1.00 65.09 ? 205 ASP A N   1 
ATOM   1390 C CA  . ASP A 1 210 ? 9.344   -4.659  9.408   1.00 62.05 ? 205 ASP A CA  1 
ATOM   1391 C C   . ASP A 1 210 ? 9.290   -3.183  8.996   1.00 58.42 ? 205 ASP A C   1 
ATOM   1392 O O   . ASP A 1 210 ? 8.228   -2.559  9.041   1.00 59.03 ? 205 ASP A O   1 
ATOM   1393 C CB  . ASP A 1 210 ? 9.241   -5.564  8.173   1.00 63.36 ? 205 ASP A CB  1 
ATOM   1394 C CG  . ASP A 1 210 ? 10.578  -5.790  7.486   1.00 68.10 ? 205 ASP A CG  1 
ATOM   1395 O OD1 . ASP A 1 210 ? 11.226  -4.804  7.072   1.00 75.24 ? 205 ASP A OD1 1 
ATOM   1396 O OD2 . ASP A 1 210 ? 10.977  -6.966  7.344   1.00 68.60 ? 205 ASP A OD2 1 
ATOM   1397 N N   . VAL A 1 211 ? 10.437  -2.641  8.585   1.00 54.77 ? 206 VAL A N   1 
ATOM   1398 C CA  . VAL A 1 211 ? 10.599  -1.199  8.350   1.00 49.97 ? 206 VAL A CA  1 
ATOM   1399 C C   . VAL A 1 211 ? 9.892   -0.680  7.088   1.00 47.30 ? 206 VAL A C   1 
ATOM   1400 O O   . VAL A 1 211 ? 9.105   0.268   7.165   1.00 47.05 ? 206 VAL A O   1 
ATOM   1401 C CB  . VAL A 1 211 ? 12.099  -0.779  8.346   1.00 50.19 ? 206 VAL A CB  1 
ATOM   1402 C CG1 . VAL A 1 211 ? 12.251  0.720   8.106   1.00 47.99 ? 206 VAL A CG1 1 
ATOM   1403 C CG2 . VAL A 1 211 ? 12.770  -1.169  9.658   1.00 49.06 ? 206 VAL A CG2 1 
ATOM   1404 N N   . GLU A 1 212 ? 10.178  -1.292  5.939   1.00 45.13 ? 207 GLU A N   1 
ATOM   1405 C CA  . GLU A 1 212 ? 9.661   -0.811  4.654   1.00 42.61 ? 207 GLU A CA  1 
ATOM   1406 C C   . GLU A 1 212 ? 8.143   -0.948  4.532   1.00 42.35 ? 207 GLU A C   1 
ATOM   1407 O O   . GLU A 1 212 ? 7.474   -0.031  4.053   1.00 41.13 ? 207 GLU A O   1 
ATOM   1408 C CB  . GLU A 1 212 ? 10.359  -1.512  3.481   1.00 41.99 ? 207 GLU A CB  1 
ATOM   1409 C CG  . GLU A 1 212 ? 10.076  -0.873  2.118   1.00 40.80 ? 207 GLU A CG  1 
ATOM   1410 C CD  . GLU A 1 212 ? 10.813  -1.542  0.970   1.00 40.43 ? 207 GLU A CD  1 
ATOM   1411 O OE1 . GLU A 1 212 ? 11.767  -2.310  1.221   1.00 43.00 ? 207 GLU A OE1 1 
ATOM   1412 O OE2 . GLU A 1 212 ? 10.435  -1.295  -0.195  1.00 33.40 ? 207 GLU A OE2 1 
ATOM   1413 N N   . ILE A 1 213 ? 7.608   -2.086  4.975   1.00 41.99 ? 208 ILE A N   1 
ATOM   1414 C CA  . ILE A 1 213 ? 6.167   -2.351  4.911   1.00 41.89 ? 208 ILE A CA  1 
ATOM   1415 C C   . ILE A 1 213 ? 5.355   -1.404  5.811   1.00 41.88 ? 208 ILE A C   1 
ATOM   1416 O O   . ILE A 1 213 ? 4.188   -1.123  5.530   1.00 42.31 ? 208 ILE A O   1 
ATOM   1417 C CB  . ILE A 1 213 ? 5.838   -3.857  5.187   1.00 41.16 ? 208 ILE A CB  1 
ATOM   1418 C CG1 . ILE A 1 213 ? 4.430   -4.227  4.698   1.00 43.56 ? 208 ILE A CG1 1 
ATOM   1419 C CG2 . ILE A 1 213 ? 6.057   -4.227  6.656   1.00 42.17 ? 208 ILE A CG2 1 
ATOM   1420 C CD1 . ILE A 1 213 ? 4.326   -4.451  3.197   1.00 36.95 ? 208 ILE A CD1 1 
ATOM   1421 N N   . ARG A 1 214 ? 5.987   -0.916  6.880   1.00 42.51 ? 209 ARG A N   1 
ATOM   1422 C CA  . ARG A 1 214 ? 5.425   0.133   7.731   1.00 43.11 ? 209 ARG A CA  1 
ATOM   1423 C C   . ARG A 1 214 ? 5.223   1.419   6.948   1.00 43.15 ? 209 ARG A C   1 
ATOM   1424 O O   . ARG A 1 214 ? 4.121   1.968   6.915   1.00 44.04 ? 209 ARG A O   1 
ATOM   1425 C CB  . ARG A 1 214 ? 6.370   0.435   8.891   1.00 42.49 ? 209 ARG A CB  1 
ATOM   1426 C CG  . ARG A 1 214 ? 6.110   -0.328  10.161  1.00 45.71 ? 209 ARG A CG  1 
ATOM   1427 C CD  . ARG A 1 214 ? 7.220   -0.063  11.158  1.00 46.09 ? 209 ARG A CD  1 
ATOM   1428 N NE  . ARG A 1 214 ? 7.333   1.355   11.488  1.00 46.64 ? 209 ARG A NE  1 
ATOM   1429 C CZ  . ARG A 1 214 ? 8.390   1.911   12.074  1.00 44.09 ? 209 ARG A CZ  1 
ATOM   1430 N NH1 . ARG A 1 214 ? 9.446   1.179   12.404  1.00 32.59 ? 209 ARG A NH1 1 
ATOM   1431 N NH2 . ARG A 1 214 ? 8.392   3.211   12.327  1.00 46.24 ? 209 ARG A NH2 1 
ATOM   1432 N N   . GLU A 1 215 ? 6.305   1.894   6.329   1.00 42.95 ? 210 GLU A N   1 
ATOM   1433 C CA  . GLU A 1 215 ? 6.305   3.137   5.563   1.00 44.02 ? 210 GLU A CA  1 
ATOM   1434 C C   . GLU A 1 215 ? 5.256   3.105   4.456   1.00 42.45 ? 210 GLU A C   1 
ATOM   1435 O O   . GLU A 1 215 ? 4.585   4.107   4.203   1.00 44.18 ? 210 GLU A O   1 
ATOM   1436 C CB  . GLU A 1 215 ? 7.694   3.403   4.975   1.00 43.71 ? 210 GLU A CB  1 
ATOM   1437 C CG  . GLU A 1 215 ? 7.898   4.826   4.462   1.00 47.62 ? 210 GLU A CG  1 
ATOM   1438 C CD  . GLU A 1 215 ? 9.225   5.021   3.744   1.00 50.23 ? 210 GLU A CD  1 
ATOM   1439 O OE1 . GLU A 1 215 ? 9.320   5.957   2.923   1.00 52.29 ? 210 GLU A OE1 1 
ATOM   1440 O OE2 . GLU A 1 215 ? 10.172  4.244   3.996   1.00 56.44 ? 210 GLU A OE2 1 
ATOM   1441 N N   . VAL A 1 216 ? 5.125   1.950   3.804   1.00 41.92 ? 211 VAL A N   1 
ATOM   1442 C CA  . VAL A 1 216 ? 4.083   1.729   2.802   1.00 40.69 ? 211 VAL A CA  1 
ATOM   1443 C C   . VAL A 1 216 ? 2.698   1.853   3.443   1.00 40.36 ? 211 VAL A C   1 
ATOM   1444 O O   . VAL A 1 216 ? 1.822   2.535   2.906   1.00 41.05 ? 211 VAL A O   1 
ATOM   1445 C CB  . VAL A 1 216 ? 4.242   0.350   2.099   1.00 41.08 ? 211 VAL A CB  1 
ATOM   1446 C CG1 . VAL A 1 216 ? 3.112   0.107   1.102   1.00 37.66 ? 211 VAL A CG1 1 
ATOM   1447 C CG2 . VAL A 1 216 ? 5.590   0.259   1.394   1.00 39.64 ? 211 VAL A CG2 1 
ATOM   1448 N N   . ALA A 1 217 ? 2.519   1.212   4.598   1.00 39.51 ? 212 ALA A N   1 
ATOM   1449 C CA  . ALA A 1 217 ? 1.239   1.214   5.314   1.00 40.49 ? 212 ALA A CA  1 
ATOM   1450 C C   . ALA A 1 217 ? 0.850   2.587   5.870   1.00 41.43 ? 212 ALA A C   1 
ATOM   1451 O O   . ALA A 1 217 ? -0.334  2.931   5.898   1.00 42.12 ? 212 ALA A O   1 
ATOM   1452 C CB  . ALA A 1 217 ? 1.249   0.174   6.427   1.00 40.68 ? 212 ALA A CB  1 
ATOM   1453 N N   . VAL A 1 218 ? 1.843   3.358   6.311   1.00 41.82 ? 213 VAL A N   1 
ATOM   1454 C CA  . VAL A 1 218 ? 1.612   4.708   6.835   1.00 40.89 ? 213 VAL A CA  1 
ATOM   1455 C C   . VAL A 1 218 ? 1.214   5.667   5.709   1.00 41.71 ? 213 VAL A C   1 
ATOM   1456 O O   . VAL A 1 218 ? 0.314   6.495   5.879   1.00 42.27 ? 213 VAL A O   1 
ATOM   1457 C CB  . VAL A 1 218 ? 2.845   5.247   7.621   1.00 42.10 ? 213 VAL A CB  1 
ATOM   1458 C CG1 . VAL A 1 218 ? 2.662   6.714   8.009   1.00 37.87 ? 213 VAL A CG1 1 
ATOM   1459 C CG2 . VAL A 1 218 ? 3.096   4.407   8.867   1.00 39.63 ? 213 VAL A CG2 1 
ATOM   1460 N N   . GLU A 1 219 ? 1.878   5.537   4.562   1.00 41.53 ? 214 GLU A N   1 
ATOM   1461 C CA  . GLU A 1 219 ? 1.580   6.362   3.389   1.00 42.62 ? 214 GLU A CA  1 
ATOM   1462 C C   . GLU A 1 219 ? 0.226   6.028   2.762   1.00 42.80 ? 214 GLU A C   1 
ATOM   1463 O O   . GLU A 1 219 ? -0.423  6.903   2.181   1.00 43.47 ? 214 GLU A O   1 
ATOM   1464 C CB  . GLU A 1 219 ? 2.696   6.257   2.345   1.00 44.20 ? 214 GLU A CB  1 
ATOM   1465 C CG  . GLU A 1 219 ? 3.960   7.044   2.695   1.00 48.48 ? 214 GLU A CG  1 
ATOM   1466 C CD  . GLU A 1 219 ? 3.707   8.535   2.872   1.00 54.74 ? 214 GLU A CD  1 
ATOM   1467 O OE1 . GLU A 1 219 ? 4.133   9.090   3.907   1.00 52.18 ? 214 GLU A OE1 1 
ATOM   1468 O OE2 . GLU A 1 219 ? 3.081   9.151   1.982   1.00 60.32 ? 214 GLU A OE2 1 
ATOM   1469 N N   . CYS A 1 220 ? -0.192  4.769   2.877   1.00 42.01 ? 215 CYS A N   1 
ATOM   1470 C CA  . CYS A 1 220 ? -1.514  4.343   2.420   1.00 41.56 ? 215 CYS A CA  1 
ATOM   1471 C C   . CYS A 1 220 ? -2.618  4.906   3.313   1.00 42.44 ? 215 CYS A C   1 
ATOM   1472 O O   . CYS A 1 220 ? -3.643  5.379   2.817   1.00 41.12 ? 215 CYS A O   1 
ATOM   1473 C CB  . CYS A 1 220 ? -1.605  2.816   2.359   1.00 39.74 ? 215 CYS A CB  1 
ATOM   1474 S SG  . CYS A 1 220 ? -0.764  2.071   0.940   1.00 37.36 ? 215 CYS A SG  1 
ATOM   1475 N N   . LEU A 1 221 ? -2.395  4.855   4.627   1.00 44.31 ? 216 LEU A N   1 
ATOM   1476 C CA  . LEU A 1 221 ? -3.324  5.408   5.615   1.00 46.96 ? 216 LEU A CA  1 
ATOM   1477 C C   . LEU A 1 221 ? -3.514  6.913   5.439   1.00 49.34 ? 216 LEU A C   1 
ATOM   1478 O O   . LEU A 1 221 ? -4.638  7.416   5.505   1.00 50.65 ? 216 LEU A O   1 
ATOM   1479 C CB  . LEU A 1 221 ? -2.830  5.106   7.036   1.00 47.13 ? 216 LEU A CB  1 
ATOM   1480 C CG  . LEU A 1 221 ? -3.497  5.841   8.206   1.00 47.03 ? 216 LEU A CG  1 
ATOM   1481 C CD1 . LEU A 1 221 ? -4.893  5.295   8.486   1.00 43.33 ? 216 LEU A CD1 1 
ATOM   1482 C CD2 . LEU A 1 221 ? -2.631  5.752   9.442   1.00 44.95 ? 216 LEU A CD2 1 
ATOM   1483 N N   . ARG A 1 222 ? -2.404  7.614   5.217   1.00 50.58 ? 217 ARG A N   1 
ATOM   1484 C CA  . ARG A 1 222 ? -2.390  9.064   5.030   1.00 52.62 ? 217 ARG A CA  1 
ATOM   1485 C C   . ARG A 1 222 ? -3.294  9.509   3.883   1.00 52.64 ? 217 ARG A C   1 
ATOM   1486 O O   . ARG A 1 222 ? -4.017  10.503  4.001   1.00 53.46 ? 217 ARG A O   1 
ATOM   1487 C CB  . ARG A 1 222 ? -0.956  9.541   4.792   1.00 53.61 ? 217 ARG A CB  1 
ATOM   1488 C CG  . ARG A 1 222 ? -0.789  11.050  4.674   1.00 54.88 ? 217 ARG A CG  1 
ATOM   1489 C CD  . ARG A 1 222 ? 0.668   11.443  4.825   1.00 62.49 ? 217 ARG A CD  1 
ATOM   1490 N NE  . ARG A 1 222 ? 1.173   11.102  6.153   1.00 68.19 ? 217 ARG A NE  1 
ATOM   1491 C CZ  . ARG A 1 222 ? 2.437   11.240  6.543   1.00 68.88 ? 217 ARG A CZ  1 
ATOM   1492 N NH1 . ARG A 1 222 ? 3.353   11.720  5.712   1.00 73.15 ? 217 ARG A NH1 1 
ATOM   1493 N NH2 . ARG A 1 222 ? 2.786   10.899  7.776   1.00 68.36 ? 217 ARG A NH2 1 
ATOM   1494 N N   . LYS A 1 223 ? -3.246  8.765   2.780   1.00 53.33 ? 218 LYS A N   1 
ATOM   1495 C CA  . LYS A 1 223 ? -4.087  9.033   1.615   1.00 53.35 ? 218 LYS A CA  1 
ATOM   1496 C C   . LYS A 1 223 ? -5.547  8.676   1.885   1.00 53.11 ? 218 LYS A C   1 
ATOM   1497 O O   . LYS A 1 223 ? -6.457  9.340   1.385   1.00 53.83 ? 218 LYS A O   1 
ATOM   1498 C CB  . LYS A 1 223 ? -3.571  8.268   0.389   1.00 53.13 ? 218 LYS A CB  1 
ATOM   1499 C CG  . LYS A 1 223 ? -2.198  8.712   -0.110  1.00 52.86 ? 218 LYS A CG  1 
ATOM   1500 C CD  . LYS A 1 223 ? -2.269  10.018  -0.890  1.00 56.93 ? 218 LYS A CD  1 
ATOM   1501 C CE  . LYS A 1 223 ? -0.881  10.543  -1.213  1.00 60.22 ? 218 LYS A CE  1 
ATOM   1502 N NZ  . LYS A 1 223 ? -0.934  11.795  -2.017  1.00 63.92 ? 218 LYS A NZ  1 
ATOM   1503 N N   . LEU A 1 224 ? -5.758  7.628   2.679   1.00 52.32 ? 219 LEU A N   1 
ATOM   1504 C CA  . LEU A 1 224 ? -7.099  7.187   3.063   1.00 52.18 ? 219 LEU A CA  1 
ATOM   1505 C C   . LEU A 1 224 ? -7.746  8.111   4.093   1.00 52.97 ? 219 LEU A C   1 
ATOM   1506 O O   . LEU A 1 224 ? -8.972  8.172   4.190   1.00 52.72 ? 219 LEU A O   1 
ATOM   1507 C CB  . LEU A 1 224 ? -7.067  5.748   3.590   1.00 51.11 ? 219 LEU A CB  1 
ATOM   1508 C CG  . LEU A 1 224 ? -6.923  4.621   2.563   1.00 48.57 ? 219 LEU A CG  1 
ATOM   1509 C CD1 . LEU A 1 224 ? -6.434  3.347   3.231   1.00 46.69 ? 219 LEU A CD1 1 
ATOM   1510 C CD2 . LEU A 1 224 ? -8.233  4.370   1.822   1.00 52.01 ? 219 LEU A CD2 1 
ATOM   1511 N N   . GLN A 1 225 ? -6.919  8.820   4.860   1.00 53.40 ? 220 GLN A N   1 
ATOM   1512 C CA  . GLN A 1 225 ? -7.407  9.798   5.832   1.00 54.33 ? 220 GLN A CA  1 
ATOM   1513 C C   . GLN A 1 225 ? -7.876  11.084  5.160   1.00 55.43 ? 220 GLN A C   1 
ATOM   1514 O O   . GLN A 1 225 ? -8.745  11.784  5.683   1.00 56.74 ? 220 GLN A O   1 
ATOM   1515 C CB  . GLN A 1 225 ? -6.343  10.100  6.886   1.00 54.50 ? 220 GLN A CB  1 
ATOM   1516 C CG  . GLN A 1 225 ? -6.275  9.059   7.996   1.00 55.85 ? 220 GLN A CG  1 
ATOM   1517 C CD  . GLN A 1 225 ? -5.263  9.401   9.074   1.00 54.63 ? 220 GLN A CD  1 
ATOM   1518 O OE1 . GLN A 1 225 ? -4.319  10.157  8.845   1.00 58.50 ? 220 GLN A OE1 1 
ATOM   1519 N NE2 . GLN A 1 225 ? -5.454  8.836   10.260  1.00 52.88 ? 220 GLN A NE2 1 
ATOM   1520 N N   . VAL A 1 226 ? -7.289  11.390  4.004   1.00 55.63 ? 221 VAL A N   1 
ATOM   1521 C CA  . VAL A 1 226 ? -7.761  12.486  3.162   1.00 55.75 ? 221 VAL A CA  1 
ATOM   1522 C C   . VAL A 1 226 ? -9.099  12.096  2.527   1.00 56.99 ? 221 VAL A C   1 
ATOM   1523 O O   . VAL A 1 226 ? -10.053 12.880  2.537   1.00 58.32 ? 221 VAL A O   1 
ATOM   1524 C CB  . VAL A 1 226 ? -6.724  12.856  2.063   1.00 55.18 ? 221 VAL A CB  1 
ATOM   1525 C CG1 . VAL A 1 226 ? -7.265  13.946  1.137   1.00 53.82 ? 221 VAL A CG1 1 
ATOM   1526 C CG2 . VAL A 1 226 ? -5.407  13.304  2.694   1.00 53.98 ? 221 VAL A CG2 1 
ATOM   1527 N N   . ALA A 1 227 ? -9.163  10.873  2.000   1.00 57.38 ? 222 ALA A N   1 
ATOM   1528 C CA  . ALA A 1 227 ? -10.345 10.375  1.295   1.00 57.06 ? 222 ALA A CA  1 
ATOM   1529 C C   . ALA A 1 227 ? -11.512 10.045  2.230   1.00 57.50 ? 222 ALA A C   1 
ATOM   1530 O O   . ALA A 1 227 ? -12.659 10.398  1.944   1.00 57.56 ? 222 ALA A O   1 
ATOM   1531 C CB  . ALA A 1 227 ? -9.985  9.163   0.443   1.00 57.10 ? 222 ALA A CB  1 
ATOM   1532 N N   . ALA A 1 228 ? -11.214 9.369   3.336   1.00 56.77 ? 223 ALA A N   1 
ATOM   1533 C CA  . ALA A 1 228 ? -12.224 9.010   4.330   1.00 56.63 ? 223 ALA A CA  1 
ATOM   1534 C C   . ALA A 1 228 ? -11.741 9.365   5.740   1.00 56.85 ? 223 ALA A C   1 
ATOM   1535 O O   . ALA A 1 228 ? -11.152 8.523   6.428   1.00 57.21 ? 223 ALA A O   1 
ATOM   1536 C CB  . ALA A 1 228 ? -12.568 7.530   4.227   1.00 56.50 ? 223 ALA A CB  1 
ATOM   1537 N N   . PRO A 1 229 ? -11.980 10.622  6.167   1.00 56.56 ? 224 PRO A N   1 
ATOM   1538 C CA  . PRO A 1 229 ? -11.509 11.134  7.458   1.00 56.00 ? 224 PRO A CA  1 
ATOM   1539 C C   . PRO A 1 229 ? -12.013 10.356  8.677   1.00 56.02 ? 224 PRO A C   1 
ATOM   1540 O O   . PRO A 1 229 ? -11.249 10.142  9.618   1.00 56.27 ? 224 PRO A O   1 
ATOM   1541 C CB  . PRO A 1 229 ? -12.053 12.569  7.487   1.00 55.96 ? 224 PRO A CB  1 
ATOM   1542 C CG  . PRO A 1 229 ? -12.265 12.925  6.062   1.00 55.84 ? 224 PRO A CG  1 
ATOM   1543 C CD  . PRO A 1 229 ? -12.715 11.655  5.414   1.00 56.55 ? 224 PRO A CD  1 
ATOM   1544 N N   . THR A 1 230 ? -13.277 9.939   8.655   1.00 56.01 ? 225 THR A N   1 
ATOM   1545 C CA  . THR A 1 230 ? -13.904 9.301   9.818   1.00 54.87 ? 225 THR A CA  1 
ATOM   1546 C C   . THR A 1 230 ? -13.594 7.806   9.923   1.00 54.32 ? 225 THR A C   1 
ATOM   1547 O O   . THR A 1 230 ? -13.368 7.294   11.024  1.00 53.82 ? 225 THR A O   1 
ATOM   1548 C CB  . THR A 1 230 ? -15.437 9.514   9.838   1.00 55.52 ? 225 THR A CB  1 
ATOM   1549 O OG1 . THR A 1 230 ? -15.751 10.830  9.368   1.00 55.95 ? 225 THR A OG1 1 
ATOM   1550 C CG2 . THR A 1 230 ? -15.989 9.341   11.249  1.00 54.75 ? 225 THR A CG2 1 
ATOM   1551 N N   . VAL A 1 231 ? -13.587 7.115   8.783   1.00 53.27 ? 226 VAL A N   1 
ATOM   1552 C CA  . VAL A 1 231 ? -13.276 5.684   8.738   1.00 52.37 ? 226 VAL A CA  1 
ATOM   1553 C C   . VAL A 1 231 ? -11.846 5.417   9.227   1.00 52.82 ? 226 VAL A C   1 
ATOM   1554 O O   . VAL A 1 231 ? -11.575 4.381   9.838   1.00 52.20 ? 226 VAL A O   1 
ATOM   1555 C CB  . VAL A 1 231 ? -13.479 5.096   7.311   1.00 52.26 ? 226 VAL A CB  1 
ATOM   1556 C CG1 . VAL A 1 231 ? -13.188 3.597   7.285   1.00 49.77 ? 226 VAL A CG1 1 
ATOM   1557 C CG2 . VAL A 1 231 ? -14.895 5.366   6.812   1.00 51.18 ? 226 VAL A CG2 1 
ATOM   1558 N N   . PHE A 1 232 ? -10.950 6.369   8.976   1.00 53.07 ? 227 PHE A N   1 
ATOM   1559 C CA  . PHE A 1 232 ? -9.530  6.198   9.282   1.00 53.54 ? 227 PHE A CA  1 
ATOM   1560 C C   . PHE A 1 232 ? -8.977  7.205   10.304  1.00 54.48 ? 227 PHE A C   1 
ATOM   1561 O O   . PHE A 1 232 ? -7.760  7.321   10.470  1.00 56.11 ? 227 PHE A O   1 
ATOM   1562 C CB  . PHE A 1 232 ? -8.707  6.237   7.988   1.00 52.02 ? 227 PHE A CB  1 
ATOM   1563 C CG  . PHE A 1 232 ? -9.036  5.130   7.020   1.00 48.17 ? 227 PHE A CG  1 
ATOM   1564 C CD1 . PHE A 1 232 ? -8.462  3.870   7.163   1.00 44.55 ? 227 PHE A CD1 1 
ATOM   1565 C CD2 . PHE A 1 232 ? -9.915  5.350   5.962   1.00 45.73 ? 227 PHE A CD2 1 
ATOM   1566 C CE1 . PHE A 1 232 ? -8.761  2.844   6.270   1.00 44.75 ? 227 PHE A CE1 1 
ATOM   1567 C CE2 . PHE A 1 232 ? -10.222 4.329   5.064   1.00 43.40 ? 227 PHE A CE2 1 
ATOM   1568 C CZ  . PHE A 1 232 ? -9.643  3.074   5.220   1.00 42.32 ? 227 PHE A CZ  1 
ATOM   1569 N N   . GLY A 1 233 ? -9.870  7.911   10.997  1.00 54.89 ? 228 GLY A N   1 
ATOM   1570 C CA  . GLY A 1 233 ? -9.477  8.944   11.963  1.00 55.37 ? 228 GLY A CA  1 
ATOM   1571 C C   . GLY A 1 233 ? -8.996  8.434   13.311  1.00 56.16 ? 228 GLY A C   1 
ATOM   1572 O O   . GLY A 1 233 ? -8.333  9.163   14.054  1.00 57.03 ? 228 GLY A O   1 
ATOM   1573 N N   . ASP A 1 234 ? -9.335  7.186   13.625  1.00 56.35 ? 229 ASP A N   1 
ATOM   1574 C CA  . ASP A 1 234 ? -8.937  6.549   14.883  1.00 57.06 ? 229 ASP A CA  1 
ATOM   1575 C C   . ASP A 1 234 ? -7.438  6.254   14.942  1.00 58.18 ? 229 ASP A C   1 
ATOM   1576 O O   . ASP A 1 234 ? -6.859  6.157   16.027  1.00 59.81 ? 229 ASP A O   1 
ATOM   1577 C CB  . ASP A 1 234 ? -9.741  5.263   15.115  1.00 56.32 ? 229 ASP A CB  1 
ATOM   1578 C CG  . ASP A 1 234 ? -9.637  4.283   13.953  1.00 58.15 ? 229 ASP A CG  1 
ATOM   1579 O OD1 . ASP A 1 234 ? -9.909  4.681   12.799  1.00 56.11 ? 229 ASP A OD1 1 
ATOM   1580 O OD2 . ASP A 1 234 ? -9.293  3.108   14.198  1.00 55.48 ? 229 ASP A OD2 1 
ATOM   1581 N N   . PHE A 1 235 ? -6.822  6.112   13.770  1.00 58.57 ? 230 PHE A N   1 
ATOM   1582 C CA  . PHE A 1 235 ? -5.383  5.898   13.663  1.00 58.94 ? 230 PHE A CA  1 
ATOM   1583 C C   . PHE A 1 235 ? -4.612  7.183   13.931  1.00 59.79 ? 230 PHE A C   1 
ATOM   1584 O O   . PHE A 1 235 ? -4.952  8.244   13.401  1.00 59.35 ? 230 PHE A O   1 
ATOM   1585 C CB  . PHE A 1 235 ? -5.020  5.357   12.279  1.00 57.83 ? 230 PHE A CB  1 
ATOM   1586 C CG  . PHE A 1 235 ? -5.354  3.907   12.083  1.00 54.25 ? 230 PHE A CG  1 
ATOM   1587 C CD1 . PHE A 1 235 ? -4.570  2.913   12.663  1.00 50.64 ? 230 PHE A CD1 1 
ATOM   1588 C CD2 . PHE A 1 235 ? -6.447  3.530   11.308  1.00 51.98 ? 230 PHE A CD2 1 
ATOM   1589 C CE1 . PHE A 1 235 ? -4.874  1.566   12.483  1.00 51.85 ? 230 PHE A CE1 1 
ATOM   1590 C CE2 . PHE A 1 235 ? -6.759  2.185   11.120  1.00 47.66 ? 230 PHE A CE2 1 
ATOM   1591 C CZ  . PHE A 1 235 ? -5.970  1.202   11.709  1.00 50.83 ? 230 PHE A CZ  1 
ATOM   1592 N N   . GLU A 1 236 ? -3.575  7.079   14.757  1.00 61.12 ? 231 GLU A N   1 
ATOM   1593 C CA  . GLU A 1 236 ? -2.727  8.226   15.068  1.00 62.78 ? 231 GLU A CA  1 
ATOM   1594 C C   . GLU A 1 236 ? -1.298  8.015   14.576  1.00 61.95 ? 231 GLU A C   1 
ATOM   1595 O O   . GLU A 1 236 ? -0.581  7.131   15.055  1.00 61.53 ? 231 GLU A O   1 
ATOM   1596 C CB  . GLU A 1 236 ? -2.762  8.547   16.566  1.00 63.35 ? 231 GLU A CB  1 
ATOM   1597 C CG  . GLU A 1 236 ? -4.122  9.050   17.051  1.00 67.99 ? 231 GLU A CG  1 
ATOM   1598 C CD  . GLU A 1 236 ? -4.084  9.666   18.441  1.00 72.39 ? 231 GLU A CD  1 
ATOM   1599 O OE1 . GLU A 1 236 ? -3.121  9.409   19.197  1.00 72.38 ? 231 GLU A OE1 1 
ATOM   1600 O OE2 . GLU A 1 236 ? -5.028  10.410  18.780  1.00 73.61 ? 231 GLU A OE2 1 
ATOM   1601 N N   . ILE A 1 237 ? -0.907  8.837   13.603  1.00 62.06 ? 232 ILE A N   1 
ATOM   1602 C CA  . ILE A 1 237 ? 0.425   8.788   13.010  1.00 62.57 ? 232 ILE A CA  1 
ATOM   1603 C C   . ILE A 1 237 ? 1.416   9.531   13.902  1.00 62.85 ? 232 ILE A C   1 
ATOM   1604 O O   . ILE A 1 237 ? 1.220   10.707  14.221  1.00 63.26 ? 232 ILE A O   1 
ATOM   1605 C CB  . ILE A 1 237 ? 0.440   9.397   11.581  1.00 62.05 ? 232 ILE A CB  1 
ATOM   1606 C CG1 . ILE A 1 237 ? -0.613  8.722   10.693  1.00 61.20 ? 232 ILE A CG1 1 
ATOM   1607 C CG2 . ILE A 1 237 ? 1.837   9.285   10.955  1.00 61.63 ? 232 ILE A CG2 1 
ATOM   1608 C CD1 . ILE A 1 237 ? -1.003  9.522   9.460   1.00 64.39 ? 232 ILE A CD1 1 
ATOM   1609 N N   . GLU A 1 238 ? 2.473   8.831   14.307  1.00 63.00 ? 233 GLU A N   1 
ATOM   1610 C CA  . GLU A 1 238 ? 3.519   9.420   15.140  1.00 63.25 ? 233 GLU A CA  1 
ATOM   1611 C C   . GLU A 1 238 ? 4.915   9.069   14.632  1.00 62.19 ? 233 GLU A C   1 
ATOM   1612 O O   . GLU A 1 238 ? 5.146   7.966   14.127  1.00 61.13 ? 233 GLU A O   1 
ATOM   1613 C CB  . GLU A 1 238 ? 3.350   9.007   16.609  1.00 63.86 ? 233 GLU A CB  1 
ATOM   1614 C CG  . GLU A 1 238 ? 3.357   7.500   16.870  1.00 67.72 ? 233 GLU A CG  1 
ATOM   1615 C CD  . GLU A 1 238 ? 3.073   7.157   18.321  1.00 75.09 ? 233 GLU A CD  1 
ATOM   1616 O OE1 . GLU A 1 238 ? 1.954   7.443   18.798  1.00 75.24 ? 233 GLU A OE1 1 
ATOM   1617 O OE2 . GLU A 1 238 ? 3.969   6.594   18.984  1.00 77.88 ? 233 GLU A OE2 1 
ATOM   1618 N N   . THR A 1 239 ? 5.837   10.019  14.761  1.00 61.04 ? 234 THR A N   1 
ATOM   1619 C CA  . THR A 1 239 ? 7.227   9.802   14.373  1.00 60.24 ? 234 THR A CA  1 
ATOM   1620 C C   . THR A 1 239 ? 8.028   9.275   15.560  1.00 60.25 ? 234 THR A C   1 
ATOM   1621 O O   . THR A 1 239 ? 7.993   9.847   16.653  1.00 60.51 ? 234 THR A O   1 
ATOM   1622 C CB  . THR A 1 239 ? 7.878   11.087  13.813  1.00 59.68 ? 234 THR A CB  1 
ATOM   1623 O OG1 . THR A 1 239 ? 6.991   11.704  12.873  1.00 58.61 ? 234 THR A OG1 1 
ATOM   1624 C CG2 . THR A 1 239 ? 9.198   10.767  13.116  1.00 60.30 ? 234 THR A CG2 1 
ATOM   1625 N N   . LEU A 1 240 ? 8.737   8.172   15.331  1.00 60.78 ? 235 LEU A N   1 
ATOM   1626 C CA  . LEU A 1 240 ? 9.565   7.550   16.359  1.00 61.60 ? 235 LEU A CA  1 
ATOM   1627 C C   . LEU A 1 240 ? 10.917  8.248   16.476  1.00 62.14 ? 235 LEU A C   1 
ATOM   1628 O O   . LEU A 1 240 ? 11.271  9.079   15.634  1.00 61.65 ? 235 LEU A O   1 
ATOM   1629 C CB  . LEU A 1 240 ? 9.761   6.056   16.065  1.00 61.38 ? 235 LEU A CB  1 
ATOM   1630 C CG  . LEU A 1 240 ? 8.537   5.132   16.038  1.00 63.50 ? 235 LEU A CG  1 
ATOM   1631 C CD1 . LEU A 1 240 ? 8.946   3.741   15.586  1.00 64.73 ? 235 LEU A CD1 1 
ATOM   1632 C CD2 . LEU A 1 240 ? 7.839   5.064   17.393  1.00 65.58 ? 235 LEU A CD2 1 
ATOM   1633 N N   . ALA A 1 241 ? 11.664  7.900   17.523  1.00 62.94 ? 236 ALA A N   1 
ATOM   1634 C CA  . ALA A 1 241 ? 12.983  8.478   17.793  1.00 63.24 ? 236 ALA A CA  1 
ATOM   1635 C C   . ALA A 1 241 ? 13.944  8.384   16.603  1.00 62.91 ? 236 ALA A C   1 
ATOM   1636 O O   . ALA A 1 241 ? 14.728  9.305   16.360  1.00 63.41 ? 236 ALA A O   1 
ATOM   1637 C CB  . ALA A 1 241 ? 13.602  7.834   19.028  1.00 63.28 ? 236 ALA A CB  1 
ATOM   1638 N N   . ASP A 1 242 ? 13.868  7.278   15.865  1.00 62.55 ? 237 ASP A N   1 
ATOM   1639 C CA  . ASP A 1 242 ? 14.768  7.028   14.734  1.00 62.60 ? 237 ASP A CA  1 
ATOM   1640 C C   . ASP A 1 242 ? 14.323  7.688   13.419  1.00 61.93 ? 237 ASP A C   1 
ATOM   1641 O O   . ASP A 1 242 ? 14.984  7.531   12.389  1.00 61.99 ? 237 ASP A O   1 
ATOM   1642 C CB  . ASP A 1 242 ? 14.993  5.521   14.542  1.00 62.80 ? 237 ASP A CB  1 
ATOM   1643 C CG  . ASP A 1 242 ? 13.749  4.793   14.059  1.00 65.38 ? 237 ASP A CG  1 
ATOM   1644 O OD1 . ASP A 1 242 ? 12.677  4.945   14.685  1.00 68.18 ? 237 ASP A OD1 1 
ATOM   1645 O OD2 . ASP A 1 242 ? 13.846  4.059   13.053  1.00 67.09 ? 237 ASP A OD2 1 
ATOM   1646 N N   . GLY A 1 243 ? 13.211  8.419   13.459  1.00 61.33 ? 238 GLY A N   1 
ATOM   1647 C CA  . GLY A 1 243 ? 12.767  9.217   12.314  1.00 60.21 ? 238 GLY A CA  1 
ATOM   1648 C C   . GLY A 1 243 ? 11.697  8.588   11.438  1.00 59.86 ? 238 GLY A C   1 
ATOM   1649 O O   . GLY A 1 243 ? 11.072  9.277   10.627  1.00 60.35 ? 238 GLY A O   1 
ATOM   1650 N N   . SER A 1 244 ? 11.490  7.282   11.595  1.00 58.92 ? 239 SER A N   1 
ATOM   1651 C CA  . SER A 1 244 ? 10.450  6.568   10.855  1.00 57.88 ? 239 SER A CA  1 
ATOM   1652 C C   . SER A 1 244 ? 9.099   6.708   11.552  1.00 57.90 ? 239 SER A C   1 
ATOM   1653 O O   . SER A 1 244 ? 9.036   6.932   12.763  1.00 58.21 ? 239 SER A O   1 
ATOM   1654 C CB  . SER A 1 244 ? 10.821  5.093   10.687  1.00 56.73 ? 239 SER A CB  1 
ATOM   1655 O OG  . SER A 1 244 ? 10.983  4.457   11.944  1.00 56.04 ? 239 SER A OG  1 
ATOM   1656 N N   . GLN A 1 245 ? 8.024   6.571   10.781  1.00 57.75 ? 240 GLN A N   1 
ATOM   1657 C CA  . GLN A 1 245 ? 6.676   6.803   11.290  1.00 57.82 ? 240 GLN A CA  1 
ATOM   1658 C C   . GLN A 1 245 ? 5.919   5.508   11.552  1.00 57.10 ? 240 GLN A C   1 
ATOM   1659 O O   . GLN A 1 245 ? 6.160   4.490   10.899  1.00 56.51 ? 240 GLN A O   1 
ATOM   1660 C CB  . GLN A 1 245 ? 5.885   7.685   10.319  1.00 58.07 ? 240 GLN A CB  1 
ATOM   1661 C CG  . GLN A 1 245 ? 6.528   9.038   10.046  1.00 58.61 ? 240 GLN A CG  1 
ATOM   1662 C CD  . GLN A 1 245 ? 5.651   9.947   9.211   1.00 60.90 ? 240 GLN A CD  1 
ATOM   1663 O OE1 . GLN A 1 245 ? 5.240   9.595   8.104   1.00 64.01 ? 240 GLN A OE1 1 
ATOM   1664 N NE2 . GLN A 1 245 ? 5.364   11.133  9.737   1.00 62.28 ? 240 GLN A NE2 1 
ATOM   1665 N N   . MET A 1 246 ? 5.007   5.557   12.520  1.00 57.38 ? 241 MET A N   1 
ATOM   1666 C CA  . MET A 1 246 ? 4.100   4.445   12.786  1.00 57.74 ? 241 MET A CA  1 
ATOM   1667 C C   . MET A 1 246 ? 2.692   4.944   13.111  1.00 57.55 ? 241 MET A C   1 
ATOM   1668 O O   . MET A 1 246 ? 2.503   6.106   13.485  1.00 56.86 ? 241 MET A O   1 
ATOM   1669 C CB  . MET A 1 246 ? 4.647   3.533   13.894  1.00 58.07 ? 241 MET A CB  1 
ATOM   1670 C CG  . MET A 1 246 ? 4.470   4.038   15.321  1.00 61.32 ? 241 MET A CG  1 
ATOM   1671 S SD  . MET A 1 246 ? 4.922   2.770   16.521  1.00 72.64 ? 241 MET A SD  1 
ATOM   1672 C CE  . MET A 1 246 ? 4.172   3.418   18.013  1.00 71.39 ? 241 MET A CE  1 
ATOM   1673 N N   . ALA A 1 247 ? 1.713   4.057   12.957  1.00 58.17 ? 242 ALA A N   1 
ATOM   1674 C CA  . ALA A 1 247 ? 0.318   4.380   13.229  1.00 58.58 ? 242 ALA A CA  1 
ATOM   1675 C C   . ALA A 1 247 ? -0.315  3.337   14.143  1.00 59.07 ? 242 ALA A C   1 
ATOM   1676 O O   . ALA A 1 247 ? -0.164  2.132   13.924  1.00 58.53 ? 242 ALA A O   1 
ATOM   1677 C CB  . ALA A 1 247 ? -0.458  4.490   11.932  1.00 57.88 ? 242 ALA A CB  1 
ATOM   1678 N N   . THR A 1 248 ? -1.019  3.812   15.167  1.00 60.55 ? 243 THR A N   1 
ATOM   1679 C CA  . THR A 1 248 ? -1.679  2.938   16.137  1.00 62.04 ? 243 THR A CA  1 
ATOM   1680 C C   . THR A 1 248 ? -3.141  3.326   16.351  1.00 63.86 ? 243 THR A C   1 
ATOM   1681 O O   . THR A 1 248 ? -3.529  4.477   16.134  1.00 63.53 ? 243 THR A O   1 
ATOM   1682 C CB  . THR A 1 248 ? -0.954  2.941   17.505  1.00 62.00 ? 243 THR A CB  1 
ATOM   1683 O OG1 . THR A 1 248 ? -0.729  4.292   17.930  1.00 61.36 ? 243 THR A OG1 1 
ATOM   1684 C CG2 . THR A 1 248 ? 0.379   2.206   17.420  1.00 60.55 ? 243 THR A CG2 1 
ATOM   1685 N N   . SER A 1 249 ? -3.941  2.353   16.784  1.00 65.74 ? 244 SER A N   1 
ATOM   1686 C CA  . SER A 1 249 ? -5.362  2.557   17.052  1.00 67.96 ? 244 SER A CA  1 
ATOM   1687 C C   . SER A 1 249 ? -5.780  1.871   18.355  1.00 69.03 ? 244 SER A C   1 
ATOM   1688 O O   . SER A 1 249 ? -5.331  0.756   18.637  1.00 69.21 ? 244 SER A O   1 
ATOM   1689 C CB  . SER A 1 249 ? -6.204  2.031   15.886  1.00 68.29 ? 244 SER A CB  1 
ATOM   1690 O OG  . SER A 1 249 ? -7.588  2.238   16.109  1.00 70.78 ? 244 SER A OG  1 
ATOM   1691 N N   . PRO A 1 250 ? -6.636  2.537   19.158  1.00 69.88 ? 245 PRO A N   1 
ATOM   1692 C CA  . PRO A 1 250 ? -7.164  1.937   20.387  1.00 70.27 ? 245 PRO A CA  1 
ATOM   1693 C C   . PRO A 1 250 ? -8.142  0.792   20.114  1.00 70.48 ? 245 PRO A C   1 
ATOM   1694 O O   . PRO A 1 250 ? -8.721  0.716   19.029  1.00 70.59 ? 245 PRO A O   1 
ATOM   1695 C CB  . PRO A 1 250 ? -7.889  3.103   21.064  1.00 70.58 ? 245 PRO A CB  1 
ATOM   1696 C CG  . PRO A 1 250 ? -8.260  4.012   19.951  1.00 71.13 ? 245 PRO A CG  1 
ATOM   1697 C CD  . PRO A 1 250 ? -7.141  3.910   18.962  1.00 70.29 ? 245 PRO A CD  1 
HETATM 1698 O O   . HOH B 2 .   ? 14.280  -4.938  -0.006  1.00 39.19 ? 252 HOH A O   1 
HETATM 1699 O O   . HOH B 2 .   ? -2.607  10.894  -4.239  1.00 37.93 ? 253 HOH A O   1 
HETATM 1700 O O   . HOH B 2 .   ? -22.322 5.932   -8.618  1.00 59.27 ? 254 HOH A O   1 
HETATM 1701 O O   . HOH B 2 .   ? 15.400  4.142   -1.762  1.00 43.58 ? 255 HOH A O   1 
HETATM 1702 O O   . HOH B 2 .   ? -14.801 9.146   -0.802  1.00 60.07 ? 256 HOH A O   1 
HETATM 1703 O O   . HOH B 2 .   ? 8.468   -13.991 -10.058 1.00 46.80 ? 257 HOH A O   1 
HETATM 1704 O O   . HOH B 2 .   ? 15.121  -1.603  -16.129 1.00 79.41 ? 258 HOH A O   1 
HETATM 1705 O O   . HOH B 2 .   ? -11.026 -6.344  -0.191  1.00 35.91 ? 259 HOH A O   1 
HETATM 1706 O O   . HOH B 2 .   ? 5.480   -6.349  9.496   1.00 63.77 ? 260 HOH A O   1 
HETATM 1707 O O   . HOH B 2 .   ? 14.826  -2.204  0.010   1.00 52.07 ? 261 HOH A O   1 
HETATM 1708 O O   . HOH B 2 .   ? -8.330  -2.012  18.099  1.00 57.38 ? 262 HOH A O   1 
HETATM 1709 O O   . HOH B 2 .   ? 27.177  -11.740 -27.194 1.00 72.03 ? 263 HOH A O   1 
HETATM 1710 O O   . HOH B 2 .   ? 9.624   1.288   -0.408  1.00 48.70 ? 264 HOH A O   1 
HETATM 1711 O O   . HOH B 2 .   ? -14.588 3.895   18.691  1.00 81.46 ? 265 HOH A O   1 
HETATM 1712 O O   . HOH B 2 .   ? 19.642  9.514   -13.715 1.00 69.60 ? 266 HOH A O   1 
HETATM 1713 O O   . HOH B 2 .   ? -5.570  -6.836  4.645   1.00 49.88 ? 267 HOH A O   1 
HETATM 1714 O O   . HOH B 2 .   ? 15.651  -13.255 0.592   1.00 48.27 ? 268 HOH A O   1 
HETATM 1715 O O   . HOH B 2 .   ? 27.706  3.032   -8.266  1.00 69.79 ? 269 HOH A O   1 
HETATM 1716 O O   . HOH B 2 .   ? -6.137  -9.293  3.545   1.00 37.21 ? 270 HOH A O   1 
HETATM 1717 O O   . HOH B 2 .   ? 13.561  -16.917 -12.058 1.00 55.27 ? 271 HOH A O   1 
HETATM 1718 O O   . HOH B 2 .   ? 6.066   8.455   19.640  1.00 57.46 ? 272 HOH A O   1 
HETATM 1719 O O   . HOH B 2 .   ? -24.565 12.411  -0.771  1.00 79.49 ? 273 HOH A O   1 
HETATM 1720 O O   . HOH B 2 .   ? 14.108  -2.669  3.544   1.00 74.63 ? 274 HOH A O   1 
HETATM 1721 O O   . HOH B 2 .   ? 26.262  -3.638  -17.975 1.00 70.60 ? 275 HOH A O   1 
HETATM 1722 O O   . HOH B 2 .   ? -18.303 12.135  15.649  1.00 59.25 ? 276 HOH A O   1 
HETATM 1723 O O   . HOH B 2 .   ? -0.056  -8.746  -11.980 1.00 37.17 ? 277 HOH A O   1 
HETATM 1724 O O   . HOH B 2 .   ? 3.628   9.183   -1.550  1.00 51.52 ? 278 HOH A O   1 
HETATM 1725 O O   . HOH B 2 .   ? 4.664   12.669  15.555  1.00 56.74 ? 279 HOH A O   1 
# 
